data_8JD0
#
_entry.id   8JD0
#
_cell.length_a   1.00
_cell.length_b   1.00
_cell.length_c   1.00
_cell.angle_alpha   90.00
_cell.angle_beta   90.00
_cell.angle_gamma   90.00
#
_symmetry.space_group_name_H-M   'P 1'
#
loop_
_entity.id
_entity.type
_entity.pdbx_description
1 polymer 'Metabotropic glutamate receptor 2,Peptidyl-prolyl cis-trans isomerase FKBP1A'
2 polymer 'Metabotropic glutamate receptor 3,Serine/threonine-protein kinase mTOR'
3 non-polymer 2-acetamido-2-deoxy-beta-D-glucopyranose
4 non-polymer 4-(1-methylpyrazol-4-yl)-7-[[(2~{S})-2-(trifluoromethyl)morpholin-4-yl]methyl]quinoline-2-carboxamide
5 non-polymer CHOLESTEROL
6 non-polymer 'GLUTAMIC ACID'
#
loop_
_entity_poly.entity_id
_entity_poly.type
_entity_poly.pdbx_seq_one_letter_code
_entity_poly.pdbx_strand_id
1 'polypeptide(L)'
;DYKDDDDGAPEGPAKKVLTLEGDLVLGGLFPVHQKGGPAEDCGPVNEHRGIQRLEAMLFALDRINRDPHLLPGVRLGAHI
LDSCSKDTHALEQALDFVRASLSRGADGSRHICPDGSYATHGDAPTAITGVIGGSYSDVSIQVANLLRLFQIPQISYAST
SAKLSDKSRYDYFARTVPPDFFQAKAMAEILRFFNWTYVSTVASEGDYGETGIEAFELEARARNICVATSEKVGRAMSRA
AFEGVVRALLQKPSARVAVLFTRSEDARELLAASQRLNASFTWVASDGWGALESVVAGSEGAAEGAITIELASYPISDFA
SYFQSLDPWNNSRNPWFREFWEQRFRCSFRQRDCAAHSLRAVPFEQESKIMFVVNAVYAMAHALHNMHRALCPNTTRLCD
AMRPVNGRRLYKDFVLNVKFDAPFRPADTHNEVRFDRFGDGIGRYNIFTYLRAGSGRYRYQKVGYWAEGLTLDTSLIPWA
SPSAGPLPASRCSEPCLQNEVKSVQPGEVCCWLCIPCQPYEYRLDEFTCADCGLGYWPNASLTGCFELPQEYIRWGDAWA
VGPVTIACLGALATLFVLGVFVRHNATPVVKASGRELCYILLGGVFLCYCMTFIFIAKPSTAVCTLRRLGLGTAFSVCYS
ALLTKTNRIARIFGGAREGAQRPRFISPASQVAICLALISGQLLIVVAWLVVEAPGTGKETAPERREVVTLRCNHRDASM
LGSLAYNVLLIALCTLYAFKTRKCPENFNEAKFIGFTMYTTCIIWLAFLPIFYVTSSDYRVQTTTMCVSVSLSGSVVLGC
LFAPKLHIILFQPQKNVVSHRAPTSRFGSAAARASSSLGQGSGSQFVPTVCNGREVVDSTTSSLLEVLFQGPGVQVETIS
PGDGRTFPKRGQTCVVHYTGMLEDGKKFDSSRDRNKPFKFMLGKQEVIRGWEEGVAQMSVGQRAKLTISPDYAYGATGHP
GIIPPHATLVFDVELLKLEFAAAHHHHHHHHHH
;
2
2 'polypeptide(L)'
;DYKDDDDKGAPWSHPQFEKGSGSWSHPQFEKLGDHNFLRREIKIEGDLVLGGLFPINEKGTGTEECGRINEDRGIQRLEA
MLFAIDEINKDDYLLPGVKLGVHILDTCSRDTYALEQSLEFVRASLTKVDEAEYMCPDGSYAIQENIPLLIAGVIGGSYS
SVSIQVANLLRLFQIPQISYASTSAKLSDKSRYDYFARTVPPDFYQAKAMAEILRFFNWTYVSTVASEGDYGETGIEAFE
QEARLRNICIATAEKVGRSNIRKSYDSVIRELLQKPNARVVVLFMRSDDSRELIAAASRANASFTWVASDGWGAQESIIK
GSEHVAYGAITLELASQPVRQFDRYFQSLNPYNNHRNPWFRDFWEQKFQCSLQNKRNHRRVCDKHLAIDSSNYEQESKIM
FVVNAVYAMAHALHKMQRTLCPNTTKLCDAMKILDGKKLYKDYLLKINFTAPFNPNKDADSIVKFDTFGDGMGRYNVFNF
QNVGGKYSYLKVGHWAETLSLDVNSIHWSRNSVPTSQCSDPCAPNEMKNMQPGDVCCWICIPCEPYEYLADEFTCMDCGS
GQWPTADLTGCYDLPEDYIRWEDAWAIGPVTIACLGFMCTCMVVTVFIKHNNTPLVKASGRELCYILLFGVGLSYCMTFF
FIAKPSPVICALRRLGLGSSFAICYSALLTKTNCIARIFDGVKNGAQRPKFISPSSQVFICLGLILVQIVMVSVWLILEA
PGTRRYTLAEKRETVILKCNVKDSSMLISLTYDVILVILCTVYAFKTRKCPENFNEAKFIGFTMYTTCIIWLAFLPIFYV
TSSDYRVQTTTMCISVSLSGFVVLGCLFAPKVHIILFQPQKNVVTHRLHLNRFSVSGTGTTYSQSSASTYVPTVCNGREV
LDSTTSSLLEVLFQGPAILWHEMWHEGLEEASRLYFGERNVKGMFEVLEPLHAMMERGPQTLKETSFNQAYGRDLMEAQE
WCRKYMKSGNVKDLTQAWDLYYHVFRRISKQEF
;
3
#
loop_
_chem_comp.id
_chem_comp.type
_chem_comp.name
_chem_comp.formula
CLR non-polymer CHOLESTEROL 'C27 H46 O'
J9R non-polymer 4-(1-methylpyrazol-4-yl)-7-[[(2~{S})-2-(trifluoromethyl)morpholin-4-yl]methyl]quinoline-2-carboxamide 'C20 H20 F3 N5 O2'
NAG D-saccharide, beta linking 2-acetamido-2-deoxy-beta-D-glucopyranose 'C8 H15 N O6'
#
# COMPACT_ATOMS: atom_id res chain seq x y z
N LYS A 16 -13.78 -3.17 -61.53
CA LYS A 16 -15.19 -3.22 -61.19
C LYS A 16 -15.45 -2.51 -59.85
N VAL A 17 -16.21 -1.42 -59.92
CA VAL A 17 -16.53 -0.61 -58.74
C VAL A 17 -18.04 -0.47 -58.67
N LEU A 18 -18.62 -0.80 -57.51
CA LEU A 18 -20.05 -0.69 -57.29
C LEU A 18 -20.34 0.69 -56.68
N THR A 19 -21.05 1.53 -57.44
CA THR A 19 -21.38 2.87 -57.01
C THR A 19 -22.88 3.10 -57.16
N LEU A 20 -23.51 3.61 -56.12
CA LEU A 20 -24.93 3.95 -56.13
C LEU A 20 -25.10 5.42 -55.80
N GLU A 21 -26.06 6.06 -56.48
CA GLU A 21 -26.29 7.48 -56.27
C GLU A 21 -26.98 7.71 -54.92
N GLY A 22 -26.44 8.67 -54.16
CA GLY A 22 -27.03 9.00 -52.87
C GLY A 22 -26.35 10.22 -52.28
N ASP A 23 -27.07 10.88 -51.37
CA ASP A 23 -26.52 12.05 -50.70
C ASP A 23 -25.30 11.69 -49.86
N LEU A 24 -25.38 10.57 -49.14
CA LEU A 24 -24.27 10.06 -48.34
C LEU A 24 -23.84 8.72 -48.91
N VAL A 25 -22.53 8.54 -49.12
CA VAL A 25 -21.98 7.34 -49.73
C VAL A 25 -21.24 6.55 -48.66
N LEU A 26 -21.61 5.29 -48.49
CA LEU A 26 -20.99 4.41 -47.51
C LEU A 26 -20.03 3.46 -48.21
N GLY A 27 -18.83 3.33 -47.67
CA GLY A 27 -17.85 2.43 -48.23
C GLY A 27 -18.15 0.98 -47.92
N GLY A 28 -17.44 0.09 -48.63
CA GLY A 28 -17.62 -1.33 -48.44
C GLY A 28 -16.48 -2.15 -49.03
N LEU A 29 -16.03 -3.15 -48.29
CA LEU A 29 -14.94 -4.02 -48.74
C LEU A 29 -15.32 -5.46 -48.46
N PHE A 30 -15.45 -6.26 -49.51
CA PHE A 30 -15.84 -7.66 -49.39
C PHE A 30 -14.89 -8.55 -50.17
N PRO A 31 -14.64 -9.77 -49.70
CA PRO A 31 -13.77 -10.70 -50.43
C PRO A 31 -14.51 -11.45 -51.53
N VAL A 32 -14.82 -10.72 -52.61
CA VAL A 32 -15.54 -11.33 -53.72
C VAL A 32 -14.72 -12.44 -54.36
N HIS A 33 -13.42 -12.21 -54.55
CA HIS A 33 -12.52 -13.19 -55.10
C HIS A 33 -11.63 -13.77 -54.00
N GLN A 34 -11.04 -14.92 -54.30
CA GLN A 34 -10.16 -15.60 -53.36
C GLN A 34 -8.73 -15.08 -53.53
N LYS A 35 -7.79 -15.68 -52.80
CA LYS A 35 -6.40 -15.24 -52.87
C LYS A 35 -5.82 -15.43 -54.26
N GLY A 36 -6.06 -16.58 -54.88
CA GLY A 36 -5.57 -16.85 -56.21
C GLY A 36 -4.10 -17.24 -56.21
N GLY A 37 -3.60 -17.53 -57.40
CA GLY A 37 -2.21 -17.91 -57.57
C GLY A 37 -1.31 -16.69 -57.62
N PRO A 38 -0.01 -16.95 -57.69
CA PRO A 38 0.96 -15.84 -57.79
C PRO A 38 0.78 -14.98 -59.02
N ALA A 39 0.35 -15.56 -60.14
CA ALA A 39 0.26 -14.81 -61.39
C ALA A 39 -0.84 -13.76 -61.33
N GLU A 40 -2.00 -14.10 -60.76
CA GLU A 40 -3.15 -13.21 -60.73
C GLU A 40 -3.34 -12.65 -59.33
N ASP A 41 -3.60 -11.35 -59.24
CA ASP A 41 -3.83 -10.72 -57.94
C ASP A 41 -5.07 -11.30 -57.27
N CYS A 42 -6.14 -11.49 -58.03
CA CYS A 42 -7.38 -12.06 -57.53
C CYS A 42 -7.71 -13.31 -58.34
N GLY A 43 -8.05 -14.39 -57.64
CA GLY A 43 -8.30 -15.66 -58.27
C GLY A 43 -9.78 -15.97 -58.46
N PRO A 44 -10.20 -17.14 -58.02
CA PRO A 44 -11.60 -17.54 -58.21
C PRO A 44 -12.55 -16.69 -57.38
N VAL A 45 -13.77 -16.54 -57.88
CA VAL A 45 -14.78 -15.74 -57.22
C VAL A 45 -15.40 -16.52 -56.08
N ASN A 46 -15.50 -15.88 -54.91
CA ASN A 46 -16.09 -16.50 -53.72
C ASN A 46 -17.59 -16.21 -53.71
N GLU A 47 -18.40 -17.28 -53.75
CA GLU A 47 -19.84 -17.15 -53.85
C GLU A 47 -20.54 -17.19 -52.50
N HIS A 48 -19.80 -17.28 -51.40
CA HIS A 48 -20.40 -17.38 -50.08
C HIS A 48 -19.96 -16.28 -49.12
N ARG A 49 -18.70 -15.86 -49.18
CA ARG A 49 -18.18 -14.85 -48.27
C ARG A 49 -17.96 -13.50 -48.93
N GLY A 50 -18.20 -13.39 -50.24
CA GLY A 50 -17.95 -12.13 -50.92
C GLY A 50 -19.14 -11.59 -51.70
N ILE A 51 -20.07 -12.45 -52.05
CA ILE A 51 -21.23 -12.03 -52.85
C ILE A 51 -22.50 -12.18 -52.03
N GLN A 52 -22.52 -13.17 -51.12
CA GLN A 52 -23.65 -13.32 -50.22
C GLN A 52 -23.75 -12.15 -49.25
N ARG A 53 -22.60 -11.67 -48.76
CA ARG A 53 -22.59 -10.51 -47.87
C ARG A 53 -22.79 -9.20 -48.63
N LEU A 54 -22.28 -9.12 -49.86
CA LEU A 54 -22.48 -7.92 -50.67
C LEU A 54 -23.95 -7.69 -50.98
N GLU A 55 -24.65 -8.75 -51.39
CA GLU A 55 -26.08 -8.62 -51.65
C GLU A 55 -26.85 -8.34 -50.38
N ALA A 56 -26.41 -8.89 -49.24
CA ALA A 56 -27.04 -8.56 -47.97
C ALA A 56 -26.89 -7.08 -47.64
N MET A 57 -25.69 -6.53 -47.88
CA MET A 57 -25.47 -5.10 -47.66
C MET A 57 -26.35 -4.26 -48.58
N LEU A 58 -26.45 -4.66 -49.85
CA LEU A 58 -27.28 -3.91 -50.79
C LEU A 58 -28.75 -3.95 -50.38
N PHE A 59 -29.24 -5.12 -49.99
CA PHE A 59 -30.62 -5.26 -49.55
C PHE A 59 -30.89 -4.43 -48.30
N ALA A 60 -29.96 -4.46 -47.34
CA ALA A 60 -30.11 -3.66 -46.13
C ALA A 60 -30.11 -2.17 -46.45
N LEU A 61 -29.24 -1.76 -47.38
CA LEU A 61 -29.22 -0.35 -47.77
C LEU A 61 -30.53 0.07 -48.43
N ASP A 62 -31.09 -0.78 -49.28
CA ASP A 62 -32.36 -0.47 -49.92
C ASP A 62 -33.48 -0.36 -48.89
N ARG A 63 -33.54 -1.31 -47.95
CA ARG A 63 -34.55 -1.26 -46.91
C ARG A 63 -34.38 -0.01 -46.03
N ILE A 64 -33.12 0.35 -45.75
CA ILE A 64 -32.84 1.53 -44.93
C ILE A 64 -33.30 2.79 -45.66
N ASN A 65 -33.04 2.87 -46.97
CA ASN A 65 -33.52 3.98 -47.78
C ASN A 65 -35.04 4.00 -47.88
N ARG A 66 -35.70 2.85 -47.67
CA ARG A 66 -37.16 2.81 -47.69
C ARG A 66 -37.77 2.81 -46.29
N ASP A 67 -36.98 3.13 -45.26
CA ASP A 67 -37.50 3.18 -43.90
C ASP A 67 -37.88 4.61 -43.53
N PRO A 68 -39.14 4.89 -43.24
CA PRO A 68 -39.52 6.26 -42.85
C PRO A 68 -38.85 6.75 -41.58
N HIS A 69 -38.54 5.87 -40.64
CA HIS A 69 -37.97 6.25 -39.35
C HIS A 69 -36.46 6.25 -39.35
N LEU A 70 -35.82 5.99 -40.48
CA LEU A 70 -34.36 5.97 -40.58
C LEU A 70 -33.97 6.79 -41.80
N LEU A 71 -33.47 8.01 -41.57
CA LEU A 71 -33.09 8.96 -42.61
C LEU A 71 -34.26 9.17 -43.56
N PRO A 72 -35.33 9.84 -43.13
CA PRO A 72 -36.51 10.00 -44.01
C PRO A 72 -36.22 10.74 -45.30
N GLY A 73 -35.33 11.72 -45.28
CA GLY A 73 -35.05 12.52 -46.45
C GLY A 73 -33.75 12.17 -47.15
N VAL A 74 -32.72 11.89 -46.36
CA VAL A 74 -31.40 11.59 -46.92
C VAL A 74 -31.37 10.16 -47.41
N ARG A 75 -30.95 9.97 -48.66
CA ARG A 75 -30.81 8.66 -49.27
C ARG A 75 -29.34 8.29 -49.35
N LEU A 76 -29.01 7.09 -48.86
CA LEU A 76 -27.63 6.66 -48.79
C LEU A 76 -27.19 5.98 -50.09
N GLY A 77 -25.88 6.04 -50.33
CA GLY A 77 -25.27 5.38 -51.47
C GLY A 77 -24.23 4.37 -51.02
N ALA A 78 -23.63 3.71 -52.00
CA ALA A 78 -22.64 2.67 -51.75
C ALA A 78 -21.42 2.89 -52.63
N HIS A 79 -20.26 2.54 -52.09
CA HIS A 79 -18.99 2.54 -52.81
C HIS A 79 -18.25 1.24 -52.54
N ILE A 80 -18.96 0.12 -52.67
CA ILE A 80 -18.41 -1.18 -52.32
C ILE A 80 -17.26 -1.53 -53.25
N LEU A 81 -16.15 -1.95 -52.65
CA LEU A 81 -14.96 -2.37 -53.38
C LEU A 81 -14.70 -3.85 -53.14
N ASP A 82 -13.65 -4.37 -53.77
CA ASP A 82 -13.29 -5.77 -53.67
C ASP A 82 -11.85 -5.92 -53.18
N SER A 83 -11.66 -6.76 -52.18
CA SER A 83 -10.33 -7.12 -51.67
C SER A 83 -10.24 -8.63 -51.67
N CYS A 84 -9.53 -9.19 -52.64
CA CYS A 84 -9.46 -10.64 -52.82
C CYS A 84 -8.50 -11.29 -51.81
N SER A 85 -8.83 -11.08 -50.53
CA SER A 85 -8.10 -11.69 -49.42
C SER A 85 -6.62 -11.38 -49.48
N LYS A 86 -6.28 -10.15 -49.88
CA LYS A 86 -4.91 -9.70 -49.98
C LYS A 86 -4.77 -8.38 -49.23
N ASP A 87 -3.79 -8.30 -48.34
CA ASP A 87 -3.57 -7.08 -47.57
C ASP A 87 -3.16 -5.92 -48.48
N THR A 88 -2.26 -6.19 -49.43
CA THR A 88 -1.80 -5.13 -50.33
C THR A 88 -2.94 -4.62 -51.20
N HIS A 89 -3.70 -5.55 -51.81
CA HIS A 89 -4.82 -5.14 -52.65
C HIS A 89 -5.87 -4.39 -51.85
N ALA A 90 -6.14 -4.85 -50.62
CA ALA A 90 -7.08 -4.15 -49.76
C ALA A 90 -6.58 -2.74 -49.45
N LEU A 91 -5.28 -2.59 -49.22
CA LEU A 91 -4.73 -1.26 -48.95
C LEU A 91 -4.89 -0.34 -50.16
N GLU A 92 -4.58 -0.84 -51.36
CA GLU A 92 -4.74 -0.01 -52.55
C GLU A 92 -6.20 0.36 -52.78
N GLN A 93 -7.12 -0.59 -52.57
CA GLN A 93 -8.53 -0.27 -52.74
C GLN A 93 -9.01 0.75 -51.71
N ALA A 94 -8.64 0.57 -50.45
CA ALA A 94 -9.05 1.48 -49.40
C ALA A 94 -8.41 2.86 -49.53
N LEU A 95 -7.29 2.96 -50.26
CA LEU A 95 -6.71 4.28 -50.52
C LEU A 95 -7.68 5.16 -51.30
N ASP A 96 -8.56 4.56 -52.11
CA ASP A 96 -9.56 5.34 -52.82
C ASP A 96 -10.51 6.03 -51.86
N PHE A 97 -10.84 5.36 -50.74
CA PHE A 97 -11.75 5.95 -49.76
C PHE A 97 -11.18 7.25 -49.19
N VAL A 98 -9.89 7.25 -48.87
CA VAL A 98 -9.27 8.45 -48.31
C VAL A 98 -8.90 9.47 -49.39
N ARG A 99 -8.72 9.02 -50.64
CA ARG A 99 -8.43 9.97 -51.71
C ARG A 99 -9.69 10.72 -52.15
N ALA A 100 -10.84 10.06 -52.14
CA ALA A 100 -12.07 10.72 -52.54
C ALA A 100 -12.51 11.78 -51.52
N SER A 101 -12.23 11.55 -50.24
CA SER A 101 -12.61 12.51 -49.22
C SER A 101 -11.87 13.83 -49.38
N LEU A 102 -10.59 13.78 -49.75
CA LEU A 102 -9.80 14.99 -49.93
C LEU A 102 -10.28 15.81 -51.12
N ALA A 124 -14.24 11.72 -58.93
CA ALA A 124 -14.27 12.15 -57.53
C ALA A 124 -15.68 12.05 -56.96
N PRO A 125 -16.02 10.87 -56.41
CA PRO A 125 -17.37 10.69 -55.84
C PRO A 125 -17.52 11.41 -54.52
N THR A 126 -18.69 11.24 -53.88
CA THR A 126 -18.93 11.85 -52.58
C THR A 126 -17.99 11.27 -51.54
N ALA A 127 -17.58 12.10 -50.58
CA ALA A 127 -16.67 11.67 -49.54
C ALA A 127 -17.27 10.53 -48.73
N ILE A 128 -16.45 9.51 -48.48
CA ILE A 128 -16.89 8.31 -47.77
C ILE A 128 -17.07 8.61 -46.30
N THR A 129 -18.33 8.75 -45.86
CA THR A 129 -18.59 9.03 -44.46
C THR A 129 -18.26 7.83 -43.58
N GLY A 130 -18.56 6.62 -44.06
CA GLY A 130 -18.29 5.42 -43.29
C GLY A 130 -17.98 4.25 -44.19
N VAL A 131 -17.24 3.30 -43.64
CA VAL A 131 -16.81 2.11 -44.36
C VAL A 131 -17.31 0.89 -43.61
N ILE A 132 -17.96 -0.03 -44.33
CA ILE A 132 -18.49 -1.24 -43.73
C ILE A 132 -17.63 -2.42 -44.16
N GLY A 133 -16.37 -2.15 -44.49
CA GLY A 133 -15.46 -3.18 -44.94
C GLY A 133 -14.79 -3.91 -43.79
N GLY A 134 -14.02 -4.92 -44.16
CA GLY A 134 -13.29 -5.71 -43.18
C GLY A 134 -13.90 -7.07 -42.94
N SER A 135 -13.32 -8.11 -43.55
CA SER A 135 -13.79 -9.47 -43.36
C SER A 135 -12.68 -10.44 -42.96
N TYR A 136 -11.44 -9.96 -42.85
CA TYR A 136 -10.31 -10.81 -42.49
C TYR A 136 -9.54 -10.15 -41.35
N SER A 137 -8.74 -10.97 -40.66
CA SER A 137 -7.96 -10.47 -39.53
C SER A 137 -6.93 -9.43 -39.97
N ASP A 138 -6.27 -9.65 -41.10
CA ASP A 138 -5.24 -8.75 -41.58
C ASP A 138 -5.77 -7.66 -42.51
N VAL A 139 -6.79 -7.97 -43.32
CA VAL A 139 -7.38 -6.96 -44.19
C VAL A 139 -7.99 -5.84 -43.36
N SER A 140 -8.73 -6.20 -42.30
CA SER A 140 -9.31 -5.20 -41.43
C SER A 140 -8.23 -4.38 -40.73
N ILE A 141 -7.14 -5.03 -40.32
CA ILE A 141 -6.04 -4.30 -39.69
C ILE A 141 -5.45 -3.27 -40.65
N GLN A 142 -5.21 -3.69 -41.90
CA GLN A 142 -4.66 -2.76 -42.88
C GLN A 142 -5.61 -1.60 -43.15
N VAL A 143 -6.91 -1.90 -43.29
CA VAL A 143 -7.88 -0.86 -43.57
C VAL A 143 -7.96 0.13 -42.41
N ALA A 144 -7.98 -0.38 -41.18
CA ALA A 144 -8.04 0.50 -40.01
C ALA A 144 -6.78 1.34 -39.90
N ASN A 145 -5.61 0.76 -40.18
CA ASN A 145 -4.37 1.52 -40.13
C ASN A 145 -4.35 2.62 -41.18
N LEU A 146 -4.86 2.34 -42.38
CA LEU A 146 -4.87 3.36 -43.43
C LEU A 146 -5.90 4.44 -43.16
N LEU A 147 -7.05 4.06 -42.59
CA LEU A 147 -8.17 4.98 -42.41
C LEU A 147 -8.12 5.75 -41.10
N ARG A 148 -7.20 5.40 -40.18
CA ARG A 148 -7.14 6.12 -38.91
C ARG A 148 -6.54 7.50 -39.05
N LEU A 149 -5.64 7.68 -40.03
CA LEU A 149 -5.01 8.98 -40.22
C LEU A 149 -5.99 10.00 -40.77
N PHE A 150 -6.90 9.57 -41.64
CA PHE A 150 -7.86 10.46 -42.27
C PHE A 150 -9.19 10.53 -41.51
N GLN A 151 -9.29 9.85 -40.37
CA GLN A 151 -10.47 9.90 -39.51
C GLN A 151 -11.73 9.46 -40.27
N ILE A 152 -11.72 8.20 -40.70
CA ILE A 152 -12.87 7.60 -41.38
C ILE A 152 -13.40 6.46 -40.53
N PRO A 153 -14.61 6.57 -39.97
CA PRO A 153 -15.15 5.49 -39.14
C PRO A 153 -15.33 4.21 -39.94
N GLN A 154 -15.11 3.08 -39.28
CA GLN A 154 -15.23 1.77 -39.92
C GLN A 154 -15.76 0.76 -38.91
N ILE A 155 -16.79 0.01 -39.31
CA ILE A 155 -17.31 -1.10 -38.52
C ILE A 155 -17.18 -2.37 -39.35
N SER A 156 -16.41 -3.33 -38.85
CA SER A 156 -16.24 -4.60 -39.53
C SER A 156 -17.39 -5.54 -39.21
N TYR A 157 -17.58 -6.53 -40.08
CA TYR A 157 -18.66 -7.49 -39.94
C TYR A 157 -18.21 -8.92 -39.71
N ALA A 158 -16.95 -9.25 -39.99
CA ALA A 158 -16.48 -10.61 -39.84
C ALA A 158 -15.09 -10.72 -39.21
N SER A 159 -14.50 -9.61 -38.78
CA SER A 159 -13.15 -9.62 -38.21
C SER A 159 -13.25 -9.90 -36.72
N THR A 160 -12.78 -11.08 -36.30
CA THR A 160 -12.79 -11.47 -34.89
C THR A 160 -11.41 -11.37 -34.26
N SER A 161 -10.45 -10.74 -34.92
CA SER A 161 -9.11 -10.62 -34.36
C SER A 161 -9.11 -9.74 -33.12
N ALA A 162 -8.36 -10.16 -32.11
CA ALA A 162 -8.28 -9.42 -30.85
C ALA A 162 -7.25 -8.30 -30.88
N LYS A 163 -6.38 -8.26 -31.89
CA LYS A 163 -5.39 -7.19 -31.96
C LYS A 163 -6.02 -5.86 -32.31
N LEU A 164 -7.15 -5.87 -33.02
CA LEU A 164 -7.84 -4.63 -33.35
C LEU A 164 -8.52 -4.00 -32.15
N SER A 165 -8.69 -4.75 -31.06
CA SER A 165 -9.29 -4.20 -29.85
C SER A 165 -8.37 -3.20 -29.14
N ASP A 166 -7.10 -3.15 -29.51
CA ASP A 166 -6.16 -2.19 -28.93
C ASP A 166 -6.40 -0.84 -29.57
N LYS A 167 -7.07 0.06 -28.84
CA LYS A 167 -7.42 1.37 -29.38
C LYS A 167 -6.25 2.33 -29.45
N SER A 168 -5.11 2.01 -28.83
CA SER A 168 -3.95 2.87 -28.93
C SER A 168 -3.34 2.86 -30.33
N ARG A 169 -3.65 1.84 -31.14
CA ARG A 169 -3.18 1.75 -32.51
C ARG A 169 -4.28 1.88 -33.55
N TYR A 170 -5.52 1.51 -33.20
CA TYR A 170 -6.67 1.63 -34.10
C TYR A 170 -7.70 2.51 -33.39
N ASP A 171 -7.77 3.77 -33.81
CA ASP A 171 -8.64 4.73 -33.13
C ASP A 171 -10.06 4.68 -33.67
N TYR A 172 -10.21 4.67 -34.99
CA TYR A 172 -11.51 4.80 -35.65
C TYR A 172 -12.01 3.47 -36.21
N PHE A 173 -11.76 2.39 -35.49
CA PHE A 173 -12.20 1.06 -35.91
C PHE A 173 -13.23 0.51 -34.93
N ALA A 174 -14.30 -0.07 -35.48
CA ALA A 174 -15.32 -0.74 -34.70
C ALA A 174 -15.65 -2.06 -35.39
N ARG A 175 -16.45 -2.88 -34.71
CA ARG A 175 -16.88 -4.15 -35.28
C ARG A 175 -18.15 -4.62 -34.58
N THR A 176 -19.00 -5.31 -35.34
CA THR A 176 -20.23 -5.87 -34.79
C THR A 176 -20.01 -7.24 -34.16
N VAL A 177 -19.19 -8.08 -34.79
CA VAL A 177 -18.90 -9.40 -34.24
C VAL A 177 -18.05 -9.24 -32.97
N PRO A 178 -18.38 -9.96 -31.89
CA PRO A 178 -17.53 -9.89 -30.71
C PRO A 178 -16.17 -10.52 -30.98
N PRO A 179 -15.12 -10.04 -30.32
CA PRO A 179 -13.80 -10.63 -30.53
C PRO A 179 -13.72 -12.06 -29.99
N ASP A 180 -12.70 -12.77 -30.45
CA ASP A 180 -12.58 -14.19 -30.13
C ASP A 180 -12.33 -14.41 -28.64
N PHE A 181 -11.72 -13.46 -27.96
CA PHE A 181 -11.40 -13.62 -26.54
C PHE A 181 -12.55 -13.26 -25.62
N PHE A 182 -13.70 -12.83 -26.17
CA PHE A 182 -14.86 -12.55 -25.34
C PHE A 182 -15.52 -13.83 -24.81
N GLN A 183 -15.23 -14.98 -25.41
CA GLN A 183 -15.77 -16.24 -24.92
C GLN A 183 -15.11 -16.69 -23.62
N ALA A 184 -13.99 -16.07 -23.23
CA ALA A 184 -13.36 -16.41 -21.96
C ALA A 184 -14.27 -16.07 -20.79
N LYS A 185 -14.98 -14.94 -20.87
CA LYS A 185 -15.93 -14.58 -19.81
C LYS A 185 -17.04 -15.60 -19.69
N ALA A 186 -17.59 -16.05 -20.83
CA ALA A 186 -18.63 -17.07 -20.80
C ALA A 186 -18.11 -18.38 -20.24
N MET A 187 -16.88 -18.75 -20.61
CA MET A 187 -16.28 -19.98 -20.07
C MET A 187 -16.11 -19.89 -18.56
N ALA A 188 -15.63 -18.75 -18.07
CA ALA A 188 -15.45 -18.57 -16.63
C ALA A 188 -16.78 -18.60 -15.90
N GLU A 189 -17.81 -17.96 -16.47
CA GLU A 189 -19.13 -18.00 -15.86
C GLU A 189 -19.69 -19.41 -15.80
N ILE A 190 -19.49 -20.18 -16.88
CA ILE A 190 -19.96 -21.57 -16.89
C ILE A 190 -19.23 -22.40 -15.84
N LEU A 191 -17.90 -22.23 -15.75
CA LEU A 191 -17.13 -22.98 -14.75
C LEU A 191 -17.55 -22.61 -13.34
N ARG A 192 -17.79 -21.31 -13.08
CA ARG A 192 -18.24 -20.89 -11.75
C ARG A 192 -19.62 -21.43 -11.44
N PHE A 193 -20.51 -21.46 -12.44
CA PHE A 193 -21.85 -21.98 -12.21
C PHE A 193 -21.83 -23.45 -11.83
N PHE A 194 -20.95 -24.23 -12.47
CA PHE A 194 -20.82 -25.65 -12.18
C PHE A 194 -19.80 -25.94 -11.10
N ASN A 195 -19.26 -24.91 -10.45
CA ASN A 195 -18.30 -25.06 -9.36
C ASN A 195 -17.07 -25.85 -9.79
N TRP A 196 -16.56 -25.54 -10.98
CA TRP A 196 -15.34 -26.16 -11.51
C TRP A 196 -14.18 -25.21 -11.28
N THR A 197 -13.14 -25.70 -10.61
CA THR A 197 -11.98 -24.89 -10.27
C THR A 197 -10.69 -25.41 -10.89
N TYR A 198 -10.40 -26.70 -10.75
CA TYR A 198 -9.17 -27.29 -11.26
C TYR A 198 -9.36 -27.62 -12.72
N VAL A 199 -9.24 -26.60 -13.57
CA VAL A 199 -9.50 -26.74 -15.00
C VAL A 199 -8.17 -26.91 -15.73
N SER A 200 -8.26 -27.44 -16.96
CA SER A 200 -7.12 -27.58 -17.85
C SER A 200 -7.36 -26.74 -19.09
N THR A 201 -6.37 -25.95 -19.47
CA THR A 201 -6.47 -25.03 -20.59
C THR A 201 -5.59 -25.49 -21.75
N VAL A 202 -6.14 -25.46 -22.95
CA VAL A 202 -5.43 -25.84 -24.17
C VAL A 202 -5.47 -24.65 -25.12
N ALA A 203 -4.29 -24.22 -25.57
CA ALA A 203 -4.14 -23.07 -26.45
C ALA A 203 -3.73 -23.52 -27.84
N SER A 204 -3.58 -22.55 -28.73
CA SER A 204 -3.18 -22.77 -30.12
C SER A 204 -1.94 -21.95 -30.44
N GLU A 205 -1.38 -22.21 -31.62
CA GLU A 205 -0.18 -21.48 -32.04
C GLU A 205 -0.52 -20.08 -32.55
N GLY A 206 -1.68 -19.93 -33.20
CA GLY A 206 -2.07 -18.65 -33.77
C GLY A 206 -2.59 -17.69 -32.72
N ASP A 207 -2.93 -16.49 -33.20
CA ASP A 207 -3.44 -15.45 -32.32
C ASP A 207 -4.80 -15.80 -31.74
N TYR A 208 -5.51 -16.77 -32.33
CA TYR A 208 -6.81 -17.17 -31.82
C TYR A 208 -6.71 -17.76 -30.43
N GLY A 209 -6.01 -18.89 -30.30
CA GLY A 209 -5.92 -19.56 -29.01
C GLY A 209 -5.14 -18.76 -27.97
N GLU A 210 -4.00 -18.18 -28.37
CA GLU A 210 -3.14 -17.48 -27.43
C GLU A 210 -3.87 -16.31 -26.80
N THR A 211 -4.21 -15.29 -27.60
CA THR A 211 -4.83 -14.08 -27.07
C THR A 211 -6.12 -14.36 -26.31
N GLY A 212 -6.68 -15.56 -26.46
CA GLY A 212 -7.82 -15.96 -25.65
C GLY A 212 -7.40 -16.48 -24.29
N ILE A 213 -6.51 -17.49 -24.28
CA ILE A 213 -6.04 -18.07 -23.03
C ILE A 213 -5.38 -17.00 -22.16
N GLU A 214 -4.62 -16.12 -22.79
CA GLU A 214 -4.25 -14.87 -22.16
C GLU A 214 -5.50 -14.05 -21.92
N ALA A 215 -5.68 -13.62 -20.67
CA ALA A 215 -6.86 -12.96 -20.13
C ALA A 215 -8.03 -13.93 -19.90
N PHE A 216 -7.95 -15.15 -20.45
CA PHE A 216 -8.82 -16.20 -19.91
C PHE A 216 -8.32 -16.65 -18.55
N GLU A 217 -7.00 -16.76 -18.40
CA GLU A 217 -6.42 -16.96 -17.08
C GLU A 217 -6.79 -15.82 -16.14
N LEU A 218 -6.76 -14.58 -16.65
CA LEU A 218 -7.10 -13.43 -15.82
C LEU A 218 -8.55 -13.48 -15.36
N GLU A 219 -9.47 -13.82 -16.26
CA GLU A 219 -10.86 -13.98 -15.85
C GLU A 219 -11.03 -15.16 -14.89
N ALA A 220 -10.19 -16.19 -15.02
CA ALA A 220 -10.21 -17.29 -14.07
C ALA A 220 -9.79 -16.83 -12.68
N ARG A 221 -8.80 -15.94 -12.59
CA ARG A 221 -8.37 -15.42 -11.30
C ARG A 221 -9.50 -14.66 -10.60
N ALA A 222 -10.25 -13.85 -11.36
CA ALA A 222 -11.37 -13.12 -10.78
C ALA A 222 -12.50 -14.03 -10.33
N ARG A 223 -12.55 -15.25 -10.84
CA ARG A 223 -13.57 -16.22 -10.47
C ARG A 223 -13.06 -17.27 -9.48
N ASN A 224 -11.89 -17.02 -8.88
CA ASN A 224 -11.26 -17.98 -7.96
C ASN A 224 -11.07 -19.34 -8.62
N ILE A 225 -10.62 -19.33 -9.87
CA ILE A 225 -10.40 -20.54 -10.64
C ILE A 225 -8.93 -20.59 -11.05
N CYS A 226 -8.28 -21.71 -10.77
CA CYS A 226 -6.87 -21.89 -11.09
C CYS A 226 -6.71 -22.78 -12.32
N VAL A 227 -5.57 -22.61 -13.00
CA VAL A 227 -5.27 -23.36 -14.21
C VAL A 227 -4.26 -24.45 -13.85
N ALA A 228 -4.62 -25.71 -14.14
CA ALA A 228 -3.75 -26.82 -13.81
C ALA A 228 -2.65 -27.00 -14.86
N THR A 229 -3.03 -27.08 -16.14
CA THR A 229 -2.08 -27.28 -17.22
C THR A 229 -2.35 -26.27 -18.32
N SER A 230 -1.29 -25.88 -19.02
CA SER A 230 -1.36 -24.88 -20.09
C SER A 230 -0.71 -25.42 -21.36
N GLU A 231 -1.07 -26.64 -21.73
CA GLU A 231 -0.55 -27.24 -22.96
C GLU A 231 -1.02 -26.46 -24.17
N LYS A 232 -0.17 -26.42 -25.20
CA LYS A 232 -0.42 -25.64 -26.41
C LYS A 232 -0.52 -26.60 -27.60
N VAL A 233 -1.75 -26.82 -28.07
CA VAL A 233 -1.99 -27.59 -29.28
C VAL A 233 -2.04 -26.58 -30.43
N GLY A 234 -0.92 -26.44 -31.13
CA GLY A 234 -0.81 -25.40 -32.15
C GLY A 234 -0.73 -25.91 -33.57
N ARG A 235 0.49 -25.94 -34.11
CA ARG A 235 0.70 -26.31 -35.51
C ARG A 235 0.45 -27.80 -35.70
N ALA A 236 0.66 -28.26 -36.93
CA ALA A 236 0.44 -29.66 -37.26
C ALA A 236 1.48 -30.53 -36.59
N MET A 237 1.01 -31.53 -35.83
CA MET A 237 1.87 -32.49 -35.16
C MET A 237 1.37 -33.89 -35.41
N SER A 238 2.25 -34.86 -35.25
CA SER A 238 1.89 -36.26 -35.43
C SER A 238 1.00 -36.72 -34.28
N ARG A 239 0.40 -37.90 -34.45
CA ARG A 239 -0.47 -38.46 -33.42
C ARG A 239 0.27 -38.76 -32.13
N ALA A 240 1.59 -38.97 -32.21
CA ALA A 240 2.38 -39.20 -31.00
C ALA A 240 2.34 -37.98 -30.08
N ALA A 241 2.45 -36.78 -30.65
CA ALA A 241 2.37 -35.56 -29.84
C ALA A 241 0.99 -35.40 -29.22
N PHE A 242 -0.06 -35.77 -29.95
CA PHE A 242 -1.41 -35.69 -29.42
C PHE A 242 -1.61 -36.68 -28.27
N GLU A 243 -1.08 -37.89 -28.41
CA GLU A 243 -1.13 -38.85 -27.32
C GLU A 243 -0.34 -38.33 -26.12
N GLY A 244 0.80 -37.69 -26.36
CA GLY A 244 1.59 -37.13 -25.27
C GLY A 244 0.86 -36.04 -24.53
N VAL A 245 0.22 -35.12 -25.25
CA VAL A 245 -0.47 -34.02 -24.59
C VAL A 245 -1.71 -34.52 -23.84
N VAL A 246 -2.43 -35.49 -24.42
CA VAL A 246 -3.58 -36.03 -23.70
C VAL A 246 -3.12 -36.81 -22.46
N ARG A 247 -1.97 -37.50 -22.54
CA ARG A 247 -1.43 -38.17 -21.37
C ARG A 247 -1.02 -37.18 -20.29
N ALA A 248 -0.41 -36.06 -20.69
CA ALA A 248 -0.04 -35.03 -19.73
C ALA A 248 -1.27 -34.38 -19.11
N LEU A 249 -2.37 -34.29 -19.86
CA LEU A 249 -3.61 -33.78 -19.30
C LEU A 249 -4.22 -34.77 -18.30
N LEU A 250 -4.14 -36.06 -18.60
CA LEU A 250 -4.77 -37.08 -17.78
C LEU A 250 -3.89 -37.56 -16.63
N GLN A 251 -2.63 -37.13 -16.58
CA GLN A 251 -1.69 -37.66 -15.58
C GLN A 251 -2.15 -37.39 -14.16
N LYS A 252 -3.00 -36.38 -13.94
CA LYS A 252 -3.55 -36.10 -12.63
C LYS A 252 -5.06 -36.27 -12.67
N PRO A 253 -5.64 -37.05 -11.74
CA PRO A 253 -7.09 -37.26 -11.75
C PRO A 253 -7.90 -36.10 -11.18
N SER A 254 -7.24 -35.09 -10.60
CA SER A 254 -7.96 -33.98 -10.02
C SER A 254 -8.54 -33.04 -11.07
N ALA A 255 -8.04 -33.08 -12.30
CA ALA A 255 -8.51 -32.23 -13.39
C ALA A 255 -9.29 -33.11 -14.36
N ARG A 256 -10.62 -33.14 -14.18
CA ARG A 256 -11.51 -33.91 -15.03
C ARG A 256 -12.18 -33.06 -16.11
N VAL A 257 -11.86 -31.78 -16.18
CA VAL A 257 -12.44 -30.87 -17.18
C VAL A 257 -11.31 -30.17 -17.91
N ALA A 258 -11.42 -30.10 -19.23
CA ALA A 258 -10.45 -29.41 -20.07
C ALA A 258 -11.15 -28.29 -20.84
N VAL A 259 -10.43 -27.20 -21.06
CA VAL A 259 -10.98 -26.05 -21.77
C VAL A 259 -10.27 -25.90 -23.11
N LEU A 260 -10.87 -26.47 -24.16
CA LEU A 260 -10.28 -26.38 -25.49
C LEU A 260 -10.63 -25.04 -26.12
N PHE A 261 -9.61 -24.35 -26.63
CA PHE A 261 -9.78 -23.08 -27.31
C PHE A 261 -8.95 -23.05 -28.59
N THR A 262 -9.03 -24.15 -29.34
CA THR A 262 -8.27 -24.33 -30.57
C THR A 262 -9.21 -24.33 -31.76
N ARG A 263 -8.64 -24.60 -32.95
CA ARG A 263 -9.42 -24.62 -34.18
C ARG A 263 -10.21 -25.93 -34.28
N SER A 264 -11.03 -26.03 -35.32
CA SER A 264 -11.87 -27.21 -35.50
C SER A 264 -11.04 -28.46 -35.73
N GLU A 265 -10.01 -28.36 -36.58
CA GLU A 265 -9.18 -29.52 -36.87
C GLU A 265 -8.40 -29.98 -35.63
N ASP A 266 -7.88 -29.03 -34.85
CA ASP A 266 -7.15 -29.39 -33.64
C ASP A 266 -8.07 -30.07 -32.63
N ALA A 267 -9.28 -29.54 -32.45
CA ALA A 267 -10.23 -30.16 -31.54
C ALA A 267 -10.63 -31.55 -32.00
N ARG A 268 -10.84 -31.72 -33.31
CA ARG A 268 -11.19 -33.04 -33.85
C ARG A 268 -10.06 -34.04 -33.61
N GLU A 269 -8.81 -33.62 -33.87
CA GLU A 269 -7.68 -34.52 -33.65
C GLU A 269 -7.50 -34.85 -32.18
N LEU A 270 -7.72 -33.86 -31.29
CA LEU A 270 -7.63 -34.13 -29.86
C LEU A 270 -8.71 -35.11 -29.42
N LEU A 271 -9.93 -34.95 -29.93
CA LEU A 271 -11.00 -35.89 -29.61
C LEU A 271 -10.67 -37.29 -30.10
N ALA A 272 -10.11 -37.40 -31.31
CA ALA A 272 -9.72 -38.72 -31.83
C ALA A 272 -8.63 -39.35 -30.97
N ALA A 273 -7.64 -38.55 -30.56
CA ALA A 273 -6.57 -39.08 -29.70
C ALA A 273 -7.11 -39.52 -28.35
N SER A 274 -8.03 -38.75 -27.77
CA SER A 274 -8.63 -39.14 -26.50
C SER A 274 -9.44 -40.42 -26.64
N GLN A 275 -10.18 -40.56 -27.74
CA GLN A 275 -10.95 -41.78 -27.97
C GLN A 275 -10.02 -42.98 -28.15
N ARG A 276 -8.87 -42.78 -28.81
CA ARG A 276 -7.91 -43.86 -28.98
C ARG A 276 -7.39 -44.33 -27.63
N LEU A 277 -7.10 -43.41 -26.72
CA LEU A 277 -6.68 -43.78 -25.37
C LEU A 277 -7.87 -44.15 -24.49
N ASN A 278 -9.09 -43.81 -24.90
CA ASN A 278 -10.31 -44.10 -24.16
C ASN A 278 -10.32 -43.39 -22.81
N ALA A 279 -10.19 -42.07 -22.87
CA ALA A 279 -10.24 -41.22 -21.70
C ALA A 279 -11.61 -40.55 -21.58
N SER A 280 -11.93 -40.11 -20.37
CA SER A 280 -13.19 -39.45 -20.06
C SER A 280 -12.92 -38.01 -19.67
N PHE A 281 -13.63 -37.09 -20.29
CA PHE A 281 -13.44 -35.67 -20.03
C PHE A 281 -14.75 -34.92 -20.27
N THR A 282 -14.76 -33.65 -19.89
CA THR A 282 -15.89 -32.75 -20.03
C THR A 282 -15.47 -31.48 -20.75
N TRP A 283 -14.82 -31.65 -21.90
CA TRP A 283 -14.24 -30.55 -22.65
C TRP A 283 -15.21 -29.40 -22.83
N VAL A 284 -14.76 -28.20 -22.51
CA VAL A 284 -15.53 -26.98 -22.75
C VAL A 284 -15.09 -26.42 -24.10
N ALA A 285 -15.94 -26.55 -25.10
CA ALA A 285 -15.59 -26.18 -26.46
C ALA A 285 -15.63 -24.66 -26.63
N SER A 286 -15.41 -24.22 -27.87
CA SER A 286 -15.39 -22.80 -28.21
C SER A 286 -15.99 -22.64 -29.60
N ASP A 287 -15.81 -21.44 -30.17
CA ASP A 287 -16.30 -21.19 -31.52
C ASP A 287 -15.61 -22.06 -32.56
N GLY A 288 -14.39 -22.52 -32.27
CA GLY A 288 -13.72 -23.43 -33.20
C GLY A 288 -14.46 -24.74 -33.37
N TRP A 289 -14.98 -25.29 -32.28
CA TRP A 289 -15.78 -26.52 -32.30
C TRP A 289 -17.16 -26.16 -31.75
N GLY A 290 -18.03 -25.66 -32.62
CA GLY A 290 -19.40 -25.36 -32.23
C GLY A 290 -20.42 -25.82 -33.25
N ALA A 291 -21.29 -26.75 -32.84
CA ALA A 291 -22.35 -27.28 -33.71
C ALA A 291 -21.79 -27.75 -35.05
N LEU A 292 -20.64 -28.39 -35.00
CA LEU A 292 -19.94 -28.86 -36.20
C LEU A 292 -19.89 -30.37 -36.20
N GLU A 293 -20.30 -30.98 -37.32
CA GLU A 293 -20.26 -32.43 -37.47
C GLU A 293 -18.89 -32.94 -37.91
N SER A 294 -18.00 -32.05 -38.36
CA SER A 294 -16.68 -32.44 -38.81
C SER A 294 -15.64 -32.47 -37.69
N VAL A 295 -16.04 -32.12 -36.46
CA VAL A 295 -15.13 -32.10 -35.33
C VAL A 295 -15.39 -33.23 -34.34
N VAL A 296 -16.61 -33.76 -34.28
CA VAL A 296 -16.96 -34.80 -33.31
C VAL A 296 -17.21 -36.15 -33.96
N ALA A 297 -17.35 -36.21 -35.29
CA ALA A 297 -17.59 -37.48 -35.95
C ALA A 297 -16.43 -38.45 -35.72
N GLY A 298 -16.77 -39.69 -35.37
CA GLY A 298 -15.77 -40.70 -35.08
C GLY A 298 -15.22 -40.67 -33.67
N SER A 299 -15.70 -39.75 -32.83
CA SER A 299 -15.23 -39.63 -31.45
C SER A 299 -16.42 -39.44 -30.50
N GLU A 300 -17.51 -40.14 -30.78
CA GLU A 300 -18.71 -40.01 -29.94
C GLU A 300 -18.47 -40.55 -28.54
N GLY A 301 -17.72 -41.65 -28.42
CA GLY A 301 -17.48 -42.23 -27.11
C GLY A 301 -16.66 -41.33 -26.20
N ALA A 302 -15.70 -40.59 -26.78
CA ALA A 302 -14.84 -39.74 -25.97
C ALA A 302 -15.63 -38.57 -25.37
N ALA A 303 -16.47 -37.92 -26.17
CA ALA A 303 -17.21 -36.74 -25.76
C ALA A 303 -18.67 -37.12 -25.55
N GLU A 304 -19.12 -37.08 -24.30
CA GLU A 304 -20.50 -37.40 -23.95
C GLU A 304 -21.22 -36.27 -23.23
N GLY A 305 -20.50 -35.37 -22.55
CA GLY A 305 -21.11 -34.25 -21.89
C GLY A 305 -20.35 -32.96 -22.11
N ALA A 306 -19.71 -32.84 -23.27
CA ALA A 306 -18.88 -31.67 -23.55
C ALA A 306 -19.73 -30.43 -23.70
N ILE A 307 -19.30 -29.34 -23.07
CA ILE A 307 -19.97 -28.06 -23.19
C ILE A 307 -19.45 -27.36 -24.44
N THR A 308 -20.37 -26.94 -25.31
CA THR A 308 -20.03 -26.34 -26.60
C THR A 308 -20.54 -24.91 -26.63
N ILE A 309 -19.66 -23.99 -27.04
CA ILE A 309 -19.99 -22.58 -27.17
C ILE A 309 -20.06 -22.24 -28.65
N GLU A 310 -21.19 -21.71 -29.09
CA GLU A 310 -21.39 -21.32 -30.48
C GLU A 310 -22.04 -19.95 -30.53
N LEU A 311 -21.55 -19.10 -31.44
CA LEU A 311 -22.12 -17.79 -31.61
C LEU A 311 -23.54 -17.89 -32.17
N ALA A 312 -24.44 -17.08 -31.62
CA ALA A 312 -25.86 -17.16 -31.98
C ALA A 312 -26.13 -16.28 -33.20
N SER A 313 -26.73 -16.88 -34.23
CA SER A 313 -27.12 -16.17 -35.44
C SER A 313 -28.54 -16.58 -35.82
N TYR A 314 -29.35 -15.59 -36.17
CA TYR A 314 -30.74 -15.87 -36.54
C TYR A 314 -30.93 -15.72 -38.04
N PRO A 315 -31.75 -16.57 -38.66
CA PRO A 315 -32.02 -16.43 -40.09
C PRO A 315 -32.84 -15.17 -40.38
N ILE A 316 -32.65 -14.65 -41.59
CA ILE A 316 -33.39 -13.48 -42.07
C ILE A 316 -34.49 -13.96 -43.00
N SER A 317 -35.72 -13.58 -42.68
CA SER A 317 -36.87 -14.02 -43.47
C SER A 317 -37.00 -13.29 -44.80
N ASP A 318 -36.33 -12.15 -44.96
CA ASP A 318 -36.42 -11.37 -46.18
C ASP A 318 -35.17 -11.42 -47.04
N PHE A 319 -33.99 -11.62 -46.44
CA PHE A 319 -32.76 -11.70 -47.22
C PHE A 319 -32.77 -12.91 -48.14
N ALA A 320 -33.26 -14.06 -47.65
CA ALA A 320 -33.31 -15.25 -48.49
C ALA A 320 -34.24 -15.04 -49.68
N SER A 321 -35.43 -14.46 -49.44
CA SER A 321 -36.36 -14.20 -50.52
C SER A 321 -35.79 -13.20 -51.51
N TYR A 322 -35.06 -12.19 -51.03
CA TYR A 322 -34.40 -11.25 -51.92
C TYR A 322 -33.34 -11.95 -52.76
N PHE A 323 -32.61 -12.90 -52.16
CA PHE A 323 -31.51 -13.55 -52.86
C PHE A 323 -32.00 -14.53 -53.91
N GLN A 324 -33.10 -15.24 -53.64
CA GLN A 324 -33.66 -16.14 -54.65
C GLN A 324 -34.15 -15.36 -55.87
N SER A 325 -34.82 -14.24 -55.64
CA SER A 325 -35.36 -13.43 -56.73
C SER A 325 -34.30 -12.49 -57.29
N LEU A 326 -33.24 -13.11 -57.83
CA LEU A 326 -32.13 -12.36 -58.41
C LEU A 326 -31.72 -13.01 -59.72
N ASP A 327 -31.47 -12.18 -60.73
CA ASP A 327 -31.03 -12.63 -62.04
C ASP A 327 -29.95 -11.68 -62.54
N PRO A 328 -29.02 -12.17 -63.36
CA PRO A 328 -27.92 -11.30 -63.83
C PRO A 328 -28.37 -10.22 -64.82
N TRP A 329 -29.62 -10.25 -65.28
CA TRP A 329 -30.09 -9.26 -66.25
C TRP A 329 -30.68 -8.03 -65.55
N ASN A 330 -31.71 -8.22 -64.73
CA ASN A 330 -32.30 -7.09 -64.03
C ASN A 330 -31.37 -6.52 -62.97
N ASN A 331 -30.67 -7.40 -62.25
CA ASN A 331 -29.74 -6.97 -61.20
C ASN A 331 -28.38 -6.63 -61.82
N SER A 332 -28.34 -5.48 -62.48
CA SER A 332 -27.13 -4.99 -63.10
C SER A 332 -26.28 -4.13 -62.17
N ARG A 333 -26.75 -3.89 -60.94
CA ARG A 333 -25.99 -3.08 -60.00
C ARG A 333 -24.67 -3.76 -59.63
N ASN A 334 -24.70 -5.07 -59.41
CA ASN A 334 -23.50 -5.78 -59.01
C ASN A 334 -22.65 -6.12 -60.23
N PRO A 335 -21.43 -5.59 -60.33
CA PRO A 335 -20.58 -5.95 -61.49
C PRO A 335 -20.12 -7.40 -61.46
N TRP A 336 -19.98 -7.99 -60.28
CA TRP A 336 -19.48 -9.36 -60.15
C TRP A 336 -20.59 -10.40 -60.24
N PHE A 337 -21.85 -9.98 -60.42
CA PHE A 337 -22.94 -10.94 -60.48
C PHE A 337 -22.86 -11.81 -61.72
N ARG A 338 -22.34 -11.29 -62.82
CA ARG A 338 -22.18 -12.09 -64.03
C ARG A 338 -21.22 -13.25 -63.81
N GLU A 339 -20.09 -12.98 -63.16
CA GLU A 339 -19.13 -14.03 -62.85
C GLU A 339 -19.72 -15.04 -61.87
N PHE A 340 -20.50 -14.56 -60.89
CA PHE A 340 -21.15 -15.46 -59.95
C PHE A 340 -22.12 -16.39 -60.66
N TRP A 341 -22.92 -15.85 -61.58
CA TRP A 341 -23.86 -16.67 -62.34
C TRP A 341 -23.11 -17.67 -63.22
N GLU A 342 -22.03 -17.24 -63.86
CA GLU A 342 -21.27 -18.13 -64.72
C GLU A 342 -20.64 -19.28 -63.94
N GLN A 343 -20.05 -18.97 -62.77
CA GLN A 343 -19.35 -20.00 -62.01
C GLN A 343 -20.30 -20.92 -61.27
N ARG A 344 -21.40 -20.38 -60.72
CA ARG A 344 -22.30 -21.20 -59.92
C ARG A 344 -23.00 -22.25 -60.76
N PHE A 345 -23.47 -21.88 -61.95
CA PHE A 345 -24.20 -22.79 -62.82
C PHE A 345 -23.31 -23.42 -63.89
N ARG A 346 -22.00 -23.14 -63.87
CA ARG A 346 -21.05 -23.69 -64.83
C ARG A 346 -21.47 -23.39 -66.27
N CYS A 347 -21.96 -22.18 -66.50
CA CYS A 347 -22.41 -21.72 -67.81
C CYS A 347 -21.68 -20.44 -68.19
N SER A 348 -22.02 -19.91 -69.36
CA SER A 348 -21.44 -18.67 -69.84
C SER A 348 -22.48 -17.93 -70.69
N PHE A 349 -22.30 -16.61 -70.80
CA PHE A 349 -23.26 -15.79 -71.50
C PHE A 349 -23.05 -15.78 -73.01
N ARG A 350 -21.94 -16.34 -73.50
CA ARG A 350 -21.70 -16.34 -74.95
C ARG A 350 -22.57 -17.37 -75.66
N GLN A 351 -22.92 -18.47 -74.99
CA GLN A 351 -23.81 -19.47 -75.57
C GLN A 351 -25.28 -19.17 -75.30
N ARG A 352 -25.59 -18.17 -74.48
CA ARG A 352 -26.97 -17.81 -74.13
C ARG A 352 -27.73 -19.01 -73.56
N ASP A 353 -27.05 -19.80 -72.73
CA ASP A 353 -27.65 -20.97 -72.12
C ASP A 353 -27.90 -20.80 -70.63
N CYS A 354 -27.54 -19.66 -70.05
CA CYS A 354 -27.76 -19.42 -68.62
C CYS A 354 -29.18 -18.98 -68.30
N ALA A 355 -30.00 -18.71 -69.32
CA ALA A 355 -31.37 -18.29 -69.06
C ALA A 355 -32.20 -19.41 -68.43
N ALA A 356 -31.93 -20.66 -68.82
CA ALA A 356 -32.67 -21.79 -68.26
C ALA A 356 -32.39 -21.93 -66.77
N HIS A 357 -31.13 -21.73 -66.36
CA HIS A 357 -30.78 -21.84 -64.95
C HIS A 357 -31.43 -20.74 -64.14
N SER A 358 -31.87 -21.09 -62.93
CA SER A 358 -32.52 -20.14 -62.03
C SER A 358 -31.95 -20.31 -60.63
N LEU A 359 -32.02 -19.23 -59.85
CA LEU A 359 -31.54 -19.24 -58.48
C LEU A 359 -32.60 -19.59 -57.46
N ARG A 360 -33.88 -19.36 -57.78
CA ARG A 360 -34.95 -19.68 -56.83
C ARG A 360 -35.06 -21.18 -56.60
N ALA A 361 -34.89 -21.98 -57.65
CA ALA A 361 -34.98 -23.43 -57.51
C ALA A 361 -33.86 -23.97 -56.63
N VAL A 362 -32.65 -23.43 -56.78
CA VAL A 362 -31.51 -23.89 -55.98
C VAL A 362 -31.74 -23.54 -54.52
N PRO A 363 -31.58 -24.47 -53.58
CA PRO A 363 -31.76 -24.14 -52.17
C PRO A 363 -30.74 -23.12 -51.70
N PHE A 364 -31.16 -22.28 -50.75
CA PHE A 364 -30.35 -21.19 -50.23
C PHE A 364 -30.02 -21.46 -48.76
N GLU A 365 -28.74 -21.41 -48.43
CA GLU A 365 -28.26 -21.55 -47.06
C GLU A 365 -27.66 -20.21 -46.63
N GLN A 366 -28.35 -19.52 -45.73
CA GLN A 366 -27.90 -18.21 -45.30
C GLN A 366 -26.63 -18.31 -44.49
N GLU A 367 -25.65 -17.46 -44.80
CA GLU A 367 -24.40 -17.45 -44.07
C GLU A 367 -24.62 -16.91 -42.66
N SER A 368 -23.78 -17.39 -41.72
CA SER A 368 -23.89 -16.95 -40.34
C SER A 368 -23.62 -15.46 -40.20
N LYS A 369 -22.63 -14.95 -40.94
CA LYS A 369 -22.25 -13.54 -40.85
C LYS A 369 -22.98 -12.68 -41.88
N ILE A 370 -24.30 -12.76 -41.87
CA ILE A 370 -25.16 -11.89 -42.67
C ILE A 370 -25.91 -10.90 -41.79
N MET A 371 -26.47 -11.38 -40.68
CA MET A 371 -27.08 -10.49 -39.70
C MET A 371 -26.05 -9.50 -39.14
N PHE A 372 -24.79 -9.91 -39.08
CA PHE A 372 -23.75 -8.99 -38.61
C PHE A 372 -23.52 -7.86 -39.61
N VAL A 373 -23.50 -8.17 -40.91
CA VAL A 373 -23.38 -7.12 -41.93
C VAL A 373 -24.58 -6.19 -41.87
N VAL A 374 -25.79 -6.76 -41.73
CA VAL A 374 -26.99 -5.94 -41.64
C VAL A 374 -26.93 -5.04 -40.42
N ASN A 375 -26.48 -5.58 -39.28
CA ASN A 375 -26.37 -4.77 -38.07
C ASN A 375 -25.33 -3.67 -38.23
N ALA A 376 -24.23 -3.95 -38.93
CA ALA A 376 -23.20 -2.93 -39.14
C ALA A 376 -23.73 -1.78 -40.00
N VAL A 377 -24.38 -2.11 -41.12
CA VAL A 377 -24.89 -1.04 -41.98
C VAL A 377 -26.01 -0.27 -41.28
N TYR A 378 -26.84 -0.97 -40.50
CA TYR A 378 -27.89 -0.28 -39.76
C TYR A 378 -27.30 0.59 -38.64
N ALA A 379 -26.18 0.17 -38.05
CA ALA A 379 -25.52 1.00 -37.06
C ALA A 379 -24.95 2.27 -37.69
N MET A 380 -24.36 2.15 -38.87
CA MET A 380 -23.91 3.35 -39.59
C MET A 380 -25.10 4.27 -39.90
N ALA A 381 -26.21 3.69 -40.35
CA ALA A 381 -27.38 4.50 -40.65
C ALA A 381 -27.93 5.18 -39.40
N HIS A 382 -27.96 4.47 -38.28
CA HIS A 382 -28.45 5.06 -37.03
C HIS A 382 -27.52 6.17 -36.55
N ALA A 383 -26.21 5.99 -36.69
CA ALA A 383 -25.27 7.04 -36.33
C ALA A 383 -25.47 8.27 -37.20
N LEU A 384 -25.69 8.06 -38.51
CA LEU A 384 -25.95 9.20 -39.39
C LEU A 384 -27.26 9.89 -39.03
N HIS A 385 -28.28 9.11 -38.66
CA HIS A 385 -29.55 9.70 -38.24
C HIS A 385 -29.39 10.51 -36.97
N ASN A 386 -28.60 10.00 -36.02
CA ASN A 386 -28.34 10.76 -34.80
C ASN A 386 -27.57 12.03 -35.09
N MET A 387 -26.60 11.97 -36.01
CA MET A 387 -25.90 13.17 -36.42
C MET A 387 -26.85 14.19 -37.03
N HIS A 388 -27.75 13.76 -37.90
CA HIS A 388 -28.69 14.67 -38.52
C HIS A 388 -29.65 15.27 -37.48
N ARG A 389 -30.09 14.46 -36.52
CA ARG A 389 -31.05 14.93 -35.53
C ARG A 389 -30.41 15.90 -34.54
N ALA A 390 -29.20 15.62 -34.09
CA ALA A 390 -28.54 16.45 -33.09
C ALA A 390 -27.63 17.52 -33.71
N LEU A 391 -27.58 17.62 -35.03
CA LEU A 391 -26.73 18.60 -35.71
C LEU A 391 -27.45 19.42 -36.75
N CYS A 392 -28.54 18.93 -37.34
CA CYS A 392 -29.32 19.67 -38.33
C CYS A 392 -30.79 19.62 -37.93
N PRO A 393 -31.16 20.34 -36.87
CA PRO A 393 -32.55 20.25 -36.37
C PRO A 393 -33.58 20.84 -37.32
N ASN A 394 -33.32 22.05 -37.83
CA ASN A 394 -34.30 22.76 -38.65
C ASN A 394 -34.40 22.21 -40.07
N THR A 395 -33.44 21.42 -40.52
CA THR A 395 -33.43 20.88 -41.88
C THR A 395 -33.60 19.37 -41.81
N THR A 396 -34.64 18.87 -42.49
CA THR A 396 -34.86 17.42 -42.57
C THR A 396 -33.96 16.76 -43.59
N ARG A 397 -33.41 17.51 -44.53
CA ARG A 397 -32.50 16.97 -45.53
C ARG A 397 -31.05 17.11 -45.05
N LEU A 398 -30.10 16.89 -45.94
CA LEU A 398 -28.68 17.04 -45.62
C LEU A 398 -28.38 18.51 -45.43
N CYS A 399 -28.22 18.93 -44.17
CA CYS A 399 -27.97 20.34 -43.87
C CYS A 399 -26.55 20.72 -44.27
N ASP A 400 -26.33 22.04 -44.35
CA ASP A 400 -25.03 22.56 -44.79
C ASP A 400 -23.92 22.19 -43.83
N ALA A 401 -24.20 22.15 -42.52
CA ALA A 401 -23.18 21.80 -41.54
C ALA A 401 -22.75 20.34 -41.66
N MET A 402 -23.56 19.50 -42.32
CA MET A 402 -23.21 18.11 -42.51
C MET A 402 -22.31 17.87 -43.71
N ARG A 403 -22.10 18.87 -44.56
CA ARG A 403 -21.25 18.69 -45.74
C ARG A 403 -19.82 18.34 -45.38
N PRO A 404 -19.12 19.06 -44.48
CA PRO A 404 -17.76 18.60 -44.09
C PRO A 404 -17.82 17.52 -43.01
N VAL A 405 -18.02 16.27 -43.47
CA VAL A 405 -18.16 15.16 -42.54
C VAL A 405 -16.85 14.92 -41.81
N ASN A 406 -16.93 14.91 -40.48
CA ASN A 406 -15.78 14.63 -39.62
C ASN A 406 -15.98 13.28 -38.95
N GLY A 407 -15.00 12.39 -39.10
CA GLY A 407 -15.12 11.06 -38.54
C GLY A 407 -14.86 10.96 -37.05
N ARG A 408 -14.14 11.93 -36.48
CA ARG A 408 -13.77 11.84 -35.07
C ARG A 408 -14.99 11.89 -34.17
N ARG A 409 -15.76 12.97 -34.25
CA ARG A 409 -16.96 13.09 -33.42
C ARG A 409 -17.98 12.02 -33.80
N LEU A 410 -18.23 11.86 -35.10
CA LEU A 410 -19.21 10.89 -35.58
C LEU A 410 -18.94 9.50 -35.04
N TYR A 411 -17.67 9.10 -34.97
CA TYR A 411 -17.32 7.82 -34.38
C TYR A 411 -17.47 7.87 -32.86
N LYS A 412 -16.64 8.69 -32.21
CA LYS A 412 -16.49 8.60 -30.75
C LYS A 412 -17.80 8.84 -30.03
N ASP A 413 -18.48 9.95 -30.33
CA ASP A 413 -19.64 10.32 -29.53
C ASP A 413 -20.87 9.48 -29.83
N PHE A 414 -21.03 9.04 -31.09
CA PHE A 414 -22.29 8.44 -31.54
C PHE A 414 -22.20 6.95 -31.81
N VAL A 415 -21.18 6.50 -32.57
CA VAL A 415 -21.15 5.10 -33.01
C VAL A 415 -21.05 4.17 -31.81
N LEU A 416 -20.24 4.54 -30.82
CA LEU A 416 -20.09 3.73 -29.62
C LEU A 416 -21.26 3.89 -28.66
N ASN A 417 -22.29 4.66 -29.01
CA ASN A 417 -23.42 4.92 -28.13
C ASN A 417 -24.75 4.70 -28.85
N VAL A 418 -24.80 3.74 -29.77
CA VAL A 418 -26.03 3.43 -30.48
C VAL A 418 -26.74 2.27 -29.77
N LYS A 419 -28.06 2.35 -29.72
CA LYS A 419 -28.87 1.31 -29.08
C LYS A 419 -30.19 1.20 -29.85
N PHE A 420 -30.33 0.15 -30.64
CA PHE A 420 -31.54 -0.03 -31.43
C PHE A 420 -31.82 -1.53 -31.57
N ASP A 421 -33.09 -1.85 -31.82
CA ASP A 421 -33.49 -3.23 -32.02
C ASP A 421 -32.89 -3.78 -33.31
N ALA A 422 -32.47 -5.04 -33.28
CA ALA A 422 -31.87 -5.66 -34.45
C ALA A 422 -32.89 -5.78 -35.57
N PRO A 423 -32.55 -5.39 -36.80
CA PRO A 423 -33.52 -5.48 -37.89
C PRO A 423 -33.80 -6.92 -38.30
N PHE A 424 -34.99 -7.14 -38.83
CA PHE A 424 -35.40 -8.44 -39.36
C PHE A 424 -35.26 -9.55 -38.32
N ARG A 425 -35.62 -9.23 -37.07
CA ARG A 425 -35.50 -10.21 -36.00
C ARG A 425 -36.59 -11.28 -36.13
N PRO A 426 -36.33 -12.48 -35.63
CA PRO A 426 -37.39 -13.50 -35.55
C PRO A 426 -38.26 -13.32 -34.32
N ALA A 427 -38.23 -12.11 -33.75
CA ALA A 427 -38.94 -11.76 -32.51
C ALA A 427 -38.33 -12.46 -31.30
N ASP A 428 -37.00 -12.60 -31.31
CA ASP A 428 -36.28 -13.16 -30.19
C ASP A 428 -35.81 -12.02 -29.28
N THR A 429 -34.93 -12.33 -28.33
CA THR A 429 -34.40 -11.35 -27.39
C THR A 429 -33.05 -10.79 -27.82
N HIS A 430 -32.77 -10.81 -29.12
CA HIS A 430 -31.50 -10.32 -29.66
C HIS A 430 -31.62 -8.90 -30.20
N ASN A 431 -32.45 -8.07 -29.57
CA ASN A 431 -32.66 -6.69 -30.00
C ASN A 431 -31.62 -5.73 -29.44
N GLU A 432 -30.49 -6.23 -28.95
CA GLU A 432 -29.44 -5.39 -28.38
C GLU A 432 -28.28 -5.33 -29.38
N VAL A 433 -28.11 -4.16 -30.00
CA VAL A 433 -27.01 -3.91 -30.93
C VAL A 433 -26.27 -2.69 -30.39
N ARG A 434 -25.23 -2.93 -29.58
CA ARG A 434 -24.48 -1.86 -28.94
C ARG A 434 -22.99 -2.11 -29.11
N PHE A 435 -22.22 -1.03 -29.03
CA PHE A 435 -20.77 -1.08 -29.08
C PHE A 435 -20.19 -0.64 -27.75
N ASP A 436 -19.15 -1.36 -27.30
CA ASP A 436 -18.52 -1.06 -26.03
C ASP A 436 -17.62 0.17 -26.16
N ARG A 437 -17.02 0.57 -25.04
CA ARG A 437 -16.10 1.70 -25.05
C ARG A 437 -14.83 1.43 -25.84
N PHE A 438 -14.52 0.16 -26.09
CA PHE A 438 -13.34 -0.23 -26.86
C PHE A 438 -13.67 -0.53 -28.32
N GLY A 439 -14.85 -0.14 -28.79
CA GLY A 439 -15.24 -0.38 -30.17
C GLY A 439 -15.44 -1.84 -30.52
N ASP A 440 -15.96 -2.63 -29.58
CA ASP A 440 -16.24 -4.05 -29.79
C ASP A 440 -17.72 -4.29 -29.54
N GLY A 441 -18.42 -4.79 -30.55
CA GLY A 441 -19.84 -5.05 -30.40
C GLY A 441 -20.11 -6.21 -29.46
N ILE A 442 -21.23 -6.12 -28.75
CA ILE A 442 -21.62 -7.21 -27.85
C ILE A 442 -22.07 -8.41 -28.66
N GLY A 443 -21.96 -9.58 -28.05
CA GLY A 443 -22.30 -10.82 -28.72
C GLY A 443 -23.08 -11.74 -27.80
N ARG A 444 -23.95 -12.54 -28.41
CA ARG A 444 -24.73 -13.54 -27.71
C ARG A 444 -24.29 -14.93 -28.17
N TYR A 445 -23.95 -15.79 -27.21
CA TYR A 445 -23.43 -17.12 -27.49
C TYR A 445 -24.45 -18.17 -27.06
N ASN A 446 -24.55 -19.24 -27.85
CA ASN A 446 -25.41 -20.36 -27.53
C ASN A 446 -24.57 -21.47 -26.91
N ILE A 447 -24.92 -21.87 -25.69
CA ILE A 447 -24.18 -22.88 -24.96
C ILE A 447 -24.79 -24.24 -25.30
N PHE A 448 -24.14 -24.98 -26.17
CA PHE A 448 -24.60 -26.29 -26.59
C PHE A 448 -23.98 -27.38 -25.74
N THR A 449 -24.72 -28.48 -25.56
CA THR A 449 -24.25 -29.66 -24.87
C THR A 449 -24.46 -30.87 -25.77
N TYR A 450 -23.42 -31.66 -25.97
CA TYR A 450 -23.49 -32.81 -26.87
C TYR A 450 -24.14 -33.97 -26.13
N LEU A 451 -25.45 -34.12 -26.36
CA LEU A 451 -26.17 -35.27 -25.84
C LEU A 451 -25.91 -36.49 -26.71
N ARG A 452 -26.09 -37.67 -26.12
CA ARG A 452 -25.89 -38.92 -26.84
C ARG A 452 -26.99 -39.95 -26.62
N ALA A 453 -27.88 -39.75 -25.64
CA ALA A 453 -28.93 -40.73 -25.39
C ALA A 453 -30.06 -40.65 -26.41
N GLY A 454 -30.33 -39.46 -26.94
CA GLY A 454 -31.48 -39.30 -27.81
C GLY A 454 -31.36 -40.07 -29.12
N SER A 455 -30.20 -39.97 -29.78
CA SER A 455 -30.03 -40.63 -31.07
C SER A 455 -28.65 -41.26 -31.24
N GLY A 456 -27.89 -41.43 -30.17
CA GLY A 456 -26.55 -42.01 -30.28
C GLY A 456 -25.44 -41.02 -30.54
N ARG A 457 -25.64 -40.14 -31.52
CA ARG A 457 -24.63 -39.15 -31.87
C ARG A 457 -25.31 -37.98 -32.56
N TYR A 458 -24.58 -36.86 -32.63
CA TYR A 458 -25.04 -35.63 -33.29
C TYR A 458 -26.35 -35.14 -32.68
N ARG A 459 -26.28 -34.78 -31.40
CA ARG A 459 -27.41 -34.27 -30.65
C ARG A 459 -27.02 -33.00 -29.91
N TYR A 460 -26.41 -32.06 -30.62
CA TYR A 460 -26.06 -30.76 -30.04
C TYR A 460 -27.33 -30.05 -29.60
N GLN A 461 -27.51 -29.90 -28.28
CA GLN A 461 -28.71 -29.34 -27.70
C GLN A 461 -28.36 -28.05 -26.97
N LYS A 462 -29.12 -26.99 -27.24
CA LYS A 462 -28.91 -25.71 -26.58
C LYS A 462 -29.49 -25.77 -25.17
N VAL A 463 -28.64 -25.52 -24.17
CA VAL A 463 -29.04 -25.56 -22.77
C VAL A 463 -28.95 -24.19 -22.12
N GLY A 464 -28.79 -23.14 -22.91
CA GLY A 464 -28.71 -21.79 -22.35
C GLY A 464 -28.09 -20.84 -23.36
N TYR A 465 -27.91 -19.60 -22.90
CA TYR A 465 -27.33 -18.56 -23.73
C TYR A 465 -26.58 -17.59 -22.84
N TRP A 466 -25.65 -16.85 -23.44
CA TRP A 466 -24.84 -15.86 -22.75
C TRP A 466 -25.06 -14.50 -23.40
N ALA A 467 -25.99 -13.72 -22.84
CA ALA A 467 -26.26 -12.36 -23.30
C ALA A 467 -26.22 -11.46 -22.06
N GLU A 468 -25.03 -11.01 -21.70
CA GLU A 468 -24.78 -10.19 -20.51
C GLU A 468 -25.23 -10.90 -19.23
N GLY A 469 -25.38 -12.23 -19.28
CA GLY A 469 -25.80 -13.00 -18.13
C GLY A 469 -25.97 -14.47 -18.44
N LEU A 470 -25.48 -15.34 -17.57
CA LEU A 470 -25.59 -16.77 -17.79
C LEU A 470 -27.02 -17.23 -17.53
N THR A 471 -27.56 -18.03 -18.46
CA THR A 471 -28.91 -18.57 -18.37
C THR A 471 -28.91 -20.06 -18.68
N LEU A 472 -27.99 -20.79 -18.06
CA LEU A 472 -27.88 -22.22 -18.29
C LEU A 472 -29.10 -22.95 -17.72
N ASP A 473 -29.56 -23.96 -18.46
CA ASP A 473 -30.68 -24.80 -18.03
C ASP A 473 -30.13 -26.18 -17.70
N THR A 474 -30.06 -26.50 -16.41
CA THR A 474 -29.52 -27.78 -15.98
C THR A 474 -30.46 -28.95 -16.24
N SER A 475 -31.74 -28.68 -16.52
CA SER A 475 -32.68 -29.76 -16.77
C SER A 475 -32.32 -30.55 -18.02
N LEU A 476 -31.94 -29.84 -19.09
CA LEU A 476 -31.61 -30.52 -20.34
C LEU A 476 -30.25 -31.21 -20.26
N ILE A 477 -29.34 -30.70 -19.44
CA ILE A 477 -28.02 -31.31 -19.30
C ILE A 477 -28.17 -32.67 -18.60
N PRO A 478 -27.60 -33.75 -19.14
CA PRO A 478 -27.79 -35.08 -18.54
C PRO A 478 -27.14 -35.21 -17.16
N TRP A 479 -25.86 -34.86 -17.06
CA TRP A 479 -25.16 -35.04 -15.79
C TRP A 479 -25.57 -34.01 -14.75
N ALA A 480 -26.17 -32.89 -15.16
CA ALA A 480 -26.70 -31.93 -14.21
C ALA A 480 -28.03 -32.35 -13.62
N SER A 481 -28.72 -33.31 -14.25
CA SER A 481 -29.95 -33.83 -13.71
C SER A 481 -29.67 -34.66 -12.46
N PRO A 482 -30.63 -34.76 -11.54
CA PRO A 482 -30.38 -35.50 -10.30
C PRO A 482 -30.32 -37.01 -10.48
N SER A 483 -29.48 -37.47 -11.40
CA SER A 483 -29.24 -38.90 -11.58
C SER A 483 -27.77 -39.17 -11.82
N ALA A 484 -26.92 -38.21 -11.46
CA ALA A 484 -25.48 -38.32 -11.65
C ALA A 484 -24.74 -37.29 -10.81
N GLY A 485 -23.46 -37.10 -11.07
CA GLY A 485 -22.68 -36.09 -10.41
C GLY A 485 -22.28 -35.00 -11.38
N PRO A 486 -21.74 -33.90 -10.86
CA PRO A 486 -21.35 -32.79 -11.74
C PRO A 486 -20.08 -33.08 -12.51
N LEU A 487 -19.53 -34.29 -12.35
CA LEU A 487 -18.22 -34.68 -12.86
C LEU A 487 -17.21 -33.59 -12.50
N PRO A 488 -17.04 -33.30 -11.20
CA PRO A 488 -16.27 -32.12 -10.81
C PRO A 488 -14.78 -32.32 -10.97
N ALA A 489 -14.07 -31.19 -11.03
CA ALA A 489 -12.62 -31.16 -10.98
C ALA A 489 -12.24 -30.15 -9.90
N SER A 490 -12.22 -30.62 -8.66
CA SER A 490 -11.88 -29.76 -7.53
C SER A 490 -10.40 -29.88 -7.21
N ARG A 491 -9.78 -28.73 -6.93
CA ARG A 491 -8.37 -28.69 -6.57
C ARG A 491 -8.21 -29.38 -5.22
N CYS A 492 -7.68 -30.60 -5.25
CA CYS A 492 -7.53 -31.43 -4.06
C CYS A 492 -8.90 -31.72 -3.44
N SER A 493 -9.10 -31.31 -2.19
CA SER A 493 -10.38 -31.50 -1.52
C SER A 493 -10.48 -30.50 -0.37
N GLU A 494 -11.71 -30.12 -0.04
CA GLU A 494 -11.98 -29.20 1.07
C GLU A 494 -13.10 -29.77 1.94
N PRO A 495 -12.80 -30.82 2.72
CA PRO A 495 -13.75 -31.31 3.73
C PRO A 495 -13.48 -30.79 5.14
N CYS A 496 -12.50 -29.92 5.31
CA CYS A 496 -12.07 -29.50 6.65
C CYS A 496 -13.10 -28.58 7.29
N LEU A 497 -13.16 -28.63 8.62
CA LEU A 497 -14.04 -27.77 9.38
C LEU A 497 -13.43 -26.38 9.51
N GLN A 498 -14.25 -25.43 10.00
CA GLN A 498 -13.79 -24.06 10.15
C GLN A 498 -12.66 -23.96 11.18
N ASN A 499 -12.77 -24.69 12.29
CA ASN A 499 -11.77 -24.63 13.35
C ASN A 499 -10.57 -25.53 13.09
N GLU A 500 -10.63 -26.41 12.10
CA GLU A 500 -9.55 -27.36 11.82
C GLU A 500 -9.08 -27.25 10.37
N VAL A 501 -8.88 -26.03 9.89
CA VAL A 501 -8.40 -25.79 8.54
C VAL A 501 -7.16 -24.91 8.62
N LYS A 502 -6.12 -25.28 7.87
CA LYS A 502 -4.89 -24.51 7.82
C LYS A 502 -4.60 -23.89 6.47
N SER A 503 -5.22 -24.39 5.40
CA SER A 503 -5.03 -23.88 4.04
C SER A 503 -3.56 -23.86 3.64
N VAL A 504 -2.85 -24.94 3.97
CA VAL A 504 -1.44 -25.08 3.61
C VAL A 504 -1.38 -25.61 2.18
N GLN A 505 -0.93 -24.77 1.25
CA GLN A 505 -0.90 -25.13 -0.16
C GLN A 505 0.54 -25.36 -0.60
N PRO A 506 0.95 -26.60 -0.84
CA PRO A 506 2.33 -26.85 -1.29
C PRO A 506 2.61 -26.26 -2.67
N GLY A 507 1.81 -26.65 -3.66
CA GLY A 507 2.03 -26.17 -5.01
C GLY A 507 0.82 -25.50 -5.65
N GLU A 508 -0.38 -25.84 -5.17
CA GLU A 508 -1.62 -25.32 -5.72
C GLU A 508 -2.36 -24.54 -4.64
N VAL A 509 -2.44 -23.22 -4.80
CA VAL A 509 -3.14 -22.39 -3.83
C VAL A 509 -4.63 -22.72 -3.81
N CYS A 510 -5.20 -23.03 -4.98
CA CYS A 510 -6.62 -23.35 -5.07
C CYS A 510 -6.97 -24.67 -4.37
N CYS A 511 -5.97 -25.49 -4.04
CA CYS A 511 -6.26 -26.76 -3.36
C CYS A 511 -6.83 -26.52 -1.97
N TRP A 512 -6.31 -25.52 -1.26
CA TRP A 512 -6.73 -25.22 0.12
C TRP A 512 -6.57 -26.44 1.02
N LEU A 513 -5.47 -27.18 0.82
CA LEU A 513 -5.19 -28.33 1.66
C LEU A 513 -4.95 -27.89 3.10
N CYS A 514 -5.59 -28.58 4.03
CA CYS A 514 -5.57 -28.20 5.43
C CYS A 514 -4.79 -29.21 6.27
N ILE A 515 -4.13 -28.70 7.30
CA ILE A 515 -3.43 -29.52 8.28
C ILE A 515 -4.11 -29.29 9.63
N PRO A 516 -4.49 -30.34 10.36
CA PRO A 516 -5.17 -30.14 11.64
C PRO A 516 -4.29 -29.39 12.62
N CYS A 517 -4.79 -28.25 13.10
CA CYS A 517 -4.04 -27.42 14.03
C CYS A 517 -4.13 -27.99 15.44
N GLN A 518 -3.51 -27.30 16.39
CA GLN A 518 -3.50 -27.77 17.77
C GLN A 518 -4.91 -27.71 18.35
N PRO A 519 -5.40 -28.81 18.94
CA PRO A 519 -6.75 -28.77 19.53
C PRO A 519 -6.87 -27.81 20.71
N TYR A 520 -5.77 -27.43 21.34
CA TYR A 520 -5.78 -26.51 22.47
C TYR A 520 -5.63 -25.06 22.05
N GLU A 521 -5.56 -24.78 20.74
CA GLU A 521 -5.41 -23.42 20.24
C GLU A 521 -6.41 -23.19 19.11
N TYR A 522 -6.84 -21.93 18.97
CA TYR A 522 -7.76 -21.54 17.92
C TYR A 522 -6.97 -21.09 16.70
N ARG A 523 -7.66 -20.48 15.74
CA ARG A 523 -7.06 -19.98 14.52
C ARG A 523 -7.12 -18.46 14.49
N LEU A 524 -6.08 -17.85 13.92
CA LEU A 524 -6.05 -16.40 13.79
C LEU A 524 -6.78 -15.93 12.54
N ASP A 525 -6.61 -16.65 11.43
CA ASP A 525 -7.30 -16.33 10.18
C ASP A 525 -7.70 -17.61 9.49
N GLU A 526 -8.73 -17.51 8.65
CA GLU A 526 -9.18 -18.67 7.89
C GLU A 526 -8.12 -19.14 6.91
N PHE A 527 -7.43 -18.20 6.26
CA PHE A 527 -6.41 -18.57 5.29
C PHE A 527 -5.14 -19.08 5.95
N THR A 528 -4.83 -18.58 7.15
CA THR A 528 -3.61 -18.97 7.87
C THR A 528 -3.98 -19.30 9.30
N CYS A 529 -3.90 -20.59 9.65
CA CYS A 529 -4.19 -21.02 11.02
C CYS A 529 -2.96 -20.80 11.89
N ALA A 530 -3.08 -19.92 12.87
CA ALA A 530 -2.00 -19.60 13.79
C ALA A 530 -2.42 -19.95 15.22
N ASP A 531 -1.51 -20.57 15.96
CA ASP A 531 -1.80 -20.99 17.32
C ASP A 531 -1.94 -19.75 18.22
N CYS A 532 -3.14 -19.53 18.73
CA CYS A 532 -3.43 -18.40 19.62
C CYS A 532 -3.49 -18.94 21.05
N GLY A 533 -2.37 -18.86 21.75
CA GLY A 533 -2.31 -19.35 23.12
C GLY A 533 -2.54 -20.84 23.23
N LEU A 534 -1.60 -21.64 22.73
CA LEU A 534 -1.76 -23.08 22.71
C LEU A 534 -1.76 -23.71 24.10
N GLY A 535 -1.34 -22.98 25.13
CA GLY A 535 -1.32 -23.55 26.47
C GLY A 535 -2.70 -23.90 26.98
N TYR A 536 -3.65 -22.98 26.82
CA TYR A 536 -5.01 -23.17 27.31
C TYR A 536 -5.99 -22.93 26.16
N TRP A 537 -7.17 -23.50 26.29
CA TRP A 537 -8.16 -23.43 25.22
C TRP A 537 -8.73 -22.01 25.09
N PRO A 538 -8.65 -21.39 23.92
CA PRO A 538 -9.29 -20.10 23.69
C PRO A 538 -10.69 -20.27 23.11
N ASN A 539 -11.33 -19.13 22.84
CA ASN A 539 -12.66 -19.14 22.27
C ASN A 539 -12.62 -19.49 20.78
N ALA A 540 -12.32 -20.76 20.47
CA ALA A 540 -12.32 -21.20 19.08
C ALA A 540 -13.73 -21.15 18.49
N SER A 541 -14.74 -21.55 19.27
CA SER A 541 -16.12 -21.52 18.80
C SER A 541 -16.61 -20.09 18.58
N LEU A 542 -16.01 -19.11 19.25
CA LEU A 542 -16.37 -17.71 19.08
C LEU A 542 -15.51 -17.01 18.03
N THR A 543 -14.63 -17.75 17.35
CA THR A 543 -13.74 -17.28 16.28
C THR A 543 -12.66 -16.33 16.79
N GLY A 544 -12.65 -15.99 18.07
CA GLY A 544 -11.64 -15.11 18.61
C GLY A 544 -10.44 -15.86 19.16
N CYS A 545 -9.31 -15.17 19.21
CA CYS A 545 -8.06 -15.74 19.72
C CYS A 545 -7.84 -15.45 21.20
N PHE A 546 -8.77 -14.78 21.86
CA PHE A 546 -8.61 -14.45 23.27
C PHE A 546 -8.74 -15.70 24.13
N GLU A 547 -7.83 -15.84 25.08
CA GLU A 547 -7.85 -17.00 25.97
C GLU A 547 -9.02 -16.91 26.95
N LEU A 548 -9.49 -18.08 27.39
CA LEU A 548 -10.64 -18.19 28.29
C LEU A 548 -10.21 -18.98 29.52
N PRO A 549 -9.67 -18.32 30.55
CA PRO A 549 -9.19 -19.04 31.73
C PRO A 549 -10.33 -19.46 32.67
N GLN A 550 -10.08 -20.55 33.38
CA GLN A 550 -11.01 -21.10 34.36
C GLN A 550 -10.42 -20.95 35.74
N GLU A 551 -11.16 -20.29 36.64
CA GLU A 551 -10.69 -20.05 38.01
C GLU A 551 -11.03 -21.27 38.85
N TYR A 552 -10.14 -22.25 38.86
CA TYR A 552 -10.30 -23.46 39.66
C TYR A 552 -9.64 -23.24 41.01
N ILE A 553 -10.36 -22.53 41.89
CA ILE A 553 -9.83 -22.24 43.22
C ILE A 553 -9.80 -23.53 44.05
N ARG A 554 -8.93 -23.55 45.04
CA ARG A 554 -8.81 -24.70 45.93
C ARG A 554 -9.98 -24.73 46.90
N TRP A 555 -11.18 -24.98 46.39
CA TRP A 555 -12.39 -24.98 47.19
C TRP A 555 -13.16 -26.29 47.10
N GLY A 556 -12.61 -27.29 46.41
CA GLY A 556 -13.29 -28.57 46.27
C GLY A 556 -13.60 -29.22 47.61
N ASP A 557 -14.86 -29.59 47.81
CA ASP A 557 -15.31 -30.08 49.11
C ASP A 557 -14.69 -31.43 49.44
N ALA A 558 -14.31 -32.22 48.44
CA ALA A 558 -13.82 -33.57 48.68
C ALA A 558 -12.56 -33.56 49.54
N TRP A 559 -11.64 -32.64 49.26
CA TRP A 559 -10.38 -32.54 49.98
C TRP A 559 -10.36 -31.38 50.97
N ALA A 560 -11.50 -30.75 51.24
CA ALA A 560 -11.52 -29.59 52.12
C ALA A 560 -12.50 -29.75 53.28
N VAL A 561 -13.60 -30.47 53.05
CA VAL A 561 -14.67 -30.54 54.05
C VAL A 561 -14.15 -31.15 55.34
N GLY A 562 -13.36 -32.21 55.24
CA GLY A 562 -12.76 -32.83 56.40
C GLY A 562 -11.79 -31.93 57.14
N PRO A 563 -10.72 -31.51 56.46
CA PRO A 563 -9.73 -30.63 57.11
C PRO A 563 -10.31 -29.34 57.65
N VAL A 564 -11.24 -28.71 56.92
CA VAL A 564 -11.82 -27.45 57.39
C VAL A 564 -12.63 -27.69 58.67
N THR A 565 -13.45 -28.74 58.69
CA THR A 565 -14.22 -29.04 59.89
C THR A 565 -13.31 -29.37 61.07
N ILE A 566 -12.24 -30.13 60.82
CA ILE A 566 -11.31 -30.48 61.89
C ILE A 566 -10.64 -29.23 62.43
N ALA A 567 -10.20 -28.33 61.55
CA ALA A 567 -9.56 -27.10 61.99
C ALA A 567 -10.53 -26.22 62.77
N CYS A 568 -11.78 -26.13 62.31
CA CYS A 568 -12.78 -25.34 63.02
C CYS A 568 -13.05 -25.91 64.41
N LEU A 569 -13.17 -27.24 64.51
CA LEU A 569 -13.39 -27.86 65.81
C LEU A 569 -12.20 -27.63 66.74
N GLY A 570 -10.98 -27.76 66.21
CA GLY A 570 -9.80 -27.50 67.03
C GLY A 570 -9.73 -26.06 67.50
N ALA A 571 -10.04 -25.12 66.61
CA ALA A 571 -10.03 -23.71 66.99
C ALA A 571 -11.09 -23.42 68.04
N LEU A 572 -12.28 -24.00 67.89
CA LEU A 572 -13.33 -23.80 68.88
C LEU A 572 -12.93 -24.37 70.24
N ALA A 573 -12.33 -25.57 70.24
CA ALA A 573 -11.88 -26.17 71.50
C ALA A 573 -10.79 -25.32 72.15
N THR A 574 -9.84 -24.82 71.36
CA THR A 574 -8.77 -23.99 71.91
C THR A 574 -9.33 -22.69 72.47
N LEU A 575 -10.29 -22.08 71.77
CA LEU A 575 -10.90 -20.84 72.27
C LEU A 575 -11.66 -21.10 73.56
N PHE A 576 -12.40 -22.21 73.63
CA PHE A 576 -13.13 -22.54 74.85
C PHE A 576 -12.18 -22.78 76.02
N VAL A 577 -11.07 -23.49 75.77
CA VAL A 577 -10.09 -23.74 76.82
C VAL A 577 -9.47 -22.43 77.30
N LEU A 578 -9.12 -21.56 76.35
CA LEU A 578 -8.52 -20.27 76.72
C LEU A 578 -9.50 -19.43 77.53
N GLY A 579 -10.77 -19.40 77.12
CA GLY A 579 -11.76 -18.65 77.88
C GLY A 579 -11.97 -19.20 79.27
N VAL A 580 -12.02 -20.52 79.39
CA VAL A 580 -12.20 -21.15 80.70
C VAL A 580 -11.01 -20.83 81.60
N PHE A 581 -9.79 -20.89 81.05
CA PHE A 581 -8.60 -20.54 81.83
C PHE A 581 -8.63 -19.08 82.25
N VAL A 582 -9.02 -18.19 81.33
CA VAL A 582 -9.01 -16.75 81.63
C VAL A 582 -10.05 -16.41 82.67
N ARG A 583 -11.20 -17.10 82.66
CA ARG A 583 -12.26 -16.80 83.60
C ARG A 583 -11.81 -17.03 85.05
N HIS A 584 -11.05 -18.10 85.28
CA HIS A 584 -10.56 -18.45 86.60
C HIS A 584 -9.03 -18.34 86.68
N ASN A 585 -8.48 -17.29 86.06
CA ASN A 585 -7.04 -17.07 86.06
C ASN A 585 -6.61 -16.19 87.24
N ALA A 586 -6.99 -16.62 88.43
CA ALA A 586 -6.66 -15.92 89.67
C ALA A 586 -5.71 -16.72 90.55
N THR A 587 -6.13 -17.90 91.00
CA THR A 587 -5.28 -18.75 91.82
C THR A 587 -4.23 -19.55 91.02
N PRO A 588 -4.54 -20.12 89.84
CA PRO A 588 -3.56 -21.02 89.22
C PRO A 588 -2.40 -20.30 88.55
N VAL A 589 -2.59 -19.04 88.12
CA VAL A 589 -1.54 -18.35 87.37
C VAL A 589 -0.32 -18.10 88.24
N VAL A 590 -0.52 -17.67 89.48
CA VAL A 590 0.61 -17.34 90.35
C VAL A 590 1.36 -18.61 90.75
N LYS A 591 0.63 -19.70 91.01
CA LYS A 591 1.27 -20.94 91.43
C LYS A 591 2.01 -21.60 90.26
N ALA A 592 1.37 -21.66 89.11
CA ALA A 592 1.96 -22.26 87.91
C ALA A 592 2.74 -21.20 87.14
N SER A 593 3.07 -21.50 85.89
CA SER A 593 3.75 -20.54 85.03
C SER A 593 2.99 -19.23 84.96
N GLY A 594 3.71 -18.16 84.61
CA GLY A 594 3.12 -16.84 84.66
C GLY A 594 1.95 -16.69 83.72
N ARG A 595 1.02 -15.81 84.11
CA ARG A 595 -0.18 -15.59 83.29
C ARG A 595 0.17 -15.04 81.92
N GLU A 596 1.23 -14.26 81.81
CA GLU A 596 1.65 -13.74 80.51
C GLU A 596 2.07 -14.89 79.60
N LEU A 597 2.81 -15.87 80.12
CA LEU A 597 3.22 -17.00 79.30
C LEU A 597 2.03 -17.87 78.90
N CYS A 598 1.06 -18.05 79.80
CA CYS A 598 -0.14 -18.80 79.44
C CYS A 598 -0.93 -18.08 78.36
N TYR A 599 -1.04 -16.74 78.47
CA TYR A 599 -1.72 -15.97 77.43
C TYR A 599 -0.97 -16.06 76.10
N ILE A 600 0.37 -16.08 76.15
CA ILE A 600 1.16 -16.23 74.93
C ILE A 600 0.92 -17.58 74.30
N LEU A 601 0.86 -18.64 75.11
CA LEU A 601 0.56 -19.97 74.58
C LEU A 601 -0.83 -20.02 73.94
N LEU A 602 -1.81 -19.42 74.61
CA LEU A 602 -3.17 -19.41 74.08
C LEU A 602 -3.23 -18.64 72.76
N GLY A 603 -2.57 -17.49 72.69
CA GLY A 603 -2.53 -16.74 71.45
C GLY A 603 -1.83 -17.49 70.34
N GLY A 604 -0.74 -18.19 70.67
CA GLY A 604 -0.03 -18.95 69.66
C GLY A 604 -0.85 -20.09 69.10
N VAL A 605 -1.53 -20.84 69.98
CA VAL A 605 -2.33 -21.96 69.49
C VAL A 605 -3.55 -21.44 68.72
N PHE A 606 -4.13 -20.32 69.16
CA PHE A 606 -5.24 -19.73 68.43
C PHE A 606 -4.80 -19.27 67.04
N LEU A 607 -3.63 -18.65 66.95
CA LEU A 607 -3.12 -18.21 65.67
C LEU A 607 -2.81 -19.40 64.76
N CYS A 608 -2.26 -20.47 65.33
CA CYS A 608 -2.01 -21.68 64.53
C CYS A 608 -3.29 -22.25 63.97
N TYR A 609 -4.34 -22.34 64.81
CA TYR A 609 -5.61 -22.86 64.34
C TYR A 609 -6.24 -21.95 63.29
N CYS A 610 -6.14 -20.64 63.49
CA CYS A 610 -6.69 -19.69 62.52
C CYS A 610 -5.96 -19.81 61.18
N MET A 611 -4.64 -19.93 61.21
CA MET A 611 -3.88 -20.09 59.98
C MET A 611 -4.23 -21.39 59.27
N THR A 612 -4.38 -22.47 60.04
CA THR A 612 -4.77 -23.75 59.45
C THR A 612 -6.15 -23.66 58.80
N PHE A 613 -7.09 -22.96 59.45
CA PHE A 613 -8.44 -22.85 58.89
C PHE A 613 -8.48 -21.89 57.70
N ILE A 614 -7.61 -20.89 57.66
CA ILE A 614 -7.63 -19.88 56.61
C ILE A 614 -6.62 -20.14 55.51
N PHE A 615 -5.89 -21.26 55.58
CA PHE A 615 -4.90 -21.57 54.55
C PHE A 615 -5.52 -21.64 53.16
N ILE A 616 -6.77 -22.09 53.06
CA ILE A 616 -7.46 -22.13 51.78
C ILE A 616 -7.99 -20.73 51.46
N ALA A 617 -7.61 -20.21 50.29
CA ALA A 617 -8.03 -18.87 49.88
C ALA A 617 -7.82 -18.74 48.38
N LYS A 618 -8.35 -17.65 47.83
CA LYS A 618 -8.20 -17.37 46.42
C LYS A 618 -6.74 -17.04 46.10
N PRO A 619 -6.29 -17.33 44.87
CA PRO A 619 -4.89 -17.02 44.52
C PRO A 619 -4.66 -15.54 44.35
N SER A 620 -4.51 -14.83 45.46
CA SER A 620 -4.26 -13.40 45.46
C SER A 620 -3.02 -13.09 46.29
N THR A 621 -2.43 -11.93 46.03
CA THR A 621 -1.22 -11.53 46.75
C THR A 621 -1.50 -11.35 48.24
N ALA A 622 -2.66 -10.81 48.59
CA ALA A 622 -3.00 -10.63 50.00
C ALA A 622 -3.11 -11.96 50.73
N VAL A 623 -3.77 -12.94 50.11
CA VAL A 623 -3.89 -14.26 50.74
C VAL A 623 -2.51 -14.89 50.89
N CYS A 624 -1.68 -14.78 49.85
CA CYS A 624 -0.34 -15.36 49.90
C CYS A 624 0.49 -14.75 51.02
N THR A 625 0.46 -13.41 51.14
CA THR A 625 1.29 -12.77 52.17
C THR A 625 0.74 -13.03 53.56
N LEU A 626 -0.59 -13.11 53.72
CA LEU A 626 -1.15 -13.47 55.02
C LEU A 626 -0.78 -14.88 55.43
N ARG A 627 -0.81 -15.83 54.48
CA ARG A 627 -0.37 -17.19 54.80
C ARG A 627 1.11 -17.22 55.14
N ARG A 628 1.93 -16.50 54.37
CA ARG A 628 3.37 -16.49 54.63
C ARG A 628 3.68 -15.89 56.01
N LEU A 629 2.95 -14.84 56.38
CA LEU A 629 3.05 -14.31 57.74
C LEU A 629 2.66 -15.37 58.77
N GLY A 630 1.39 -15.79 58.75
CA GLY A 630 0.87 -16.59 59.83
C GLY A 630 1.56 -17.91 60.02
N LEU A 631 1.79 -18.65 58.93
CA LEU A 631 2.33 -20.00 59.03
C LEU A 631 3.64 -20.01 59.82
N GLY A 632 4.46 -19.00 59.64
CA GLY A 632 5.71 -18.90 60.37
C GLY A 632 5.56 -18.21 61.72
N THR A 633 4.80 -17.11 61.77
CA THR A 633 4.74 -16.30 62.97
C THR A 633 4.06 -17.04 64.12
N ALA A 634 2.97 -17.76 63.83
CA ALA A 634 2.27 -18.47 64.89
C ALA A 634 3.15 -19.54 65.51
N PHE A 635 3.83 -20.32 64.66
CA PHE A 635 4.74 -21.35 65.18
C PHE A 635 5.89 -20.74 65.96
N SER A 636 6.46 -19.65 65.43
CA SER A 636 7.59 -19.01 66.09
C SER A 636 7.20 -18.49 67.47
N VAL A 637 6.05 -17.83 67.57
CA VAL A 637 5.64 -17.29 68.87
C VAL A 637 5.25 -18.41 69.83
N CYS A 638 4.59 -19.46 69.32
CA CYS A 638 4.14 -20.54 70.20
C CYS A 638 5.33 -21.32 70.76
N TYR A 639 6.42 -21.45 70.00
CA TYR A 639 7.61 -22.08 70.55
C TYR A 639 8.50 -21.12 71.32
N SER A 640 8.49 -19.83 70.99
CA SER A 640 9.28 -18.86 71.75
C SER A 640 8.71 -18.68 73.16
N ALA A 641 7.39 -18.69 73.30
CA ALA A 641 6.80 -18.63 74.63
C ALA A 641 7.18 -19.85 75.46
N LEU A 642 7.17 -21.04 74.84
CA LEU A 642 7.58 -22.24 75.55
C LEU A 642 9.06 -22.17 75.94
N LEU A 643 9.90 -21.65 75.05
CA LEU A 643 11.32 -21.50 75.38
C LEU A 643 11.52 -20.53 76.54
N THR A 644 10.77 -19.42 76.53
CA THR A 644 10.86 -18.46 77.63
C THR A 644 10.40 -19.08 78.94
N LYS A 645 9.34 -19.89 78.89
CA LYS A 645 8.91 -20.62 80.08
C LYS A 645 9.99 -21.57 80.58
N THR A 646 10.65 -22.27 79.64
CA THR A 646 11.78 -23.12 80.01
C THR A 646 12.98 -22.29 80.45
N ASN A 647 13.13 -21.08 79.90
CA ASN A 647 14.22 -20.21 80.33
C ASN A 647 14.06 -19.82 81.79
N ARG A 648 12.83 -19.62 82.25
CA ARG A 648 12.60 -19.35 83.66
C ARG A 648 13.04 -20.52 84.53
N ILE A 649 12.74 -21.75 84.10
CA ILE A 649 13.23 -22.92 84.82
C ILE A 649 14.75 -23.04 84.69
N ALA A 650 15.28 -22.69 83.52
CA ALA A 650 16.73 -22.73 83.33
C ALA A 650 17.43 -21.72 84.23
N ARG A 651 16.83 -20.54 84.41
CA ARG A 651 17.42 -19.54 85.28
C ARG A 651 17.46 -20.00 86.73
N ILE A 652 16.46 -20.77 87.16
CA ILE A 652 16.45 -21.30 88.52
C ILE A 652 17.62 -22.27 88.73
N PHE A 653 17.87 -23.13 87.75
CA PHE A 653 18.96 -24.09 87.84
C PHE A 653 20.30 -23.40 87.63
N ARG A 664 21.05 -14.33 84.08
CA ARG A 664 21.03 -13.08 84.82
C ARG A 664 20.02 -13.14 85.97
N PHE A 665 18.76 -12.84 85.67
CA PHE A 665 17.70 -12.86 86.67
C PHE A 665 16.47 -13.52 86.06
N ILE A 666 15.59 -14.00 86.95
CA ILE A 666 14.35 -14.64 86.49
C ILE A 666 13.50 -13.64 85.72
N SER A 667 13.30 -12.45 86.29
CA SER A 667 12.59 -11.35 85.66
C SER A 667 11.22 -11.78 85.13
N PRO A 668 10.24 -12.03 86.02
CA PRO A 668 8.92 -12.47 85.54
C PRO A 668 8.26 -11.46 84.61
N ALA A 669 8.47 -10.17 84.83
CA ALA A 669 7.89 -9.16 83.94
C ALA A 669 8.61 -9.08 82.61
N SER A 670 9.88 -9.48 82.54
CA SER A 670 10.66 -9.40 81.31
C SER A 670 10.58 -10.66 80.47
N GLN A 671 9.94 -11.73 80.97
CA GLN A 671 9.80 -12.94 80.17
C GLN A 671 8.96 -12.69 78.92
N VAL A 672 7.87 -11.94 79.07
CA VAL A 672 7.04 -11.60 77.92
C VAL A 672 7.82 -10.76 76.92
N ALA A 673 8.64 -9.83 77.41
CA ALA A 673 9.46 -9.01 76.52
C ALA A 673 10.47 -9.86 75.77
N ILE A 674 11.09 -10.84 76.45
CA ILE A 674 12.06 -11.71 75.80
C ILE A 674 11.38 -12.56 74.74
N CYS A 675 10.19 -13.10 75.05
CA CYS A 675 9.46 -13.88 74.07
C CYS A 675 9.05 -13.02 72.88
N LEU A 676 8.64 -11.77 73.13
CA LEU A 676 8.28 -10.87 72.05
C LEU A 676 9.48 -10.55 71.17
N ALA A 677 10.66 -10.39 71.78
CA ALA A 677 11.87 -10.17 71.00
C ALA A 677 12.20 -11.38 70.14
N LEU A 678 12.04 -12.58 70.71
CA LEU A 678 12.29 -13.80 69.94
C LEU A 678 11.34 -13.91 68.77
N ILE A 679 10.07 -13.55 68.97
CA ILE A 679 9.10 -13.55 67.88
C ILE A 679 9.44 -12.47 66.85
N SER A 680 9.92 -11.32 67.32
CA SER A 680 10.22 -10.21 66.44
C SER A 680 11.43 -10.49 65.56
N GLY A 681 12.39 -11.28 66.05
CA GLY A 681 13.49 -11.68 65.19
C GLY A 681 13.02 -12.51 64.02
N GLN A 682 12.16 -13.49 64.29
CA GLN A 682 11.59 -14.30 63.22
C GLN A 682 10.73 -13.45 62.30
N LEU A 683 10.01 -12.47 62.86
CA LEU A 683 9.19 -11.58 62.03
C LEU A 683 10.06 -10.71 61.13
N LEU A 684 11.21 -10.26 61.63
CA LEU A 684 12.15 -9.53 60.79
C LEU A 684 12.69 -10.40 59.67
N ILE A 685 13.01 -11.67 59.97
CA ILE A 685 13.43 -12.59 58.92
C ILE A 685 12.32 -12.76 57.88
N VAL A 686 11.07 -12.87 58.36
CA VAL A 686 9.93 -13.06 57.46
C VAL A 686 9.75 -11.84 56.56
N VAL A 687 9.85 -10.64 57.13
CA VAL A 687 9.67 -9.43 56.32
C VAL A 687 10.82 -9.28 55.33
N ALA A 688 12.03 -9.69 55.72
CA ALA A 688 13.15 -9.67 54.79
C ALA A 688 12.91 -10.61 53.61
N TRP A 689 12.51 -11.85 53.89
CA TRP A 689 12.21 -12.80 52.84
C TRP A 689 10.93 -12.48 52.10
N LEU A 690 10.14 -11.53 52.61
CA LEU A 690 8.94 -11.06 51.93
C LEU A 690 9.21 -9.88 51.02
N VAL A 691 10.21 -9.05 51.34
CA VAL A 691 10.58 -7.92 50.49
C VAL A 691 11.55 -8.35 49.38
N VAL A 692 12.45 -9.30 49.70
CA VAL A 692 13.38 -9.77 48.67
C VAL A 692 12.73 -10.71 47.68
N GLU A 693 11.57 -11.30 48.02
CA GLU A 693 10.95 -12.30 47.16
C GLU A 693 9.97 -11.72 46.16
N ALA A 694 9.53 -10.48 46.34
CA ALA A 694 8.55 -9.83 45.47
C ALA A 694 7.30 -10.70 45.34
N PRO A 695 6.47 -10.79 46.37
CA PRO A 695 5.33 -11.71 46.33
C PRO A 695 4.34 -11.35 45.24
N GLY A 696 3.69 -12.37 44.70
CA GLY A 696 2.70 -12.19 43.67
C GLY A 696 1.83 -13.43 43.56
N THR A 697 0.89 -13.38 42.62
CA THR A 697 -0.02 -14.48 42.37
C THR A 697 0.26 -15.05 40.99
N GLY A 698 0.48 -16.37 40.92
CA GLY A 698 0.72 -17.01 39.65
C GLY A 698 -0.50 -16.97 38.76
N LYS A 699 -0.24 -16.88 37.44
CA LYS A 699 -1.33 -16.82 36.49
C LYS A 699 -2.17 -18.10 36.51
N GLU A 700 -1.50 -19.25 36.56
CA GLU A 700 -2.19 -20.54 36.60
C GLU A 700 -1.18 -21.62 36.99
N THR A 701 -1.63 -22.55 37.83
CA THR A 701 -0.82 -23.69 38.24
C THR A 701 -1.00 -24.89 37.33
N ALA A 702 -1.79 -24.76 36.26
CA ALA A 702 -2.06 -25.87 35.36
C ALA A 702 -0.82 -26.23 34.56
N PRO A 703 -0.73 -27.48 34.08
CA PRO A 703 0.39 -27.87 33.21
C PRO A 703 0.28 -27.25 31.83
N GLU A 704 1.19 -27.66 30.93
CA GLU A 704 1.22 -27.08 29.59
C GLU A 704 -0.09 -27.30 28.85
N ARG A 705 -0.66 -28.50 28.96
CA ARG A 705 -1.91 -28.84 28.28
C ARG A 705 -2.77 -29.66 29.22
N ARG A 706 -3.66 -28.99 29.95
CA ARG A 706 -4.57 -29.64 30.89
C ARG A 706 -5.65 -28.63 31.25
N GLU A 707 -6.53 -29.01 32.18
CA GLU A 707 -7.58 -28.10 32.64
C GLU A 707 -6.99 -26.91 33.38
N VAL A 708 -7.59 -25.74 33.18
CA VAL A 708 -7.07 -24.52 33.78
C VAL A 708 -7.31 -24.54 35.28
N VAL A 709 -6.25 -24.29 36.05
CA VAL A 709 -6.34 -24.22 37.50
C VAL A 709 -5.25 -23.28 38.00
N THR A 710 -5.60 -22.44 38.98
CA THR A 710 -4.69 -21.46 39.55
C THR A 710 -4.64 -21.65 41.07
N LEU A 711 -3.67 -22.44 41.53
CA LEU A 711 -3.50 -22.69 42.95
C LEU A 711 -2.08 -22.44 43.44
N ARG A 712 -1.15 -22.13 42.55
CA ARG A 712 0.23 -21.89 42.96
C ARG A 712 0.42 -20.46 43.43
N CYS A 713 1.52 -20.22 44.14
CA CYS A 713 1.86 -18.92 44.67
C CYS A 713 3.32 -18.61 44.37
N ASN A 714 3.68 -17.33 44.52
CA ASN A 714 5.04 -16.90 44.27
C ASN A 714 6.04 -17.49 45.25
N HIS A 715 5.58 -17.96 46.42
CA HIS A 715 6.47 -18.57 47.38
C HIS A 715 7.07 -19.85 46.84
N ARG A 716 8.35 -20.06 47.08
CA ARG A 716 9.08 -21.20 46.56
C ARG A 716 9.62 -22.05 47.71
N ASP A 717 10.15 -23.22 47.34
CA ASP A 717 10.73 -24.12 48.33
C ASP A 717 11.92 -23.48 49.04
N ALA A 718 12.77 -22.78 48.29
CA ALA A 718 13.90 -22.10 48.91
C ALA A 718 13.44 -20.99 49.84
N SER A 719 12.42 -20.23 49.42
CA SER A 719 11.89 -19.18 50.27
C SER A 719 11.31 -19.75 51.57
N MET A 720 10.60 -20.89 51.46
CA MET A 720 10.09 -21.53 52.66
C MET A 720 11.22 -22.03 53.55
N LEU A 721 12.26 -22.63 52.96
CA LEU A 721 13.37 -23.16 53.73
C LEU A 721 14.16 -22.05 54.41
N GLY A 722 14.15 -20.83 53.85
CA GLY A 722 14.83 -19.73 54.49
C GLY A 722 14.34 -19.49 55.91
N SER A 723 13.01 -19.49 56.10
CA SER A 723 12.45 -19.41 57.44
C SER A 723 12.54 -20.75 58.17
N LEU A 724 12.36 -21.85 57.42
CA LEU A 724 12.40 -23.17 58.04
C LEU A 724 13.72 -23.41 58.75
N ALA A 725 14.79 -22.75 58.32
CA ALA A 725 16.04 -22.80 59.08
C ALA A 725 15.84 -22.20 60.48
N TYR A 726 15.13 -21.07 60.56
CA TYR A 726 14.89 -20.46 61.87
C TYR A 726 14.00 -21.33 62.74
N ASN A 727 12.94 -21.90 62.17
CA ASN A 727 12.12 -22.81 62.97
C ASN A 727 12.87 -24.09 63.33
N VAL A 728 13.85 -24.51 62.52
CA VAL A 728 14.68 -25.65 62.89
C VAL A 728 15.58 -25.29 64.07
N LEU A 729 16.11 -24.07 64.07
CA LEU A 729 16.87 -23.59 65.23
C LEU A 729 16.00 -23.55 66.47
N LEU A 730 14.76 -23.08 66.33
CA LEU A 730 13.83 -23.05 67.46
C LEU A 730 13.53 -24.46 67.95
N ILE A 731 13.37 -25.42 67.04
CA ILE A 731 13.12 -26.80 67.42
C ILE A 731 14.32 -27.39 68.14
N ALA A 732 15.53 -27.03 67.70
CA ALA A 732 16.73 -27.48 68.39
C ALA A 732 16.80 -26.89 69.79
N LEU A 733 16.43 -25.63 69.95
CA LEU A 733 16.39 -25.02 71.28
C LEU A 733 15.36 -25.72 72.17
N CYS A 734 14.20 -26.05 71.61
CA CYS A 734 13.19 -26.79 72.37
C CYS A 734 13.69 -28.18 72.75
N THR A 735 14.42 -28.83 71.85
CA THR A 735 15.00 -30.14 72.15
C THR A 735 16.01 -30.04 73.28
N LEU A 736 16.83 -28.98 73.27
CA LEU A 736 17.78 -28.77 74.37
C LEU A 736 17.04 -28.52 75.68
N TYR A 737 15.97 -27.73 75.64
CA TYR A 737 15.18 -27.48 76.85
C TYR A 737 14.57 -28.79 77.39
N ALA A 738 14.09 -29.64 76.49
CA ALA A 738 13.58 -30.94 76.90
C ALA A 738 14.70 -31.81 77.49
N PHE A 739 15.89 -31.74 76.90
CA PHE A 739 17.04 -32.45 77.44
C PHE A 739 17.37 -31.95 78.84
N LYS A 740 17.06 -30.70 79.14
CA LYS A 740 17.11 -30.19 80.51
C LYS A 740 15.90 -30.79 81.24
N THR A 741 16.09 -31.99 81.75
CA THR A 741 15.00 -32.83 82.24
C THR A 741 14.55 -32.50 83.66
N ARG A 742 15.14 -31.50 84.30
CA ARG A 742 14.69 -31.10 85.63
C ARG A 742 13.22 -30.71 85.59
N LYS A 743 12.43 -31.30 86.49
CA LYS A 743 10.99 -31.14 86.47
C LYS A 743 10.53 -30.46 87.75
N CYS A 744 9.76 -29.38 87.60
CA CYS A 744 9.12 -28.75 88.75
C CYS A 744 8.04 -29.67 89.30
N PRO A 745 7.88 -29.73 90.63
CA PRO A 745 6.81 -30.59 91.19
C PRO A 745 5.42 -30.23 90.69
N GLU A 746 5.14 -28.94 90.44
CA GLU A 746 3.84 -28.56 89.92
C GLU A 746 3.71 -28.90 88.44
N ASN A 747 4.80 -28.80 87.68
CA ASN A 747 4.79 -29.04 86.24
C ASN A 747 5.67 -30.23 85.87
N PHE A 748 5.57 -31.31 86.65
CA PHE A 748 6.34 -32.51 86.34
C PHE A 748 5.93 -33.10 85.01
N ASN A 749 4.62 -33.16 84.73
CA ASN A 749 4.14 -33.68 83.46
C ASN A 749 4.58 -32.79 82.30
N GLU A 750 4.55 -31.46 82.50
CA GLU A 750 4.90 -30.55 81.43
C GLU A 750 6.38 -30.66 81.03
N ALA A 751 7.25 -30.99 81.99
CA ALA A 751 8.66 -31.14 81.67
C ALA A 751 8.89 -32.27 80.67
N LYS A 752 8.25 -33.42 80.90
CA LYS A 752 8.35 -34.51 79.94
C LYS A 752 7.52 -34.26 78.69
N PHE A 753 6.44 -33.47 78.81
CA PHE A 753 5.60 -33.17 77.65
C PHE A 753 6.37 -32.33 76.62
N ILE A 754 7.36 -31.57 77.05
CA ILE A 754 8.17 -30.80 76.11
C ILE A 754 8.91 -31.73 75.16
N GLY A 755 9.47 -32.82 75.70
CA GLY A 755 10.12 -33.80 74.85
C GLY A 755 9.16 -34.45 73.87
N PHE A 756 7.94 -34.73 74.33
CA PHE A 756 6.92 -35.29 73.44
C PHE A 756 6.58 -34.33 72.32
N THR A 757 6.43 -33.04 72.64
CA THR A 757 6.15 -32.04 71.60
C THR A 757 7.31 -31.95 70.61
N MET A 758 8.55 -31.95 71.11
CA MET A 758 9.70 -31.88 70.23
C MET A 758 9.77 -33.11 69.31
N TYR A 759 9.51 -34.30 69.86
CA TYR A 759 9.53 -35.51 69.04
C TYR A 759 8.42 -35.48 68.00
N THR A 760 7.23 -35.01 68.38
CA THR A 760 6.13 -34.92 67.43
C THR A 760 6.45 -33.94 66.30
N THR A 761 7.03 -32.79 66.65
CA THR A 761 7.41 -31.82 65.62
C THR A 761 8.49 -32.38 64.70
N CYS A 762 9.47 -33.08 65.26
CA CYS A 762 10.52 -33.68 64.43
C CYS A 762 9.95 -34.73 63.49
N ILE A 763 9.04 -35.57 64.00
CA ILE A 763 8.43 -36.59 63.16
C ILE A 763 7.59 -35.95 62.06
N ILE A 764 6.85 -34.90 62.40
CA ILE A 764 6.02 -34.22 61.40
C ILE A 764 6.89 -33.61 60.30
N TRP A 765 8.01 -32.98 60.70
CA TRP A 765 8.91 -32.40 59.70
C TRP A 765 9.55 -33.48 58.84
N LEU A 766 10.00 -34.58 59.46
CA LEU A 766 10.66 -35.64 58.71
C LEU A 766 9.69 -36.43 57.84
N ALA A 767 8.39 -36.34 58.10
CA ALA A 767 7.39 -36.91 57.21
C ALA A 767 6.95 -35.95 56.12
N PHE A 768 6.92 -34.64 56.42
CA PHE A 768 6.48 -33.66 55.45
C PHE A 768 7.54 -33.36 54.40
N LEU A 769 8.82 -33.39 54.78
CA LEU A 769 9.88 -33.06 53.83
C LEU A 769 9.91 -34.00 52.64
N PRO A 770 9.93 -35.33 52.80
CA PRO A 770 9.77 -36.19 51.61
C PRO A 770 8.43 -35.99 50.91
N ILE A 771 7.37 -35.72 51.68
CA ILE A 771 6.07 -35.45 51.08
C ILE A 771 6.13 -34.15 50.29
N PHE A 772 6.80 -33.12 50.83
CA PHE A 772 6.95 -31.87 50.10
C PHE A 772 7.74 -32.07 48.82
N TYR A 773 8.80 -32.87 48.87
CA TYR A 773 9.57 -33.15 47.66
C TYR A 773 8.73 -33.89 46.63
N VAL A 774 7.95 -34.89 47.07
CA VAL A 774 7.14 -35.66 46.13
C VAL A 774 5.97 -34.82 45.61
N THR A 775 5.30 -34.09 46.49
CA THR A 775 4.11 -33.31 46.14
C THR A 775 4.44 -31.89 45.73
N SER A 776 5.64 -31.64 45.19
CA SER A 776 5.98 -30.31 44.71
C SER A 776 5.07 -29.90 43.57
N SER A 777 4.80 -30.81 42.63
CA SER A 777 3.90 -30.51 41.53
C SER A 777 2.45 -30.49 41.99
N ASP A 778 2.09 -31.35 42.93
CA ASP A 778 0.72 -31.39 43.44
C ASP A 778 0.40 -30.14 44.23
N TYR A 779 -0.87 -29.71 44.15
CA TYR A 779 -1.35 -28.53 44.84
C TYR A 779 -2.36 -28.84 45.92
N ARG A 780 -3.42 -29.58 45.60
CA ARG A 780 -4.45 -29.90 46.59
C ARG A 780 -3.89 -30.81 47.68
N VAL A 781 -3.05 -31.77 47.30
CA VAL A 781 -2.48 -32.69 48.29
C VAL A 781 -1.57 -31.95 49.26
N GLN A 782 -0.75 -31.02 48.74
CA GLN A 782 0.18 -30.29 49.59
C GLN A 782 -0.57 -29.43 50.61
N THR A 783 -1.64 -28.76 50.18
CA THR A 783 -2.41 -27.93 51.10
C THR A 783 -3.06 -28.78 52.19
N THR A 784 -3.62 -29.93 51.81
CA THR A 784 -4.22 -30.82 52.80
C THR A 784 -3.19 -31.33 53.79
N THR A 785 -2.01 -31.70 53.30
CA THR A 785 -0.94 -32.17 54.18
C THR A 785 -0.50 -31.06 55.14
N MET A 786 -0.36 -29.84 54.64
CA MET A 786 0.03 -28.73 55.50
C MET A 786 -1.03 -28.46 56.56
N CYS A 787 -2.31 -28.49 56.18
CA CYS A 787 -3.38 -28.28 57.14
C CYS A 787 -3.39 -29.38 58.19
N VAL A 788 -3.18 -30.63 57.78
CA VAL A 788 -3.16 -31.75 58.73
C VAL A 788 -1.99 -31.59 59.70
N SER A 789 -0.82 -31.21 59.18
CA SER A 789 0.35 -31.01 60.05
C SER A 789 0.11 -29.87 61.04
N VAL A 790 -0.49 -28.77 60.58
CA VAL A 790 -0.76 -27.65 61.48
C VAL A 790 -1.76 -28.05 62.55
N SER A 791 -2.81 -28.78 62.16
CA SER A 791 -3.79 -29.24 63.15
C SER A 791 -3.17 -30.19 64.16
N LEU A 792 -2.30 -31.09 63.69
CA LEU A 792 -1.63 -32.02 64.60
C LEU A 792 -0.73 -31.28 65.58
N SER A 793 0.02 -30.29 65.09
CA SER A 793 0.88 -29.50 65.97
C SER A 793 0.06 -28.74 67.00
N GLY A 794 -1.06 -28.14 66.56
CA GLY A 794 -1.93 -27.44 67.49
C GLY A 794 -2.51 -28.35 68.55
N SER A 795 -2.95 -29.55 68.14
CA SER A 795 -3.50 -30.50 69.10
C SER A 795 -2.43 -30.97 70.08
N VAL A 796 -1.21 -31.19 69.60
CA VAL A 796 -0.12 -31.60 70.49
C VAL A 796 0.17 -30.50 71.51
N VAL A 797 0.22 -29.25 71.05
CA VAL A 797 0.47 -28.14 71.97
C VAL A 797 -0.65 -28.02 72.99
N LEU A 798 -1.90 -28.18 72.53
CA LEU A 798 -3.05 -28.10 73.44
C LEU A 798 -2.98 -29.20 74.50
N GLY A 799 -2.70 -30.43 74.08
CA GLY A 799 -2.56 -31.51 75.04
C GLY A 799 -1.40 -31.31 75.99
N CYS A 800 -0.33 -30.67 75.52
CA CYS A 800 0.82 -30.42 76.38
C CYS A 800 0.51 -29.35 77.43
N LEU A 801 -0.26 -28.33 77.06
CA LEU A 801 -0.43 -27.17 77.94
C LEU A 801 -1.77 -27.13 78.65
N PHE A 802 -2.88 -27.16 77.93
CA PHE A 802 -4.18 -26.90 78.55
C PHE A 802 -4.67 -28.12 79.33
N ALA A 803 -4.33 -29.32 78.87
CA ALA A 803 -4.86 -30.54 79.50
C ALA A 803 -4.52 -30.66 80.97
N PRO A 804 -3.26 -30.46 81.41
CA PRO A 804 -3.02 -30.45 82.86
C PRO A 804 -3.80 -29.36 83.59
N LYS A 805 -3.95 -28.19 82.96
CA LYS A 805 -4.74 -27.13 83.59
C LYS A 805 -6.20 -27.54 83.73
N LEU A 806 -6.77 -28.16 82.70
CA LEU A 806 -8.15 -28.64 82.78
C LEU A 806 -8.30 -29.71 83.85
N HIS A 807 -7.33 -30.62 83.95
CA HIS A 807 -7.38 -31.65 84.98
C HIS A 807 -7.31 -31.03 86.37
N ILE A 808 -6.46 -30.03 86.55
CA ILE A 808 -6.34 -29.36 87.85
C ILE A 808 -7.65 -28.63 88.18
N ILE A 809 -8.25 -27.97 87.19
CA ILE A 809 -9.50 -27.24 87.42
C ILE A 809 -10.61 -28.22 87.81
N LEU A 810 -10.68 -29.36 87.12
CA LEU A 810 -11.69 -30.36 87.46
C LEU A 810 -11.48 -30.93 88.85
N PHE A 811 -10.22 -31.16 89.23
CA PHE A 811 -9.92 -31.67 90.57
C PHE A 811 -10.31 -30.67 91.64
N GLN A 812 -10.04 -29.38 91.41
CA GLN A 812 -10.38 -28.35 92.38
C GLN A 812 -11.88 -28.08 92.41
N ARG B 39 -0.30 24.19 -55.52
CA ARG B 39 0.66 23.14 -55.18
C ARG B 39 2.00 23.39 -55.86
N ARG B 40 3.05 23.49 -55.05
CA ARG B 40 4.41 23.71 -55.54
C ARG B 40 5.31 22.58 -55.07
N GLU B 41 6.17 22.11 -55.96
CA GLU B 41 7.07 21.01 -55.65
C GLU B 41 8.29 21.09 -56.55
N ILE B 42 9.34 20.37 -56.16
CA ILE B 42 10.58 20.30 -56.92
C ILE B 42 10.75 18.84 -57.34
N LYS B 43 10.52 18.57 -58.62
CA LYS B 43 10.62 17.22 -59.17
C LYS B 43 11.78 17.17 -60.15
N ILE B 44 12.72 16.25 -59.91
CA ILE B 44 13.86 16.03 -60.79
C ILE B 44 13.84 14.58 -61.25
N GLU B 45 13.86 14.39 -62.57
CA GLU B 45 13.84 13.04 -63.11
C GLU B 45 15.18 12.34 -62.88
N GLY B 46 15.12 11.04 -62.63
CA GLY B 46 16.33 10.27 -62.41
C GLY B 46 15.99 8.82 -62.19
N ASP B 47 17.04 8.00 -62.08
CA ASP B 47 16.86 6.58 -61.85
C ASP B 47 16.21 6.31 -60.50
N LEU B 48 16.65 7.03 -59.46
CA LEU B 48 16.08 6.92 -58.13
C LEU B 48 15.73 8.31 -57.63
N VAL B 49 14.56 8.44 -57.01
CA VAL B 49 14.04 9.72 -56.57
C VAL B 49 13.89 9.68 -55.05
N LEU B 50 14.40 10.72 -54.39
CA LEU B 50 14.33 10.85 -52.94
C LEU B 50 13.29 11.90 -52.58
N GLY B 51 12.36 11.54 -51.71
CA GLY B 51 11.33 12.48 -51.28
C GLY B 51 11.86 13.51 -50.30
N GLY B 52 11.04 14.51 -50.04
CA GLY B 52 11.42 15.58 -49.14
C GLY B 52 10.24 16.31 -48.53
N LEU B 53 10.26 16.51 -47.22
CA LEU B 53 9.21 17.23 -46.51
C LEU B 53 9.86 18.25 -45.60
N PHE B 54 9.69 19.53 -45.92
CA PHE B 54 10.29 20.61 -45.17
C PHE B 54 9.24 21.65 -44.82
N PRO B 55 9.40 22.34 -43.68
CA PRO B 55 8.44 23.40 -43.31
C PRO B 55 8.82 24.75 -43.90
N ILE B 56 8.74 24.84 -45.23
CA ILE B 56 9.07 26.09 -45.91
C ILE B 56 8.11 27.20 -45.49
N ASN B 57 6.82 26.90 -45.44
CA ASN B 57 5.79 27.86 -45.09
C ASN B 57 5.45 27.73 -43.60
N GLU B 58 5.42 28.86 -42.90
CA GLU B 58 5.17 28.88 -41.47
C GLU B 58 4.59 30.24 -41.10
N LYS B 59 3.75 30.24 -40.05
CA LYS B 59 3.13 31.47 -39.58
C LYS B 59 4.19 32.36 -38.91
N GLY B 60 4.48 33.49 -39.52
CA GLY B 60 5.41 34.44 -38.95
C GLY B 60 4.71 35.62 -38.31
N THR B 61 4.67 36.75 -39.03
CA THR B 61 3.97 37.94 -38.58
C THR B 61 2.73 38.09 -39.46
N GLY B 62 1.64 37.48 -39.05
CA GLY B 62 0.41 37.52 -39.83
C GLY B 62 -0.64 36.64 -39.21
N THR B 63 -1.71 36.41 -39.99
CA THR B 63 -2.84 35.61 -39.54
C THR B 63 -2.95 34.27 -40.26
N GLU B 64 -2.31 34.11 -41.41
CA GLU B 64 -2.38 32.85 -42.14
C GLU B 64 -1.64 31.74 -41.38
N GLU B 65 -2.11 30.51 -41.55
CA GLU B 65 -1.48 29.38 -40.86
C GLU B 65 -0.04 29.18 -41.31
N CYS B 66 0.22 29.30 -42.61
CA CYS B 66 1.57 29.17 -43.14
C CYS B 66 1.82 30.22 -44.21
N GLY B 67 1.39 31.46 -43.96
CA GLY B 67 1.56 32.51 -44.95
C GLY B 67 3.00 32.87 -45.21
N ARG B 68 3.81 32.98 -44.16
CA ARG B 68 5.18 33.42 -44.29
C ARG B 68 6.08 32.24 -44.67
N ILE B 69 7.36 32.54 -44.89
CA ILE B 69 8.34 31.55 -45.35
C ILE B 69 9.47 31.48 -44.32
N ASN B 70 9.82 30.26 -43.92
CA ASN B 70 10.93 30.08 -42.99
C ASN B 70 12.25 30.38 -43.67
N GLU B 71 13.01 31.32 -43.11
CA GLU B 71 14.30 31.71 -43.67
C GLU B 71 15.47 30.92 -43.09
N ASP B 72 15.24 30.11 -42.05
CA ASP B 72 16.31 29.37 -41.42
C ASP B 72 15.97 27.89 -41.28
N ARG B 73 14.68 27.58 -41.15
CA ARG B 73 14.23 26.22 -40.91
C ARG B 73 13.86 25.48 -42.18
N GLY B 74 13.08 26.10 -43.06
CA GLY B 74 12.64 25.41 -44.27
C GLY B 74 13.53 25.62 -45.48
N ILE B 75 13.79 26.88 -45.82
CA ILE B 75 14.56 27.18 -47.02
C ILE B 75 15.99 26.69 -46.89
N GLN B 76 16.62 26.91 -45.72
CA GLN B 76 17.99 26.48 -45.53
C GLN B 76 18.12 24.96 -45.64
N ARG B 77 17.19 24.22 -45.04
CA ARG B 77 17.27 22.77 -45.09
C ARG B 77 16.95 22.25 -46.48
N LEU B 78 16.02 22.90 -47.20
CA LEU B 78 15.76 22.52 -48.58
C LEU B 78 16.99 22.71 -49.45
N GLU B 79 17.67 23.85 -49.30
CA GLU B 79 18.88 24.10 -50.06
C GLU B 79 19.99 23.14 -49.66
N ALA B 80 20.07 22.77 -48.38
CA ALA B 80 21.06 21.78 -47.95
C ALA B 80 20.79 20.43 -48.60
N MET B 81 19.53 20.01 -48.65
CA MET B 81 19.20 18.75 -49.32
C MET B 81 19.52 18.80 -50.80
N LEU B 82 19.21 19.92 -51.46
CA LEU B 82 19.51 20.06 -52.88
C LEU B 82 21.02 20.01 -53.12
N PHE B 83 21.79 20.68 -52.26
CA PHE B 83 23.24 20.66 -52.37
C PHE B 83 23.80 19.26 -52.17
N ALA B 84 23.29 18.53 -51.17
CA ALA B 84 23.72 17.15 -50.98
C ALA B 84 23.39 16.29 -52.20
N ILE B 85 22.19 16.47 -52.75
CA ILE B 85 21.76 15.65 -53.89
C ILE B 85 22.64 15.93 -55.10
N ASP B 86 22.90 17.21 -55.40
CA ASP B 86 23.64 17.51 -56.62
C ASP B 86 25.15 17.34 -56.44
N GLU B 87 25.63 17.23 -55.20
CA GLU B 87 27.01 16.75 -55.00
C GLU B 87 27.09 15.24 -55.12
N ILE B 88 26.04 14.53 -54.69
CA ILE B 88 26.03 13.07 -54.85
C ILE B 88 25.94 12.68 -56.32
N ASN B 89 25.15 13.43 -57.10
CA ASN B 89 25.00 13.11 -58.51
C ASN B 89 26.32 13.20 -59.27
N LYS B 90 27.18 14.15 -58.89
CA LYS B 90 28.48 14.30 -59.52
C LYS B 90 29.58 13.56 -58.76
N ASP B 91 29.23 12.82 -57.72
CA ASP B 91 30.21 12.04 -56.96
C ASP B 91 30.52 10.74 -57.70
N ASP B 92 31.80 10.35 -57.67
CA ASP B 92 32.25 9.15 -58.35
C ASP B 92 32.39 7.94 -57.42
N TYR B 93 32.75 8.15 -56.16
CA TYR B 93 32.82 7.04 -55.21
C TYR B 93 31.45 6.67 -54.62
N LEU B 94 30.42 7.46 -54.87
CA LEU B 94 29.08 7.18 -54.37
C LEU B 94 28.11 7.21 -55.53
N LEU B 95 27.44 6.09 -55.78
CA LEU B 95 26.48 5.92 -56.86
C LEU B 95 27.06 6.36 -58.20
N PRO B 96 28.01 5.61 -58.75
CA PRO B 96 28.58 6.01 -60.05
C PRO B 96 27.64 5.65 -61.19
N GLY B 97 27.33 6.65 -62.02
CA GLY B 97 26.46 6.45 -63.15
C GLY B 97 24.97 6.49 -62.85
N VAL B 98 24.58 6.72 -61.59
CA VAL B 98 23.18 6.77 -61.19
C VAL B 98 22.88 8.18 -60.69
N LYS B 99 21.83 8.79 -61.24
CA LYS B 99 21.42 10.13 -60.86
C LYS B 99 20.29 10.06 -59.86
N LEU B 100 20.37 10.89 -58.81
CA LEU B 100 19.37 10.92 -57.75
C LEU B 100 18.45 12.11 -57.97
N GLY B 101 17.15 11.85 -58.03
CA GLY B 101 16.15 12.88 -58.16
C GLY B 101 15.57 13.28 -56.81
N VAL B 102 14.75 14.33 -56.84
CA VAL B 102 14.13 14.86 -55.64
C VAL B 102 12.64 15.05 -55.88
N HIS B 103 11.85 14.94 -54.82
CA HIS B 103 10.42 15.20 -54.82
C HIS B 103 10.04 16.03 -53.61
N ILE B 104 10.81 17.11 -53.39
CA ILE B 104 10.62 17.93 -52.19
C ILE B 104 9.25 18.58 -52.23
N LEU B 105 8.55 18.51 -51.09
CA LEU B 105 7.22 19.08 -50.94
C LEU B 105 7.20 19.98 -49.70
N ASP B 106 6.05 20.56 -49.43
CA ASP B 106 5.86 21.45 -48.28
C ASP B 106 4.98 20.76 -47.23
N THR B 107 5.00 21.32 -46.02
CA THR B 107 4.19 20.80 -44.92
C THR B 107 3.39 21.86 -44.19
N CYS B 108 3.76 23.15 -44.29
CA CYS B 108 3.08 24.25 -43.60
C CYS B 108 3.07 24.07 -42.09
N SER B 109 4.03 23.30 -41.56
CA SER B 109 4.13 23.03 -40.12
C SER B 109 2.85 22.41 -39.57
N ARG B 110 2.16 21.60 -40.37
CA ARG B 110 0.92 20.96 -39.97
C ARG B 110 0.99 19.47 -40.30
N ASP B 111 0.47 18.65 -39.39
CA ASP B 111 0.48 17.21 -39.61
C ASP B 111 -0.58 16.80 -40.64
N THR B 112 -1.75 17.43 -40.60
CA THR B 112 -2.80 17.11 -41.57
C THR B 112 -2.37 17.49 -42.99
N TYR B 113 -1.76 18.67 -43.15
CA TYR B 113 -1.28 19.06 -44.46
C TYR B 113 -0.17 18.14 -44.95
N ALA B 114 0.71 17.73 -44.05
CA ALA B 114 1.76 16.78 -44.42
C ALA B 114 1.18 15.46 -44.87
N LEU B 115 0.17 14.96 -44.16
CA LEU B 115 -0.49 13.72 -44.58
C LEU B 115 -1.16 13.88 -45.94
N GLU B 116 -1.80 15.03 -46.18
CA GLU B 116 -2.47 15.25 -47.45
C GLU B 116 -1.47 15.31 -48.60
N GLN B 117 -0.32 15.97 -48.38
CA GLN B 117 0.65 16.18 -49.43
C GLN B 117 1.65 15.02 -49.58
N SER B 118 1.66 14.08 -48.65
CA SER B 118 2.57 12.94 -48.74
C SER B 118 1.98 11.77 -49.53
N LEU B 119 0.74 11.90 -50.02
CA LEU B 119 0.14 10.83 -50.81
C LEU B 119 0.78 10.69 -52.17
N GLU B 120 1.54 11.69 -52.62
CA GLU B 120 2.22 11.60 -53.90
C GLU B 120 3.42 10.66 -53.86
N PHE B 121 3.91 10.34 -52.66
CA PHE B 121 5.03 9.40 -52.55
C PHE B 121 4.60 7.97 -52.84
N VAL B 122 3.33 7.66 -52.65
CA VAL B 122 2.79 6.33 -52.90
C VAL B 122 1.93 6.28 -54.15
N ARG B 123 1.84 7.37 -54.90
CA ARG B 123 1.02 7.38 -56.12
C ARG B 123 1.59 6.43 -57.17
N ALA B 124 2.91 6.37 -57.29
CA ALA B 124 3.55 5.51 -58.28
C ALA B 124 3.56 4.04 -57.87
N SER B 125 3.20 3.72 -56.63
CA SER B 125 3.21 2.35 -56.14
C SER B 125 1.87 1.65 -56.32
N LEU B 126 0.88 2.31 -56.91
CA LEU B 126 -0.43 1.69 -57.10
C LEU B 126 -0.38 0.63 -58.20
N THR B 127 0.01 1.04 -59.40
CA THR B 127 0.09 0.14 -60.55
C THR B 127 -1.23 -0.57 -60.82
N ASN B 146 1.59 15.72 -64.33
CA ASN B 146 1.77 15.21 -62.97
C ASN B 146 1.91 13.69 -62.99
N ILE B 147 2.86 13.20 -63.79
CA ILE B 147 3.11 11.77 -63.90
C ILE B 147 3.67 11.23 -62.59
N PRO B 148 3.14 10.12 -62.09
CA PRO B 148 3.68 9.53 -60.86
C PRO B 148 5.18 9.31 -60.96
N LEU B 149 5.88 9.63 -59.87
CA LEU B 149 7.31 9.38 -59.75
C LEU B 149 7.56 8.47 -58.54
N LEU B 150 8.32 7.40 -58.75
CA LEU B 150 8.55 6.38 -57.74
C LEU B 150 9.61 6.90 -56.76
N ILE B 151 9.24 6.98 -55.49
CA ILE B 151 10.13 7.50 -54.45
C ILE B 151 10.85 6.32 -53.80
N ALA B 152 12.18 6.30 -53.91
CA ALA B 152 12.97 5.27 -53.23
C ALA B 152 12.98 5.49 -51.73
N GLY B 153 13.17 6.73 -51.29
CA GLY B 153 13.17 7.04 -49.88
C GLY B 153 12.69 8.47 -49.65
N VAL B 154 12.13 8.69 -48.47
CA VAL B 154 11.54 9.98 -48.10
C VAL B 154 12.32 10.55 -46.93
N ILE B 155 12.77 11.79 -47.06
CA ILE B 155 13.41 12.49 -45.96
C ILE B 155 12.34 12.97 -44.99
N GLY B 156 12.53 12.65 -43.71
CA GLY B 156 11.49 12.90 -42.73
C GLY B 156 11.23 14.37 -42.49
N GLY B 157 10.09 14.64 -41.86
CA GLY B 157 9.71 16.01 -41.57
C GLY B 157 10.52 16.61 -40.43
N SER B 158 10.37 17.92 -40.27
CA SER B 158 11.10 18.67 -39.26
C SER B 158 10.38 18.71 -37.91
N TYR B 159 9.14 18.24 -37.84
CA TYR B 159 8.37 18.26 -36.60
C TYR B 159 8.01 16.84 -36.19
N SER B 160 7.89 16.63 -34.88
CA SER B 160 7.64 15.29 -34.36
C SER B 160 6.28 14.77 -34.81
N SER B 161 5.25 15.62 -34.75
CA SER B 161 3.92 15.18 -35.19
C SER B 161 3.90 14.90 -36.69
N VAL B 162 4.52 15.78 -37.49
CA VAL B 162 4.56 15.56 -38.93
C VAL B 162 5.33 14.29 -39.26
N SER B 163 6.47 14.09 -38.61
CA SER B 163 7.25 12.88 -38.86
C SER B 163 6.47 11.64 -38.46
N ILE B 164 5.74 11.70 -37.34
CA ILE B 164 4.94 10.56 -36.89
C ILE B 164 3.86 10.24 -37.94
N GLN B 165 3.18 11.28 -38.43
CA GLN B 165 2.11 11.05 -39.39
C GLN B 165 2.64 10.47 -40.70
N VAL B 166 3.76 11.01 -41.21
CA VAL B 166 4.33 10.47 -42.45
C VAL B 166 4.84 9.05 -42.23
N ALA B 167 5.40 8.75 -41.06
CA ALA B 167 5.84 7.40 -40.77
C ALA B 167 4.67 6.43 -40.75
N ASN B 168 3.56 6.83 -40.12
CA ASN B 168 2.37 5.99 -40.10
C ASN B 168 1.83 5.78 -41.50
N LEU B 169 1.83 6.82 -42.33
CA LEU B 169 1.32 6.69 -43.69
C LEU B 169 2.21 5.78 -44.53
N LEU B 170 3.53 5.92 -44.40
CA LEU B 170 4.47 5.19 -45.24
C LEU B 170 4.80 3.78 -44.73
N ARG B 171 4.42 3.45 -43.50
CA ARG B 171 4.66 2.11 -43.00
C ARG B 171 3.89 1.07 -43.82
N LEU B 172 2.65 1.38 -44.17
CA LEU B 172 1.83 0.44 -44.94
C LEU B 172 2.40 0.20 -46.33
N PHE B 173 2.92 1.25 -46.97
CA PHE B 173 3.43 1.15 -48.33
C PHE B 173 4.91 0.76 -48.38
N GLN B 174 5.54 0.55 -47.22
CA GLN B 174 6.93 0.08 -47.13
C GLN B 174 7.88 1.05 -47.84
N ILE B 175 7.92 2.28 -47.34
CA ILE B 175 8.79 3.32 -47.86
C ILE B 175 9.71 3.77 -46.72
N PRO B 176 11.03 3.58 -46.83
CA PRO B 176 11.93 4.02 -45.76
C PRO B 176 11.89 5.53 -45.58
N GLN B 177 12.05 5.96 -44.33
CA GLN B 177 12.03 7.39 -44.01
C GLN B 177 13.14 7.70 -43.03
N ILE B 178 13.92 8.74 -43.32
CA ILE B 178 14.99 9.22 -42.45
C ILE B 178 14.72 10.69 -42.14
N SER B 179 14.67 11.02 -40.86
CA SER B 179 14.41 12.38 -40.41
C SER B 179 15.70 13.07 -40.01
N TYR B 180 15.65 14.41 -39.99
CA TYR B 180 16.82 15.21 -39.66
C TYR B 180 16.65 16.06 -38.40
N ALA B 181 15.43 16.33 -37.96
CA ALA B 181 15.21 17.18 -36.80
C ALA B 181 14.11 16.70 -35.87
N SER B 182 13.52 15.53 -36.11
CA SER B 182 12.41 15.04 -35.30
C SER B 182 12.98 14.34 -34.08
N THR B 183 13.15 15.10 -32.99
CA THR B 183 13.64 14.57 -31.72
C THR B 183 12.42 14.34 -30.83
N SER B 184 11.88 13.12 -30.88
CA SER B 184 10.71 12.77 -30.09
C SER B 184 10.91 11.39 -29.47
N ALA B 185 10.60 11.28 -28.18
CA ALA B 185 10.69 9.98 -27.51
C ALA B 185 9.53 9.06 -27.89
N LYS B 186 8.42 9.62 -28.39
CA LYS B 186 7.31 8.79 -28.85
C LYS B 186 7.71 7.95 -30.05
N LEU B 187 8.65 8.42 -30.85
CA LEU B 187 9.11 7.68 -32.02
C LEU B 187 10.10 6.60 -31.57
N SER B 188 10.81 6.01 -32.53
CA SER B 188 11.76 4.93 -32.33
C SER B 188 11.12 3.66 -31.79
N ASP B 189 9.80 3.58 -31.83
CA ASP B 189 9.08 2.37 -31.44
C ASP B 189 8.91 1.48 -32.66
N LYS B 190 9.54 0.32 -32.66
CA LYS B 190 9.53 -0.58 -33.81
C LYS B 190 8.24 -1.37 -33.94
N SER B 191 7.21 -1.03 -33.17
CA SER B 191 5.90 -1.69 -33.28
C SER B 191 4.91 -0.90 -34.11
N ARG B 192 4.97 0.44 -34.09
CA ARG B 192 4.10 1.29 -34.87
C ARG B 192 4.85 2.18 -35.86
N TYR B 193 6.18 2.27 -35.76
CA TYR B 193 7.01 3.11 -36.61
C TYR B 193 8.11 2.28 -37.24
N ASP B 194 7.73 1.14 -37.84
CA ASP B 194 8.71 0.19 -38.36
C ASP B 194 9.59 0.83 -39.43
N TYR B 195 9.00 1.57 -40.35
CA TYR B 195 9.74 2.21 -41.43
C TYR B 195 9.99 3.67 -41.08
N PHE B 196 10.95 3.88 -40.17
CA PHE B 196 11.33 5.22 -39.77
C PHE B 196 12.75 5.19 -39.22
N ALA B 197 13.47 6.29 -39.43
CA ALA B 197 14.82 6.45 -38.91
C ALA B 197 15.11 7.93 -38.76
N ARG B 198 16.13 8.25 -37.98
CA ARG B 198 16.50 9.64 -37.76
C ARG B 198 17.97 9.71 -37.37
N THR B 199 18.59 10.84 -37.72
CA THR B 199 19.98 11.12 -37.35
C THR B 199 20.10 11.83 -36.01
N VAL B 200 18.98 12.20 -35.39
CA VAL B 200 19.00 12.98 -34.15
C VAL B 200 18.56 12.10 -32.98
N PRO B 201 19.08 12.33 -31.78
CA PRO B 201 18.68 11.53 -30.62
C PRO B 201 17.30 11.91 -30.13
N PRO B 202 16.66 11.05 -29.32
CA PRO B 202 15.32 11.38 -28.80
C PRO B 202 15.34 12.44 -27.72
N ASP B 203 14.17 12.69 -27.12
CA ASP B 203 14.05 13.69 -26.07
C ASP B 203 14.51 13.20 -24.70
N PHE B 204 14.85 11.91 -24.57
CA PHE B 204 15.31 11.40 -23.28
C PHE B 204 16.61 12.08 -22.86
N TYR B 205 17.59 12.13 -23.77
CA TYR B 205 18.86 12.76 -23.45
C TYR B 205 18.70 14.26 -23.23
N GLN B 206 17.80 14.90 -23.98
CA GLN B 206 17.54 16.32 -23.78
C GLN B 206 16.95 16.58 -22.39
N ALA B 207 16.00 15.73 -21.96
CA ALA B 207 15.44 15.87 -20.63
C ALA B 207 16.48 15.62 -19.55
N LYS B 208 17.36 14.63 -19.77
CA LYS B 208 18.45 14.39 -18.82
C LYS B 208 19.37 15.59 -18.72
N ALA B 209 19.71 16.20 -19.87
CA ALA B 209 20.55 17.38 -19.85
C ALA B 209 19.88 18.55 -19.14
N MET B 210 18.57 18.72 -19.37
CA MET B 210 17.84 19.79 -18.69
C MET B 210 17.83 19.57 -17.17
N ALA B 211 17.62 18.33 -16.74
CA ALA B 211 17.66 18.04 -15.31
C ALA B 211 19.06 18.30 -14.76
N GLU B 212 20.09 17.95 -15.51
CA GLU B 212 21.46 18.16 -15.05
C GLU B 212 21.78 19.65 -14.90
N ILE B 213 21.36 20.47 -15.86
CA ILE B 213 21.66 21.91 -15.77
C ILE B 213 20.82 22.53 -14.65
N LEU B 214 19.57 22.08 -14.48
CA LEU B 214 18.76 22.58 -13.38
C LEU B 214 19.38 22.25 -12.03
N ARG B 215 19.92 21.03 -11.89
CA ARG B 215 20.59 20.66 -10.65
C ARG B 215 21.90 21.40 -10.46
N PHE B 216 22.58 21.74 -11.56
CA PHE B 216 23.87 22.42 -11.46
C PHE B 216 23.72 23.80 -10.82
N PHE B 217 22.68 24.54 -11.21
CA PHE B 217 22.43 25.88 -10.69
C PHE B 217 21.55 25.88 -9.44
N ASN B 218 21.36 24.71 -8.82
CA ASN B 218 20.54 24.57 -7.62
C ASN B 218 19.12 25.09 -7.84
N TRP B 219 18.58 24.82 -9.04
CA TRP B 219 17.21 25.19 -9.38
C TRP B 219 16.29 24.03 -9.04
N THR B 220 15.43 24.23 -8.04
CA THR B 220 14.53 23.19 -7.56
C THR B 220 13.07 23.45 -7.90
N TYR B 221 12.56 24.63 -7.58
CA TYR B 221 11.16 24.97 -7.80
C TYR B 221 11.08 25.85 -9.05
N VAL B 222 10.53 25.28 -10.13
CA VAL B 222 10.50 25.94 -11.43
C VAL B 222 9.06 25.91 -11.96
N SER B 223 8.81 26.74 -12.97
CA SER B 223 7.55 26.76 -13.68
C SER B 223 7.73 26.15 -15.06
N THR B 224 6.73 25.41 -15.52
CA THR B 224 6.83 24.62 -16.73
C THR B 224 5.68 24.92 -17.68
N VAL B 225 5.99 25.02 -18.96
CA VAL B 225 5.00 25.19 -20.01
C VAL B 225 5.48 24.46 -21.26
N ALA B 226 4.57 23.79 -21.94
CA ALA B 226 4.90 23.00 -23.13
C ALA B 226 3.77 23.12 -24.14
N SER B 227 3.92 22.39 -25.24
CA SER B 227 2.93 22.39 -26.30
C SER B 227 2.05 21.14 -26.21
N GLU B 228 0.94 21.17 -26.95
CA GLU B 228 -0.01 20.07 -26.98
C GLU B 228 0.25 19.07 -28.09
N GLY B 229 1.28 19.28 -28.90
CA GLY B 229 1.59 18.39 -30.00
C GLY B 229 2.31 17.13 -29.54
N ASP B 230 2.60 16.26 -30.51
CA ASP B 230 3.27 15.01 -30.21
C ASP B 230 4.69 15.21 -29.71
N TYR B 231 5.28 16.38 -29.94
CA TYR B 231 6.63 16.66 -29.45
C TYR B 231 6.60 17.09 -27.98
N GLY B 232 5.71 18.01 -27.63
CA GLY B 232 5.67 18.48 -26.26
C GLY B 232 5.18 17.45 -25.27
N GLU B 233 4.20 16.63 -25.66
CA GLU B 233 3.53 15.75 -24.71
C GLU B 233 4.50 14.71 -24.14
N THR B 234 5.25 14.01 -25.00
CA THR B 234 6.14 12.97 -24.51
C THR B 234 7.39 13.55 -23.87
N GLY B 235 7.94 14.61 -24.46
CA GLY B 235 9.12 15.23 -23.89
C GLY B 235 8.86 15.82 -22.51
N ILE B 236 7.68 16.40 -22.31
CA ILE B 236 7.38 16.98 -21.01
C ILE B 236 7.23 15.89 -19.96
N GLU B 237 6.65 14.74 -20.33
CA GLU B 237 6.56 13.63 -19.39
C GLU B 237 7.94 13.08 -19.04
N ALA B 238 8.82 12.98 -20.04
CA ALA B 238 10.19 12.58 -19.76
C ALA B 238 10.87 13.57 -18.83
N PHE B 239 10.60 14.86 -19.02
CA PHE B 239 11.16 15.88 -18.13
C PHE B 239 10.63 15.73 -16.72
N GLU B 240 9.34 15.44 -16.56
CA GLU B 240 8.77 15.22 -15.23
C GLU B 240 9.45 14.03 -14.54
N GLN B 241 9.64 12.94 -15.29
CA GLN B 241 10.29 11.78 -14.71
C GLN B 241 11.73 12.10 -14.30
N GLU B 242 12.48 12.74 -15.18
CA GLU B 242 13.87 13.05 -14.88
C GLU B 242 14.01 14.10 -13.79
N ALA B 243 12.99 14.93 -13.58
CA ALA B 243 13.04 15.93 -12.52
C ALA B 243 12.67 15.33 -11.17
N ARG B 244 11.65 14.47 -11.13
CA ARG B 244 11.31 13.78 -9.90
C ARG B 244 12.37 12.76 -9.51
N LEU B 245 13.19 12.30 -10.47
CA LEU B 245 14.33 11.46 -10.13
C LEU B 245 15.36 12.24 -9.33
N ARG B 246 15.53 13.54 -9.65
CA ARG B 246 16.54 14.37 -9.02
C ARG B 246 15.98 15.21 -7.87
N ASN B 247 14.82 14.84 -7.33
CA ASN B 247 14.24 15.48 -6.15
C ASN B 247 13.98 16.96 -6.38
N ILE B 248 13.53 17.31 -7.59
CA ILE B 248 13.06 18.65 -7.91
C ILE B 248 11.66 18.54 -8.49
N CYS B 249 10.83 19.55 -8.25
CA CYS B 249 9.45 19.56 -8.70
C CYS B 249 9.19 20.82 -9.53
N ILE B 250 7.93 20.99 -9.92
CA ILE B 250 7.52 22.10 -10.77
C ILE B 250 6.38 22.85 -10.10
N ALA B 251 6.30 24.15 -10.35
CA ALA B 251 5.19 24.95 -9.85
C ALA B 251 3.88 24.50 -10.48
N THR B 252 3.74 24.70 -11.79
CA THR B 252 2.58 24.27 -12.55
C THR B 252 3.04 23.85 -13.94
N ALA B 253 2.17 23.14 -14.64
CA ALA B 253 2.43 22.70 -16.01
C ALA B 253 1.30 23.19 -16.91
N GLU B 254 1.67 23.85 -18.02
CA GLU B 254 0.72 24.36 -18.99
C GLU B 254 0.98 23.72 -20.34
N LYS B 255 -0.10 23.55 -21.12
CA LYS B 255 -0.03 23.03 -22.47
C LYS B 255 -0.66 24.04 -23.42
N VAL B 256 0.08 24.40 -24.47
CA VAL B 256 -0.37 25.38 -25.44
C VAL B 256 -0.58 24.71 -26.79
N GLY B 257 -1.32 25.39 -27.66
CA GLY B 257 -1.60 24.87 -28.98
C GLY B 257 -1.54 25.97 -30.02
N ARG B 258 -1.66 25.56 -31.28
CA ARG B 258 -1.63 26.50 -32.40
C ARG B 258 -2.93 27.29 -32.47
N SER B 259 -2.95 28.46 -31.86
CA SER B 259 -4.14 29.30 -31.83
C SER B 259 -3.71 30.75 -31.60
N ASN B 260 -4.70 31.63 -31.48
CA ASN B 260 -4.42 33.04 -31.25
C ASN B 260 -3.81 33.25 -29.88
N ILE B 261 -2.96 34.28 -29.77
CA ILE B 261 -2.29 34.61 -28.52
C ILE B 261 -3.17 35.41 -27.58
N ARG B 262 -4.40 35.76 -27.99
CA ARG B 262 -5.25 36.59 -27.15
C ARG B 262 -5.64 35.86 -25.87
N LYS B 263 -6.03 34.60 -25.97
CA LYS B 263 -6.51 33.85 -24.81
C LYS B 263 -5.42 32.97 -24.19
N SER B 264 -4.89 32.01 -24.95
CA SER B 264 -4.09 30.94 -24.37
C SER B 264 -2.73 31.45 -23.89
N TYR B 265 -1.97 32.08 -24.78
CA TYR B 265 -0.64 32.55 -24.41
C TYR B 265 -0.73 33.66 -23.36
N ASP B 266 -1.72 34.54 -23.48
CA ASP B 266 -1.88 35.59 -22.47
C ASP B 266 -2.19 34.99 -21.11
N SER B 267 -3.07 33.99 -21.05
CA SER B 267 -3.37 33.34 -19.77
C SER B 267 -2.14 32.63 -19.21
N VAL B 268 -1.36 31.99 -20.09
CA VAL B 268 -0.15 31.31 -19.63
C VAL B 268 0.83 32.30 -19.03
N ILE B 269 1.04 33.43 -19.71
CA ILE B 269 1.97 34.44 -19.21
C ILE B 269 1.47 35.04 -17.90
N ARG B 270 0.16 35.31 -17.81
CA ARG B 270 -0.39 35.86 -16.57
C ARG B 270 -0.23 34.89 -15.42
N GLU B 271 -0.49 33.60 -15.66
CA GLU B 271 -0.33 32.59 -14.61
C GLU B 271 1.13 32.46 -14.19
N LEU B 272 2.05 32.52 -15.15
CA LEU B 272 3.47 32.48 -14.82
C LEU B 272 3.88 33.68 -13.97
N LEU B 273 3.36 34.86 -14.32
CA LEU B 273 3.65 36.06 -13.53
C LEU B 273 2.96 36.05 -12.18
N GLN B 274 1.92 35.22 -12.01
CA GLN B 274 1.21 35.14 -10.74
C GLN B 274 2.05 34.50 -9.63
N LYS B 275 3.18 33.89 -9.96
CA LYS B 275 4.07 33.26 -8.97
C LYS B 275 5.46 33.81 -9.18
N PRO B 276 5.75 35.01 -8.64
CA PRO B 276 7.08 35.61 -8.84
C PRO B 276 8.20 34.85 -8.18
N ASN B 277 7.91 33.97 -7.22
CA ASN B 277 8.96 33.24 -6.51
C ASN B 277 9.75 32.31 -7.42
N ALA B 278 9.16 31.86 -8.53
CA ALA B 278 9.84 31.02 -9.50
C ALA B 278 10.27 31.87 -10.68
N ARG B 279 11.57 31.93 -10.94
CA ARG B 279 12.11 32.78 -12.00
C ARG B 279 12.53 31.99 -13.24
N VAL B 280 13.22 30.88 -13.07
CA VAL B 280 13.67 30.09 -14.20
C VAL B 280 12.52 29.19 -14.67
N VAL B 281 12.38 29.07 -15.99
CA VAL B 281 11.32 28.27 -16.60
C VAL B 281 11.93 27.47 -17.75
N VAL B 282 11.24 26.39 -18.11
CA VAL B 282 11.66 25.53 -19.22
C VAL B 282 10.65 25.66 -20.35
N LEU B 283 11.09 25.28 -21.56
CA LEU B 283 10.28 25.42 -22.77
C LEU B 283 10.40 24.14 -23.60
N PHE B 284 9.49 23.20 -23.38
CA PHE B 284 9.36 22.02 -24.24
C PHE B 284 8.26 22.27 -25.29
N MET B 285 8.46 23.33 -26.07
CA MET B 285 7.44 23.83 -26.96
C MET B 285 8.07 24.21 -28.30
N ARG B 286 7.26 24.10 -29.36
CA ARG B 286 7.77 24.22 -30.72
C ARG B 286 8.13 25.68 -31.04
N SER B 287 8.96 25.84 -32.08
CA SER B 287 9.46 27.17 -32.45
C SER B 287 8.34 28.09 -32.91
N ASP B 288 7.41 27.56 -33.72
CA ASP B 288 6.33 28.39 -34.24
C ASP B 288 5.45 28.91 -33.11
N ASP B 289 5.21 28.09 -32.10
CA ASP B 289 4.54 28.56 -30.89
C ASP B 289 5.48 29.37 -30.00
N SER B 290 6.77 29.08 -30.03
CA SER B 290 7.73 29.79 -29.18
C SER B 290 7.81 31.26 -29.56
N ARG B 291 7.76 31.57 -30.86
CA ARG B 291 7.82 32.97 -31.29
C ARG B 291 6.62 33.74 -30.77
N GLU B 292 5.42 33.15 -30.87
CA GLU B 292 4.22 33.83 -30.38
C GLU B 292 4.24 33.96 -28.86
N LEU B 293 4.73 32.94 -28.16
CA LEU B 293 4.83 33.03 -26.71
C LEU B 293 5.81 34.11 -26.29
N ILE B 294 6.93 34.23 -27.00
CA ILE B 294 7.90 35.28 -26.70
C ILE B 294 7.30 36.66 -26.96
N ALA B 295 6.56 36.80 -28.07
CA ALA B 295 5.91 38.07 -28.36
C ALA B 295 4.91 38.44 -27.27
N ALA B 296 4.11 37.48 -26.82
CA ALA B 296 3.14 37.74 -25.75
C ALA B 296 3.86 38.12 -24.45
N ALA B 297 4.95 37.42 -24.13
CA ALA B 297 5.71 37.72 -22.92
C ALA B 297 6.30 39.13 -22.98
N SER B 298 6.83 39.51 -24.16
CA SER B 298 7.35 40.87 -24.32
C SER B 298 6.24 41.90 -24.19
N ARG B 299 5.05 41.60 -24.71
CA ARG B 299 3.92 42.50 -24.54
C ARG B 299 3.54 42.64 -23.08
N ALA B 300 3.62 41.55 -22.32
CA ALA B 300 3.30 41.56 -20.90
C ALA B 300 4.49 41.86 -20.01
N ASN B 301 5.67 42.13 -20.59
CA ASN B 301 6.89 42.47 -19.84
C ASN B 301 7.27 41.34 -18.88
N ALA B 302 7.59 40.19 -19.47
CA ALA B 302 7.97 39.03 -18.68
C ALA B 302 9.37 39.20 -18.10
N SER B 303 9.61 38.52 -16.99
CA SER B 303 10.89 38.56 -16.29
C SER B 303 11.33 37.16 -15.87
N PHE B 304 11.23 36.21 -16.78
CA PHE B 304 11.63 34.84 -16.51
C PHE B 304 12.86 34.45 -17.32
N THR B 305 13.60 33.48 -16.80
CA THR B 305 14.79 32.94 -17.46
C THR B 305 14.38 31.63 -18.14
N TRP B 306 14.19 31.69 -19.46
CA TRP B 306 13.70 30.53 -20.19
C TRP B 306 14.81 29.49 -20.37
N VAL B 307 14.42 28.23 -20.30
CA VAL B 307 15.31 27.10 -20.59
C VAL B 307 14.70 26.37 -21.78
N ALA B 308 15.25 26.60 -22.97
CA ALA B 308 14.65 26.11 -24.21
C ALA B 308 15.23 24.77 -24.61
N SER B 309 14.45 24.04 -25.39
CA SER B 309 14.85 22.77 -25.98
C SER B 309 15.37 23.02 -27.39
N ASP B 310 15.55 21.93 -28.15
CA ASP B 310 16.01 22.05 -29.53
C ASP B 310 15.01 22.76 -30.44
N GLY B 311 13.76 22.93 -29.98
CA GLY B 311 12.79 23.65 -30.79
C GLY B 311 13.19 25.09 -31.03
N TRP B 312 13.63 25.78 -29.99
CA TRP B 312 14.12 27.15 -30.12
C TRP B 312 15.62 27.16 -30.38
N GLY B 313 16.41 26.62 -29.44
CA GLY B 313 17.84 26.50 -29.65
C GLY B 313 18.49 27.85 -29.91
N ALA B 314 19.37 27.88 -30.92
CA ALA B 314 20.09 29.09 -31.30
C ALA B 314 19.45 29.79 -32.49
N GLN B 315 18.12 29.74 -32.59
CA GLN B 315 17.40 30.37 -33.69
C GLN B 315 17.16 31.84 -33.36
N GLU B 316 17.64 32.72 -34.23
CA GLU B 316 17.43 34.15 -34.07
C GLU B 316 16.17 34.65 -34.76
N SER B 317 15.48 33.79 -35.52
CA SER B 317 14.24 34.21 -36.16
C SER B 317 13.08 34.27 -35.17
N ILE B 318 13.14 33.49 -34.10
CA ILE B 318 12.08 33.51 -33.09
C ILE B 318 12.00 34.88 -32.42
N ILE B 319 13.14 35.44 -32.06
CA ILE B 319 13.21 36.72 -31.34
C ILE B 319 13.70 37.77 -32.33
N LYS B 320 12.82 38.73 -32.64
CA LYS B 320 13.17 39.83 -33.54
C LYS B 320 12.32 41.03 -33.14
N GLY B 321 12.95 42.03 -32.54
CA GLY B 321 12.24 43.17 -31.99
C GLY B 321 11.76 42.96 -30.56
N SER B 322 11.95 41.77 -29.99
CA SER B 322 11.57 41.45 -28.62
C SER B 322 12.72 40.70 -27.94
N GLU B 323 13.93 41.22 -28.08
CA GLU B 323 15.11 40.58 -27.51
C GLU B 323 15.30 40.87 -26.04
N HIS B 324 14.47 41.74 -25.45
CA HIS B 324 14.61 42.10 -24.04
C HIS B 324 13.88 41.16 -23.09
N VAL B 325 13.12 40.19 -23.63
CA VAL B 325 12.42 39.24 -22.79
C VAL B 325 13.19 37.92 -22.80
N ALA B 326 13.84 37.64 -23.93
CA ALA B 326 14.66 36.43 -24.07
C ALA B 326 16.08 36.63 -23.56
N TYR B 327 16.38 37.79 -22.99
CA TYR B 327 17.72 38.05 -22.47
C TYR B 327 18.07 37.09 -21.35
N GLY B 328 19.26 36.51 -21.43
CA GLY B 328 19.72 35.58 -20.43
C GLY B 328 19.12 34.18 -20.51
N ALA B 329 18.37 33.89 -21.56
CA ALA B 329 17.77 32.57 -21.70
C ALA B 329 18.82 31.53 -22.04
N ILE B 330 18.70 30.35 -21.43
CA ILE B 330 19.61 29.23 -21.66
C ILE B 330 18.89 28.28 -22.60
N THR B 331 19.35 28.20 -23.84
CA THR B 331 18.71 27.36 -24.86
C THR B 331 19.59 26.16 -25.18
N LEU B 332 18.95 25.03 -25.47
CA LEU B 332 19.64 23.78 -25.79
C LEU B 332 19.55 23.53 -27.29
N GLU B 333 20.70 23.33 -27.92
CA GLU B 333 20.77 23.04 -29.35
C GLU B 333 21.74 21.90 -29.57
N LEU B 334 21.44 21.05 -30.55
CA LEU B 334 22.30 19.92 -30.86
C LEU B 334 23.64 20.40 -31.41
N ALA B 335 24.72 19.72 -30.99
CA ALA B 335 26.04 20.08 -31.47
C ALA B 335 26.20 19.68 -32.94
N SER B 336 26.72 20.60 -33.74
CA SER B 336 26.93 20.33 -35.16
C SER B 336 28.14 21.13 -35.65
N GLN B 337 28.82 20.58 -36.65
CA GLN B 337 29.94 21.25 -37.27
C GLN B 337 29.47 21.96 -38.52
N PRO B 338 29.62 23.28 -38.62
CA PRO B 338 29.17 23.99 -39.82
C PRO B 338 29.87 23.49 -41.08
N VAL B 339 29.13 23.44 -42.16
CA VAL B 339 29.62 22.96 -43.45
C VAL B 339 30.04 24.16 -44.28
N ARG B 340 31.32 24.24 -44.62
CA ARG B 340 31.81 25.36 -45.42
C ARG B 340 31.32 25.25 -46.86
N GLN B 341 31.22 24.03 -47.39
CA GLN B 341 30.73 23.84 -48.75
C GLN B 341 29.29 24.31 -48.88
N PHE B 342 28.43 23.97 -47.91
CA PHE B 342 27.05 24.44 -47.93
C PHE B 342 26.99 25.95 -47.78
N ASP B 343 27.86 26.52 -46.95
CA ASP B 343 27.89 27.97 -46.79
C ASP B 343 28.23 28.65 -48.11
N ARG B 344 29.24 28.14 -48.82
CA ARG B 344 29.60 28.71 -50.11
C ARG B 344 28.47 28.54 -51.12
N TYR B 345 27.83 27.37 -51.13
CA TYR B 345 26.74 27.12 -52.06
C TYR B 345 25.57 28.09 -51.81
N PHE B 346 25.23 28.31 -50.54
CA PHE B 346 24.13 29.22 -50.23
C PHE B 346 24.51 30.67 -50.52
N GLN B 347 25.76 31.05 -50.25
CA GLN B 347 26.20 32.41 -50.54
C GLN B 347 26.29 32.68 -52.04
N SER B 348 26.48 31.64 -52.85
CA SER B 348 26.51 31.79 -54.30
C SER B 348 25.13 31.76 -54.94
N LEU B 349 24.07 31.54 -54.15
CA LEU B 349 22.73 31.48 -54.70
C LEU B 349 22.27 32.87 -55.13
N ASN B 350 21.51 32.91 -56.22
CA ASN B 350 20.94 34.13 -56.75
C ASN B 350 19.49 33.86 -57.15
N PRO B 351 18.65 34.89 -57.18
CA PRO B 351 17.26 34.67 -57.62
C PRO B 351 17.15 34.16 -59.05
N TYR B 352 18.12 34.48 -59.91
CA TYR B 352 17.99 34.16 -61.33
C TYR B 352 18.42 32.73 -61.64
N ASN B 353 19.58 32.30 -61.14
CA ASN B 353 20.05 30.94 -61.43
C ASN B 353 19.26 29.88 -60.68
N ASN B 354 18.53 30.27 -59.63
CA ASN B 354 17.77 29.32 -58.83
C ASN B 354 16.32 29.27 -59.32
N HIS B 355 16.15 28.73 -60.52
CA HIS B 355 14.82 28.45 -61.05
C HIS B 355 14.26 27.12 -60.57
N ARG B 356 15.06 26.34 -59.85
CA ARG B 356 14.62 25.03 -59.37
C ARG B 356 13.68 25.14 -58.18
N ASN B 357 13.82 26.18 -57.37
CA ASN B 357 13.05 26.31 -56.14
C ASN B 357 11.92 27.30 -56.37
N PRO B 358 10.66 26.86 -56.42
CA PRO B 358 9.55 27.82 -56.54
C PRO B 358 9.47 28.79 -55.37
N TRP B 359 9.85 28.36 -54.17
CA TRP B 359 9.74 29.19 -52.98
C TRP B 359 10.93 30.14 -52.82
N PHE B 360 11.92 30.07 -53.70
CA PHE B 360 13.08 30.96 -53.56
C PHE B 360 12.71 32.42 -53.78
N ARG B 361 11.77 32.69 -54.69
CA ARG B 361 11.33 34.07 -54.90
C ARG B 361 10.71 34.64 -53.64
N ASP B 362 9.82 33.87 -53.00
CA ASP B 362 9.21 34.32 -51.75
C ASP B 362 10.25 34.45 -50.64
N PHE B 363 11.21 33.52 -50.58
CA PHE B 363 12.25 33.61 -49.57
C PHE B 363 13.09 34.87 -49.74
N TRP B 364 13.47 35.19 -50.98
CA TRP B 364 14.22 36.41 -51.24
C TRP B 364 13.40 37.65 -50.92
N GLU B 365 12.11 37.63 -51.27
CA GLU B 365 11.25 38.78 -50.98
C GLU B 365 11.12 39.01 -49.47
N GLN B 366 11.03 37.92 -48.69
CA GLN B 366 10.91 38.07 -47.25
C GLN B 366 12.24 38.47 -46.61
N LYS B 367 13.36 37.95 -47.13
CA LYS B 367 14.66 38.28 -46.57
C LYS B 367 15.02 39.73 -46.86
N PHE B 368 14.87 40.17 -48.10
CA PHE B 368 15.05 41.56 -48.49
C PHE B 368 13.74 42.08 -49.05
N GLN B 369 13.19 43.12 -48.41
CA GLN B 369 11.87 43.60 -48.79
C GLN B 369 11.93 44.34 -50.12
N CYS B 370 11.70 43.61 -51.21
CA CYS B 370 11.70 44.18 -52.55
C CYS B 370 11.04 43.19 -53.50
N SER B 371 10.71 43.68 -54.70
CA SER B 371 10.07 42.87 -55.72
C SER B 371 11.13 42.37 -56.70
N LEU B 372 11.24 41.04 -56.83
CA LEU B 372 12.23 40.47 -57.73
C LEU B 372 11.96 40.85 -59.18
N GLN B 373 10.72 40.66 -59.63
CA GLN B 373 10.34 41.03 -60.99
C GLN B 373 8.95 41.64 -61.06
N ASN B 374 8.33 41.96 -59.92
CA ASN B 374 6.99 42.51 -59.90
C ASN B 374 7.04 44.03 -60.05
N LYS B 375 5.91 44.69 -59.82
CA LYS B 375 5.82 46.14 -59.95
C LYS B 375 6.37 46.80 -58.69
N ARG B 376 6.12 48.11 -58.54
CA ARG B 376 6.59 48.88 -57.41
C ARG B 376 5.65 48.84 -56.22
N ASN B 377 4.81 47.79 -56.13
CA ASN B 377 3.90 47.68 -54.99
C ASN B 377 4.66 47.54 -53.67
N HIS B 378 5.80 46.84 -53.68
CA HIS B 378 6.60 46.70 -52.48
C HIS B 378 7.26 48.03 -52.12
N ARG B 379 7.83 48.07 -50.91
CA ARG B 379 8.45 49.29 -50.41
C ARG B 379 9.78 49.60 -51.09
N ARG B 380 10.30 48.70 -51.92
CA ARG B 380 11.53 48.96 -52.65
C ARG B 380 11.59 48.00 -53.84
N VAL B 381 12.38 48.38 -54.84
CA VAL B 381 12.75 47.52 -55.95
C VAL B 381 14.17 47.01 -55.69
N CYS B 382 14.38 45.71 -55.88
CA CYS B 382 15.67 45.11 -55.55
C CYS B 382 16.81 45.79 -56.30
N ASP B 383 17.88 46.11 -55.57
CA ASP B 383 18.99 46.85 -56.15
C ASP B 383 19.78 46.03 -57.17
N LYS B 384 19.56 44.72 -57.22
CA LYS B 384 20.25 43.81 -58.14
C LYS B 384 21.76 43.79 -57.92
N HIS B 385 22.21 44.20 -56.74
CA HIS B 385 23.64 44.23 -56.41
C HIS B 385 23.93 43.61 -55.05
N LEU B 386 22.94 43.03 -54.39
CA LEU B 386 23.11 42.43 -53.07
C LEU B 386 22.87 40.92 -53.15
N ALA B 387 23.59 40.18 -52.31
CA ALA B 387 23.48 38.73 -52.26
C ALA B 387 23.41 38.31 -50.80
N ILE B 388 23.48 37.00 -50.55
CA ILE B 388 23.46 36.47 -49.20
C ILE B 388 24.91 36.39 -48.73
N ASP B 389 25.39 37.50 -48.18
CA ASP B 389 26.75 37.55 -47.67
C ASP B 389 26.78 37.12 -46.20
N SER B 390 27.99 36.94 -45.68
CA SER B 390 28.17 36.47 -44.30
C SER B 390 27.68 37.47 -43.27
N SER B 391 27.44 38.72 -43.66
CA SER B 391 26.97 39.72 -42.70
C SER B 391 25.60 39.37 -42.16
N ASN B 392 24.70 38.88 -43.02
CA ASN B 392 23.33 38.59 -42.64
C ASN B 392 22.96 37.13 -42.86
N TYR B 393 23.95 36.25 -43.00
CA TYR B 393 23.72 34.82 -43.20
C TYR B 393 24.24 34.06 -41.99
N GLU B 394 23.39 33.18 -41.45
CA GLU B 394 23.74 32.33 -40.32
C GLU B 394 23.29 30.92 -40.63
N GLN B 395 24.24 30.00 -40.83
CA GLN B 395 23.91 28.63 -41.15
C GLN B 395 23.21 27.97 -39.97
N GLU B 396 22.12 27.25 -40.25
CA GLU B 396 21.38 26.56 -39.20
C GLU B 396 22.19 25.40 -38.66
N SER B 397 21.98 25.11 -37.37
CA SER B 397 22.69 24.01 -36.74
C SER B 397 22.30 22.67 -37.35
N LYS B 398 21.02 22.47 -37.63
CA LYS B 398 20.52 21.20 -38.15
C LYS B 398 20.57 21.16 -39.68
N ILE B 399 21.74 21.45 -40.24
CA ILE B 399 22.00 21.32 -41.65
C ILE B 399 22.88 20.10 -41.95
N MET B 400 23.91 19.89 -41.12
CA MET B 400 24.71 18.68 -41.26
C MET B 400 23.88 17.43 -41.00
N PHE B 401 22.81 17.55 -40.21
CA PHE B 401 21.91 16.42 -40.01
C PHE B 401 21.18 16.06 -41.30
N VAL B 402 20.68 17.07 -42.02
CA VAL B 402 20.04 16.82 -43.31
C VAL B 402 21.04 16.24 -44.30
N VAL B 403 22.25 16.79 -44.33
CA VAL B 403 23.29 16.29 -45.23
C VAL B 403 23.61 14.83 -44.91
N ASN B 404 23.73 14.50 -43.62
CA ASN B 404 24.03 13.14 -43.22
C ASN B 404 22.90 12.19 -43.57
N ALA B 405 21.65 12.63 -43.40
CA ALA B 405 20.52 11.77 -43.76
C ALA B 405 20.50 11.49 -45.26
N VAL B 406 20.71 12.53 -46.08
CA VAL B 406 20.71 12.34 -47.52
C VAL B 406 21.85 11.43 -47.94
N TYR B 407 23.04 11.63 -47.37
CA TYR B 407 24.18 10.79 -47.73
C TYR B 407 24.02 9.36 -47.23
N ALA B 408 23.35 9.16 -46.09
CA ALA B 408 23.08 7.81 -45.62
C ALA B 408 22.11 7.09 -46.55
N MET B 409 21.07 7.78 -46.99
CA MET B 409 20.16 7.17 -47.97
C MET B 409 20.89 6.85 -49.27
N ALA B 410 21.75 7.76 -49.73
CA ALA B 410 22.51 7.52 -50.94
C ALA B 410 23.45 6.34 -50.78
N HIS B 411 24.12 6.23 -49.63
CA HIS B 411 25.02 5.12 -49.36
C HIS B 411 24.27 3.79 -49.34
N ALA B 412 23.09 3.77 -48.70
CA ALA B 412 22.29 2.55 -48.68
C ALA B 412 21.87 2.15 -50.08
N LEU B 413 21.42 3.12 -50.89
CA LEU B 413 21.02 2.82 -52.26
C LEU B 413 22.21 2.31 -53.08
N HIS B 414 23.37 2.94 -52.93
CA HIS B 414 24.56 2.53 -53.67
C HIS B 414 25.00 1.13 -53.28
N LYS B 415 24.99 0.81 -51.99
CA LYS B 415 25.42 -0.51 -51.56
C LYS B 415 24.42 -1.57 -52.00
N MET B 416 23.12 -1.26 -51.96
CA MET B 416 22.12 -2.20 -52.48
C MET B 416 22.31 -2.42 -53.98
N GLN B 417 22.61 -1.36 -54.73
CA GLN B 417 22.86 -1.51 -56.16
C GLN B 417 24.10 -2.37 -56.41
N ARG B 418 25.15 -2.16 -55.61
CA ARG B 418 26.37 -2.95 -55.76
C ARG B 418 26.11 -4.42 -55.46
N THR B 419 25.36 -4.71 -54.40
CA THR B 419 25.12 -6.11 -54.03
C THR B 419 24.10 -6.77 -54.95
N LEU B 420 23.23 -6.00 -55.60
CA LEU B 420 22.26 -6.55 -56.52
C LEU B 420 22.76 -6.61 -57.96
N CYS B 421 23.71 -5.76 -58.33
CA CYS B 421 24.28 -5.73 -59.67
C CYS B 421 25.80 -5.74 -59.57
N PRO B 422 26.39 -6.86 -59.18
CA PRO B 422 27.86 -6.92 -59.10
C PRO B 422 28.54 -6.75 -60.46
N ASN B 423 27.90 -7.19 -61.54
CA ASN B 423 28.54 -7.17 -62.84
C ASN B 423 28.71 -5.74 -63.36
N THR B 424 27.66 -4.93 -63.29
CA THR B 424 27.67 -3.59 -63.84
C THR B 424 27.23 -2.57 -62.80
N THR B 425 27.78 -1.36 -62.91
CA THR B 425 27.44 -0.27 -62.00
C THR B 425 26.30 0.58 -62.58
N LYS B 426 25.17 -0.09 -62.79
CA LYS B 426 23.99 0.56 -63.35
C LYS B 426 22.75 -0.12 -62.81
N LEU B 427 21.65 0.62 -62.77
CA LEU B 427 20.39 0.08 -62.31
C LEU B 427 19.93 -1.06 -63.22
N CYS B 428 19.53 -2.17 -62.62
CA CYS B 428 19.14 -3.36 -63.35
C CYS B 428 17.65 -3.60 -63.25
N ASP B 429 17.17 -4.60 -63.99
CA ASP B 429 15.75 -4.95 -63.96
C ASP B 429 15.36 -5.55 -62.62
N ALA B 430 16.29 -6.22 -61.94
CA ALA B 430 15.99 -6.79 -60.63
C ALA B 430 15.72 -5.71 -59.59
N MET B 431 16.37 -4.55 -59.72
CA MET B 431 16.18 -3.44 -58.79
C MET B 431 15.10 -2.46 -59.26
N LYS B 432 14.41 -2.77 -60.35
CA LYS B 432 13.32 -1.90 -60.80
C LYS B 432 12.23 -1.80 -59.73
N ILE B 433 11.89 -2.91 -59.10
CA ILE B 433 11.01 -2.91 -57.94
C ILE B 433 11.87 -2.88 -56.69
N LEU B 434 11.54 -1.98 -55.76
CA LEU B 434 12.34 -1.73 -54.57
C LEU B 434 11.66 -2.34 -53.36
N ASP B 435 12.42 -3.12 -52.59
CA ASP B 435 11.94 -3.73 -51.35
C ASP B 435 12.40 -2.85 -50.20
N GLY B 436 11.50 -1.96 -49.75
CA GLY B 436 11.83 -1.06 -48.66
C GLY B 436 12.08 -1.78 -47.34
N LYS B 437 11.35 -2.87 -47.09
CA LYS B 437 11.49 -3.58 -45.82
C LYS B 437 12.90 -4.13 -45.66
N LYS B 438 13.38 -4.88 -46.66
CA LYS B 438 14.74 -5.43 -46.58
C LYS B 438 15.77 -4.32 -46.53
N LEU B 439 15.59 -3.28 -47.34
CA LEU B 439 16.54 -2.16 -47.36
C LEU B 439 16.70 -1.57 -45.97
N TYR B 440 15.59 -1.17 -45.35
CA TYR B 440 15.65 -0.60 -44.01
C TYR B 440 16.17 -1.60 -42.99
N LYS B 441 15.82 -2.89 -43.13
CA LYS B 441 16.23 -3.87 -42.15
C LYS B 441 17.74 -4.06 -42.12
N ASP B 442 18.38 -4.13 -43.28
CA ASP B 442 19.80 -4.47 -43.29
C ASP B 442 20.68 -3.37 -43.88
N TYR B 443 20.36 -2.84 -45.05
CA TYR B 443 21.33 -1.98 -45.73
C TYR B 443 21.23 -0.52 -45.31
N LEU B 444 20.26 -0.17 -44.46
CA LEU B 444 20.11 1.20 -43.97
C LEU B 444 20.45 1.32 -42.49
N LEU B 445 20.01 0.38 -41.66
CA LEU B 445 20.27 0.43 -40.22
C LEU B 445 21.68 -0.04 -39.87
N LYS B 446 22.39 -0.66 -40.79
CA LYS B 446 23.74 -1.18 -40.56
C LYS B 446 24.76 -0.47 -41.43
N ILE B 447 24.62 0.85 -41.56
CA ILE B 447 25.51 1.67 -42.37
C ILE B 447 26.51 2.36 -41.46
N ASN B 448 27.76 2.48 -41.93
CA ASN B 448 28.81 3.14 -41.18
C ASN B 448 29.70 3.88 -42.17
N PHE B 449 29.68 5.21 -42.13
CA PHE B 449 30.45 6.01 -43.06
C PHE B 449 30.88 7.30 -42.39
N THR B 450 32.00 7.86 -42.87
CA THR B 450 32.48 9.13 -42.38
C THR B 450 31.55 10.26 -42.84
N ALA B 451 31.57 11.36 -42.09
CA ALA B 451 30.73 12.50 -42.44
C ALA B 451 31.10 13.01 -43.82
N PRO B 452 30.11 13.43 -44.63
CA PRO B 452 30.42 13.84 -46.01
C PRO B 452 31.42 14.99 -46.10
N PHE B 453 31.34 15.95 -45.17
CA PHE B 453 32.22 17.11 -45.17
C PHE B 453 32.72 17.32 -43.74
N ASN B 454 33.84 16.68 -43.40
CA ASN B 454 34.44 16.79 -42.08
C ASN B 454 35.94 16.64 -42.17
N PRO B 455 36.72 17.64 -41.72
CA PRO B 455 38.17 17.53 -41.79
C PRO B 455 38.77 16.76 -40.63
N ASN B 456 37.93 16.04 -39.89
CA ASN B 456 38.37 15.31 -38.71
C ASN B 456 37.86 13.88 -38.79
N LYS B 457 38.45 13.02 -37.95
CA LYS B 457 38.11 11.60 -37.86
C LYS B 457 37.76 11.24 -36.42
N ASP B 458 36.93 12.07 -35.80
CA ASP B 458 36.52 11.87 -34.42
C ASP B 458 35.27 10.99 -34.38
N ALA B 459 34.68 10.86 -33.19
CA ALA B 459 33.47 10.05 -33.04
C ALA B 459 32.30 10.65 -33.83
N ASP B 460 32.17 11.98 -33.82
CA ASP B 460 31.06 12.62 -34.51
C ASP B 460 31.14 12.46 -36.02
N SER B 461 32.32 12.20 -36.57
CA SER B 461 32.46 12.02 -38.02
C SER B 461 31.69 10.79 -38.50
N ILE B 462 31.76 9.69 -37.74
CA ILE B 462 31.09 8.47 -38.14
C ILE B 462 29.60 8.59 -37.90
N VAL B 463 28.81 8.28 -38.92
CA VAL B 463 27.36 8.32 -38.86
C VAL B 463 26.85 6.89 -38.76
N LYS B 464 26.16 6.58 -37.67
CA LYS B 464 25.65 5.24 -37.40
C LYS B 464 24.17 5.33 -37.05
N PHE B 465 23.53 4.16 -37.03
CA PHE B 465 22.13 4.03 -36.64
C PHE B 465 22.03 3.02 -35.51
N ASP B 466 21.32 3.39 -34.45
CA ASP B 466 21.15 2.50 -33.31
C ASP B 466 20.15 1.40 -33.65
N THR B 467 19.85 0.56 -32.64
CA THR B 467 18.87 -0.51 -32.84
C THR B 467 17.49 0.05 -33.14
N PHE B 468 17.19 1.25 -32.64
CA PHE B 468 15.92 1.92 -32.90
C PHE B 468 16.02 2.97 -33.98
N GLY B 469 17.11 3.00 -34.75
CA GLY B 469 17.31 4.02 -35.76
C GLY B 469 17.45 5.39 -35.15
N ASP B 470 18.25 5.50 -34.11
CA ASP B 470 18.38 6.71 -33.30
C ASP B 470 19.76 7.33 -33.49
N GLY B 471 20.02 8.40 -32.76
CA GLY B 471 21.31 9.06 -32.81
C GLY B 471 21.96 9.19 -31.44
N MET B 472 23.05 9.96 -31.37
CA MET B 472 23.77 10.18 -30.13
C MET B 472 23.47 11.55 -29.57
N GLY B 473 23.39 11.65 -28.25
CA GLY B 473 23.02 12.89 -27.60
C GLY B 473 24.19 13.74 -27.14
N ARG B 474 24.43 14.85 -27.84
CA ARG B 474 25.49 15.80 -27.52
C ARG B 474 24.96 17.22 -27.57
N TYR B 475 23.82 17.45 -26.92
CA TYR B 475 23.17 18.76 -26.97
C TYR B 475 24.07 19.84 -26.40
N ASN B 476 24.38 20.84 -27.22
CA ASN B 476 25.13 22.00 -26.77
C ASN B 476 24.25 22.92 -25.92
N VAL B 477 24.90 23.71 -25.09
CA VAL B 477 24.21 24.68 -24.23
C VAL B 477 24.49 26.07 -24.77
N PHE B 478 23.43 26.81 -25.08
CA PHE B 478 23.53 28.15 -25.63
C PHE B 478 22.85 29.14 -24.69
N ASN B 479 23.48 30.30 -24.49
CA ASN B 479 22.96 31.35 -23.64
C ASN B 479 22.85 32.64 -24.44
N PHE B 480 21.67 33.27 -24.38
CA PHE B 480 21.48 34.55 -25.04
C PHE B 480 22.24 35.63 -24.30
N GLN B 481 23.04 36.42 -25.04
CA GLN B 481 23.91 37.41 -24.43
C GLN B 481 23.91 38.67 -25.28
N ASN B 482 24.30 39.78 -24.65
CA ASN B 482 24.41 41.08 -25.31
C ASN B 482 25.86 41.51 -25.15
N VAL B 483 26.62 41.44 -26.24
CA VAL B 483 28.03 41.85 -26.25
C VAL B 483 28.23 42.84 -27.38
N GLY B 484 28.84 43.98 -27.06
CA GLY B 484 29.10 45.00 -28.06
C GLY B 484 27.85 45.63 -28.65
N GLY B 485 26.72 45.53 -27.97
CA GLY B 485 25.47 46.07 -28.48
C GLY B 485 24.75 45.20 -29.48
N LYS B 486 25.29 44.03 -29.80
CA LYS B 486 24.68 43.11 -30.75
C LYS B 486 24.29 41.84 -30.01
N TYR B 487 23.00 41.50 -30.06
CA TYR B 487 22.51 40.30 -29.40
C TYR B 487 22.89 39.07 -30.20
N SER B 488 23.43 38.05 -29.52
CA SER B 488 23.87 36.84 -30.19
C SER B 488 23.88 35.70 -29.19
N TYR B 489 23.95 34.48 -29.71
CA TYR B 489 23.99 33.27 -28.90
C TYR B 489 25.44 32.84 -28.69
N LEU B 490 25.79 32.54 -27.44
CA LEU B 490 27.13 32.10 -27.09
C LEU B 490 27.05 30.74 -26.42
N LYS B 491 27.88 29.81 -26.89
CA LYS B 491 27.92 28.48 -26.30
C LYS B 491 28.59 28.53 -24.93
N VAL B 492 27.97 27.88 -23.94
CA VAL B 492 28.48 27.87 -22.57
C VAL B 492 28.59 26.47 -21.99
N GLY B 493 28.33 25.44 -22.78
CA GLY B 493 28.41 24.09 -22.26
C GLY B 493 28.37 23.06 -23.38
N HIS B 494 28.50 21.80 -22.98
CA HIS B 494 28.47 20.69 -23.93
C HIS B 494 28.08 19.44 -23.17
N TRP B 495 26.94 18.85 -23.52
CA TRP B 495 26.42 17.67 -22.83
C TRP B 495 26.91 16.42 -23.56
N ALA B 496 28.17 16.08 -23.34
CA ALA B 496 28.76 14.84 -23.86
C ALA B 496 28.64 13.73 -22.82
N GLU B 497 27.38 13.46 -22.43
CA GLU B 497 27.00 12.52 -21.40
C GLU B 497 27.42 13.02 -20.02
N THR B 498 28.11 14.15 -19.97
CA THR B 498 28.50 14.81 -18.74
C THR B 498 28.37 16.31 -18.94
N LEU B 499 27.68 16.99 -18.03
CA LEU B 499 27.51 18.43 -18.14
C LEU B 499 28.84 19.13 -17.91
N SER B 500 29.19 20.05 -18.81
CA SER B 500 30.45 20.79 -18.77
C SER B 500 30.19 22.28 -18.88
N LEU B 501 29.24 22.76 -18.09
CA LEU B 501 28.88 24.18 -18.14
C LEU B 501 30.04 25.04 -17.65
N ASP B 502 30.30 26.13 -18.39
CA ASP B 502 31.30 27.12 -18.01
C ASP B 502 30.60 28.33 -17.41
N VAL B 503 31.30 29.03 -16.53
CA VAL B 503 30.75 30.20 -15.84
C VAL B 503 31.02 31.40 -16.75
N ASN B 504 30.17 31.54 -17.77
CA ASN B 504 30.23 32.69 -18.66
C ASN B 504 28.85 33.22 -19.03
N SER B 505 27.77 32.59 -18.56
CA SER B 505 26.43 33.00 -18.93
C SER B 505 26.11 34.36 -18.34
N ILE B 506 25.43 35.19 -19.13
CA ILE B 506 25.00 36.51 -18.70
C ILE B 506 23.51 36.44 -18.40
N HIS B 507 23.15 36.55 -17.12
CA HIS B 507 21.79 36.38 -16.69
C HIS B 507 20.99 37.67 -16.89
N TRP B 508 19.70 37.61 -16.58
CA TRP B 508 18.82 38.77 -16.76
C TRP B 508 19.23 39.93 -15.85
N SER B 509 19.48 39.64 -14.57
CA SER B 509 19.80 40.65 -13.59
C SER B 509 21.28 40.67 -13.21
N ARG B 510 22.15 40.16 -14.09
CA ARG B 510 23.60 40.12 -13.86
C ARG B 510 23.95 39.35 -12.60
N ASN B 511 23.13 38.36 -12.24
CA ASN B 511 23.38 37.54 -11.07
C ASN B 511 22.64 36.22 -11.24
N SER B 512 23.11 35.20 -10.52
CA SER B 512 22.47 33.88 -10.56
C SER B 512 21.05 33.96 -10.02
N VAL B 513 20.07 33.76 -10.90
CA VAL B 513 18.66 33.88 -10.48
C VAL B 513 18.33 32.75 -9.51
N PRO B 514 17.82 33.05 -8.32
CA PRO B 514 17.49 32.00 -7.36
C PRO B 514 16.04 31.55 -7.51
N THR B 515 15.71 30.46 -6.80
CA THR B 515 14.38 29.90 -6.82
C THR B 515 14.18 29.09 -5.56
N SER B 516 13.00 28.48 -5.43
CA SER B 516 12.64 27.66 -4.26
C SER B 516 12.72 28.46 -2.97
N GLN B 517 12.45 29.76 -3.03
CA GLN B 517 12.44 30.58 -1.83
C GLN B 517 11.24 30.31 -0.94
N CYS B 518 10.17 29.74 -1.50
CA CYS B 518 9.00 29.43 -0.69
C CYS B 518 9.30 28.38 0.36
N SER B 519 10.08 27.35 0.00
CA SER B 519 10.43 26.26 0.89
C SER B 519 11.95 26.23 1.04
N ASP B 520 12.46 27.03 1.97
CA ASP B 520 13.89 27.04 2.27
C ASP B 520 14.24 25.91 3.23
N PRO B 521 15.48 25.41 3.17
CA PRO B 521 15.90 24.38 4.13
C PRO B 521 15.84 24.91 5.56
N CYS B 522 15.45 24.03 6.47
CA CYS B 522 15.29 24.40 7.87
C CYS B 522 15.80 23.27 8.76
N ALA B 523 16.27 23.64 9.95
CA ALA B 523 16.75 22.65 10.90
C ALA B 523 15.58 21.82 11.42
N PRO B 524 15.73 20.50 11.51
CA PRO B 524 14.64 19.66 12.01
C PRO B 524 14.51 19.61 13.52
N ASN B 525 15.19 20.50 14.25
CA ASN B 525 15.10 20.49 15.71
C ASN B 525 13.69 20.84 16.17
N GLU B 526 13.07 21.84 15.55
CA GLU B 526 11.71 22.24 15.91
C GLU B 526 10.81 22.49 14.73
N MET B 527 11.33 22.57 13.50
CA MET B 527 10.50 22.90 12.35
C MET B 527 9.63 21.72 11.95
N LYS B 528 8.50 22.04 11.32
CA LYS B 528 7.56 21.05 10.82
C LYS B 528 7.09 21.45 9.43
N ASN B 529 6.68 20.46 8.65
CA ASN B 529 6.24 20.69 7.29
C ASN B 529 4.77 21.08 7.25
N MET B 530 4.45 22.08 6.42
CA MET B 530 3.07 22.53 6.24
C MET B 530 2.91 22.98 4.81
N GLN B 531 1.92 22.42 4.11
CA GLN B 531 1.69 22.69 2.69
C GLN B 531 0.22 23.09 2.50
N PRO B 532 -0.11 24.35 2.80
CA PRO B 532 -1.51 24.79 2.68
C PRO B 532 -2.01 24.84 1.24
N GLY B 533 -1.23 25.46 0.36
CA GLY B 533 -1.69 25.69 -1.01
C GLY B 533 -1.14 24.73 -2.04
N ASP B 534 0.16 24.44 -1.96
CA ASP B 534 0.81 23.57 -2.94
C ASP B 534 1.65 22.52 -2.22
N VAL B 535 1.81 21.37 -2.88
CA VAL B 535 2.54 20.26 -2.28
C VAL B 535 4.02 20.59 -2.15
N CYS B 536 4.58 21.31 -3.13
CA CYS B 536 6.01 21.58 -3.14
C CYS B 536 6.41 22.53 -2.01
N CYS B 537 5.85 23.74 -2.03
CA CYS B 537 6.26 24.76 -1.08
C CYS B 537 5.80 24.40 0.33
N TRP B 538 6.72 24.41 1.29
CA TRP B 538 6.41 24.15 2.68
C TRP B 538 6.99 25.27 3.55
N ILE B 539 6.31 25.54 4.66
CA ILE B 539 6.74 26.54 5.63
C ILE B 539 7.20 25.83 6.89
N CYS B 540 8.40 26.18 7.36
CA CYS B 540 9.01 25.52 8.52
C CYS B 540 8.63 26.27 9.78
N ILE B 541 7.38 26.07 10.21
CA ILE B 541 6.87 26.67 11.43
C ILE B 541 7.51 25.97 12.63
N PRO B 542 7.72 26.67 13.75
CA PRO B 542 8.33 26.01 14.92
C PRO B 542 7.27 25.28 15.74
N CYS B 543 7.44 23.96 15.85
CA CYS B 543 6.50 23.13 16.60
C CYS B 543 7.24 22.28 17.63
N GLU B 544 6.55 21.30 18.20
CA GLU B 544 7.11 20.36 19.17
C GLU B 544 7.64 21.08 20.40
N PRO B 545 6.77 21.65 21.25
CA PRO B 545 7.25 22.29 22.47
C PRO B 545 7.69 21.25 23.50
N TYR B 546 8.94 20.80 23.40
CA TYR B 546 9.47 19.71 24.22
C TYR B 546 8.75 18.40 23.91
N GLU B 547 8.52 18.14 22.63
CA GLU B 547 7.90 16.91 22.15
C GLU B 547 8.72 16.37 20.98
N TYR B 548 8.61 15.06 20.76
CA TYR B 548 9.32 14.42 19.67
C TYR B 548 8.60 14.67 18.35
N LEU B 549 9.38 14.95 17.30
CA LEU B 549 8.86 15.28 15.98
C LEU B 549 9.62 14.51 14.91
N ALA B 550 9.72 13.19 15.09
CA ALA B 550 10.45 12.36 14.14
C ALA B 550 9.87 12.49 12.74
N ASP B 551 8.55 12.48 12.62
CA ASP B 551 7.91 12.74 11.33
C ASP B 551 8.03 14.21 10.98
N GLU B 552 8.52 14.50 9.78
CA GLU B 552 8.70 15.89 9.35
C GLU B 552 7.38 16.56 8.99
N PHE B 553 6.40 15.77 8.53
CA PHE B 553 5.14 16.36 8.09
C PHE B 553 4.30 16.85 9.26
N THR B 554 4.20 16.05 10.33
CA THR B 554 3.36 16.38 11.46
C THR B 554 4.16 16.28 12.75
N CYS B 555 3.76 17.09 13.73
CA CYS B 555 4.38 17.11 15.05
C CYS B 555 3.36 16.73 16.10
N MET B 556 3.72 15.81 16.98
CA MET B 556 2.82 15.33 18.03
C MET B 556 3.56 15.29 19.35
N ASP B 557 2.79 15.26 20.44
CA ASP B 557 3.34 15.34 21.79
C ASP B 557 3.79 13.99 22.28
N CYS B 558 4.90 13.99 23.04
CA CYS B 558 5.38 12.75 23.65
C CYS B 558 4.38 12.22 24.67
N GLY B 559 3.82 13.08 25.50
CA GLY B 559 2.94 12.70 26.57
C GLY B 559 3.50 13.11 27.92
N SER B 560 2.75 12.77 28.97
CA SER B 560 3.14 13.12 30.32
C SER B 560 4.37 12.32 30.75
N GLY B 561 5.31 13.00 31.40
CA GLY B 561 6.49 12.34 31.92
C GLY B 561 7.47 11.87 30.87
N GLN B 562 7.48 12.49 29.69
CA GLN B 562 8.39 12.10 28.62
C GLN B 562 9.08 13.33 28.07
N TRP B 563 10.40 13.21 27.85
CA TRP B 563 11.21 14.29 27.31
C TRP B 563 11.92 13.81 26.05
N PRO B 564 11.74 14.49 24.92
CA PRO B 564 12.40 14.04 23.68
C PRO B 564 13.90 14.29 23.72
N THR B 565 14.62 13.50 22.93
CA THR B 565 16.06 13.62 22.79
C THR B 565 16.40 14.49 21.60
N ALA B 566 17.69 14.55 21.25
CA ALA B 566 18.12 15.37 20.13
C ALA B 566 17.65 14.80 18.79
N ASP B 567 17.47 13.48 18.71
CA ASP B 567 17.02 12.86 17.47
C ASP B 567 15.52 13.00 17.25
N LEU B 568 14.77 13.42 18.26
CA LEU B 568 13.32 13.64 18.17
C LEU B 568 12.57 12.37 17.80
N THR B 569 13.14 11.20 18.08
CA THR B 569 12.51 9.92 17.76
C THR B 569 12.09 9.13 18.99
N GLY B 570 12.83 9.25 20.09
CA GLY B 570 12.48 8.55 21.30
C GLY B 570 12.44 9.45 22.53
N CYS B 571 11.27 9.56 23.14
CA CYS B 571 11.11 10.39 24.33
C CYS B 571 11.72 9.68 25.54
N TYR B 572 12.53 10.42 26.29
CA TYR B 572 13.23 9.87 27.45
C TYR B 572 12.55 10.33 28.73
N ASP B 573 12.35 9.41 29.66
CA ASP B 573 11.73 9.72 30.94
C ASP B 573 12.80 10.24 31.90
N LEU B 574 12.66 11.49 32.33
CA LEU B 574 13.64 12.08 33.23
C LEU B 574 13.58 11.41 34.60
N PRO B 575 14.71 11.37 35.31
CA PRO B 575 14.71 10.77 36.65
C PRO B 575 13.79 11.53 37.60
N GLU B 576 13.18 10.78 38.51
CA GLU B 576 12.26 11.36 39.48
C GLU B 576 13.00 12.29 40.43
N ASP B 577 12.35 13.40 40.79
CA ASP B 577 12.94 14.34 41.74
C ASP B 577 12.90 13.83 43.16
N TYR B 578 11.90 13.02 43.51
CA TYR B 578 11.78 12.51 44.87
C TYR B 578 12.87 11.48 45.18
N ILE B 579 13.22 10.66 44.19
CA ILE B 579 14.22 9.61 44.41
C ILE B 579 15.61 10.25 44.55
N ARG B 580 16.48 9.55 45.26
CA ARG B 580 17.86 10.00 45.49
C ARG B 580 17.90 11.39 46.14
N TRP B 581 16.98 11.63 47.06
CA TRP B 581 16.91 12.91 47.77
C TRP B 581 17.55 12.73 49.15
N GLU B 582 18.87 12.83 49.19
CA GLU B 582 19.59 12.81 50.46
C GLU B 582 20.80 13.73 50.47
N ASP B 583 20.91 14.66 49.52
CA ASP B 583 22.15 15.41 49.30
C ASP B 583 22.12 16.80 49.92
N ALA B 584 21.17 17.64 49.54
CA ALA B 584 21.22 19.06 49.89
C ALA B 584 20.10 19.48 50.84
N TRP B 585 18.84 19.30 50.45
CA TRP B 585 17.72 19.79 51.25
C TRP B 585 17.07 18.70 52.09
N ALA B 586 16.99 17.47 51.58
CA ALA B 586 16.43 16.39 52.36
C ALA B 586 17.31 15.98 53.53
N ILE B 587 18.55 16.47 53.59
CA ILE B 587 19.39 16.28 54.75
C ILE B 587 18.95 17.11 55.95
N GLY B 588 18.05 18.07 55.73
CA GLY B 588 17.46 18.83 56.80
C GLY B 588 16.69 17.96 57.77
N PRO B 589 15.69 17.21 57.27
CA PRO B 589 15.02 16.22 58.12
C PRO B 589 15.95 15.11 58.61
N VAL B 590 17.07 14.88 57.94
CA VAL B 590 18.06 13.93 58.46
C VAL B 590 18.62 14.41 59.79
N THR B 591 18.83 15.72 59.92
CA THR B 591 19.19 16.30 61.21
C THR B 591 18.05 16.12 62.21
N ILE B 592 16.81 16.29 61.75
CA ILE B 592 15.65 15.95 62.58
C ILE B 592 15.64 14.46 62.88
N ALA B 593 15.97 13.64 61.87
CA ALA B 593 16.14 12.21 62.12
C ALA B 593 17.30 11.97 63.08
N CYS B 594 18.39 12.73 62.94
CA CYS B 594 19.45 12.69 63.93
C CYS B 594 18.94 13.15 65.29
N LEU B 595 18.12 14.20 65.31
CA LEU B 595 17.43 14.58 66.54
C LEU B 595 16.48 13.48 66.98
N GLY B 596 15.80 12.83 66.03
CA GLY B 596 15.02 11.65 66.36
C GLY B 596 15.88 10.53 66.91
N PHE B 597 17.08 10.37 66.37
CA PHE B 597 18.04 9.44 66.94
C PHE B 597 18.41 9.85 68.36
N MET B 598 18.61 11.16 68.58
CA MET B 598 18.79 11.66 69.94
C MET B 598 17.54 11.41 70.77
N CYS B 599 16.35 11.59 70.17
CA CYS B 599 15.12 11.21 70.85
C CYS B 599 15.08 9.71 71.11
N THR B 600 15.54 8.91 70.15
CA THR B 600 15.70 7.47 70.40
C THR B 600 16.72 7.22 71.51
N CYS B 601 17.82 7.98 71.51
CA CYS B 601 18.76 7.92 72.63
C CYS B 601 18.09 8.39 73.92
N MET B 602 17.25 9.44 73.83
CA MET B 602 16.46 9.85 74.98
C MET B 602 15.48 8.75 75.38
N VAL B 603 14.89 8.06 74.40
CA VAL B 603 14.02 6.94 74.70
C VAL B 603 14.80 5.83 75.39
N VAL B 604 16.09 5.70 75.09
CA VAL B 604 16.92 4.75 75.81
C VAL B 604 17.13 5.20 77.26
N THR B 605 17.25 6.51 77.48
CA THR B 605 17.54 7.03 78.81
C THR B 605 16.33 6.99 79.73
N VAL B 606 15.11 7.16 79.20
CA VAL B 606 13.94 7.30 80.06
C VAL B 606 13.62 6.00 80.78
N PHE B 607 13.78 4.86 80.11
CA PHE B 607 13.42 3.59 80.73
C PHE B 607 14.51 3.08 81.67
N ILE B 608 15.67 3.74 81.73
CA ILE B 608 16.73 3.29 82.63
C ILE B 608 16.25 3.35 84.08
N LYS B 609 15.61 4.45 84.46
CA LYS B 609 15.02 4.54 85.80
C LYS B 609 13.89 3.53 85.97
N HIS B 610 13.07 3.34 84.93
CA HIS B 610 11.97 2.40 85.02
C HIS B 610 12.48 0.96 85.07
N ASN B 611 13.63 0.68 84.47
CA ASN B 611 14.18 -0.68 84.50
C ASN B 611 14.77 -1.00 85.86
N ASN B 612 15.41 -0.02 86.51
CA ASN B 612 16.10 -0.25 87.78
C ASN B 612 15.20 0.01 88.98
N THR B 613 14.03 -0.61 89.00
CA THR B 613 13.08 -0.57 90.11
C THR B 613 12.78 0.86 90.54
N PRO B 614 12.01 1.62 89.75
CA PRO B 614 11.70 3.01 90.13
C PRO B 614 10.95 3.08 91.45
N LEU B 615 11.27 4.11 92.24
CA LEU B 615 10.63 4.27 93.54
C LEU B 615 9.15 4.63 93.40
N VAL B 616 8.81 5.44 92.41
CA VAL B 616 7.43 5.88 92.20
C VAL B 616 6.65 4.71 91.60
N LYS B 617 5.92 3.99 92.43
CA LYS B 617 5.11 2.88 91.99
C LYS B 617 3.67 3.27 91.69
N ALA B 618 3.30 4.53 91.89
CA ALA B 618 1.95 4.97 91.59
C ALA B 618 1.64 4.85 90.10
N SER B 619 2.57 5.24 89.25
CA SER B 619 2.37 5.11 87.82
C SER B 619 2.40 3.64 87.41
N GLY B 620 1.49 3.27 86.50
CA GLY B 620 1.42 1.91 86.03
C GLY B 620 2.68 1.44 85.32
N ARG B 621 3.21 0.28 85.73
CA ARG B 621 4.40 -0.25 85.08
C ARG B 621 4.15 -0.56 83.61
N GLU B 622 3.00 -1.16 83.31
CA GLU B 622 2.67 -1.44 81.91
C GLU B 622 2.35 -0.16 81.14
N LEU B 623 1.68 0.78 81.80
CA LEU B 623 1.32 2.04 81.13
C LEU B 623 2.56 2.85 80.77
N CYS B 624 3.56 2.87 81.65
CA CYS B 624 4.78 3.63 81.39
C CYS B 624 5.51 3.10 80.16
N TYR B 625 5.59 1.77 80.03
CA TYR B 625 6.24 1.20 78.85
C TYR B 625 5.35 1.31 77.62
N ILE B 626 4.03 1.37 77.80
CA ILE B 626 3.11 1.47 76.67
C ILE B 626 3.28 2.81 75.96
N LEU B 627 3.35 3.90 76.74
CA LEU B 627 3.49 5.22 76.14
C LEU B 627 4.85 5.41 75.50
N LEU B 628 5.89 4.77 76.05
CA LEU B 628 7.22 4.86 75.44
C LEU B 628 7.26 4.19 74.07
N PHE B 629 6.40 3.18 73.86
CA PHE B 629 6.35 2.52 72.56
C PHE B 629 5.78 3.47 71.49
N GLY B 630 4.78 4.26 71.85
CA GLY B 630 4.18 5.17 70.88
C GLY B 630 5.13 6.25 70.41
N VAL B 631 5.86 6.86 71.33
CA VAL B 631 6.80 7.91 70.95
C VAL B 631 7.97 7.34 70.16
N GLY B 632 8.33 6.08 70.42
CA GLY B 632 9.43 5.48 69.69
C GLY B 632 9.18 5.34 68.21
N LEU B 633 7.94 4.96 67.83
CA LEU B 633 7.61 4.85 66.41
C LEU B 633 7.56 6.22 65.74
N SER B 634 7.19 7.26 66.50
CA SER B 634 7.14 8.61 65.93
C SER B 634 8.52 9.06 65.48
N TYR B 635 9.55 8.77 66.28
CA TYR B 635 10.91 9.09 65.87
C TYR B 635 11.32 8.29 64.65
N CYS B 636 10.95 7.01 64.60
CA CYS B 636 11.26 6.14 63.47
C CYS B 636 10.37 6.40 62.26
N MET B 637 9.24 7.10 62.45
CA MET B 637 8.33 7.33 61.33
C MET B 637 8.95 8.24 60.27
N THR B 638 9.72 9.25 60.69
CA THR B 638 10.27 10.21 59.75
C THR B 638 11.31 9.59 58.81
N PHE B 639 11.91 8.46 59.19
CA PHE B 639 12.87 7.81 58.31
C PHE B 639 12.20 7.30 57.04
N PHE B 640 11.00 6.73 57.15
CA PHE B 640 10.32 6.20 55.98
C PHE B 640 9.95 7.33 55.00
N PHE B 641 9.50 8.46 55.53
CA PHE B 641 9.09 9.57 54.66
C PHE B 641 10.27 10.12 53.87
N ILE B 642 11.45 10.21 54.50
CA ILE B 642 12.62 10.76 53.83
C ILE B 642 13.41 9.72 53.08
N ALA B 643 13.02 8.45 53.14
CA ALA B 643 13.73 7.39 52.43
C ALA B 643 13.23 7.31 50.99
N LYS B 644 13.67 6.29 50.26
CA LYS B 644 13.24 6.11 48.88
C LYS B 644 11.78 5.71 48.86
N PRO B 645 10.92 6.41 48.11
CA PRO B 645 9.49 6.06 48.08
C PRO B 645 9.22 4.75 47.34
N SER B 646 9.72 3.64 47.89
CA SER B 646 9.48 2.35 47.31
C SER B 646 8.02 1.91 47.53
N PRO B 647 7.50 1.01 46.69
CA PRO B 647 6.14 0.53 46.90
C PRO B 647 5.93 -0.12 48.26
N VAL B 648 6.95 -0.82 48.78
CA VAL B 648 6.81 -1.44 50.09
C VAL B 648 6.74 -0.39 51.19
N ILE B 649 7.49 0.70 51.05
CA ILE B 649 7.53 1.71 52.10
C ILE B 649 6.32 2.63 52.07
N CYS B 650 5.62 2.73 50.93
CA CYS B 650 4.44 3.57 50.87
C CYS B 650 3.32 3.04 51.78
N ALA B 651 3.08 1.73 51.72
CA ALA B 651 2.11 1.13 52.64
C ALA B 651 2.57 1.23 54.07
N LEU B 652 3.88 1.05 54.30
CA LEU B 652 4.43 1.17 55.65
C LEU B 652 4.39 2.62 56.15
N ARG B 653 4.46 3.58 55.24
CA ARG B 653 4.42 4.99 55.64
C ARG B 653 3.10 5.34 56.32
N ARG B 654 1.98 4.93 55.71
CA ARG B 654 0.68 5.22 56.30
C ARG B 654 0.47 4.45 57.60
N LEU B 655 0.92 3.19 57.64
CA LEU B 655 0.81 2.41 58.87
C LEU B 655 1.64 3.02 59.99
N GLY B 656 2.83 3.52 59.66
CA GLY B 656 3.67 4.11 60.69
C GLY B 656 3.08 5.38 61.28
N LEU B 657 2.50 6.24 60.43
CA LEU B 657 1.91 7.47 60.93
C LEU B 657 0.60 7.19 61.66
N GLY B 658 -0.26 6.35 61.09
CA GLY B 658 -1.54 6.08 61.70
C GLY B 658 -1.44 5.36 63.03
N SER B 659 -0.60 4.33 63.10
CA SER B 659 -0.50 3.54 64.32
C SER B 659 0.17 4.33 65.45
N SER B 660 1.27 5.01 65.15
CA SER B 660 2.01 5.73 66.18
C SER B 660 1.16 6.84 66.80
N PHE B 661 0.44 7.59 65.97
CA PHE B 661 -0.40 8.67 66.48
C PHE B 661 -1.55 8.12 67.32
N ALA B 662 -2.13 7.00 66.90
CA ALA B 662 -3.28 6.44 67.62
C ALA B 662 -2.87 5.89 68.99
N ILE B 663 -1.79 5.11 69.03
CA ILE B 663 -1.38 4.49 70.29
C ILE B 663 -0.87 5.53 71.27
N CYS B 664 -0.24 6.61 70.77
CA CYS B 664 0.27 7.64 71.66
C CYS B 664 -0.87 8.33 72.40
N TYR B 665 -1.95 8.67 71.70
CA TYR B 665 -3.11 9.27 72.35
C TYR B 665 -3.89 8.26 73.16
N SER B 666 -3.96 7.01 72.70
CA SER B 666 -4.68 5.98 73.44
C SER B 666 -4.03 5.70 74.79
N ALA B 667 -2.70 5.63 74.82
CA ALA B 667 -2.00 5.36 76.08
C ALA B 667 -2.22 6.50 77.08
N LEU B 668 -2.18 7.75 76.59
CA LEU B 668 -2.39 8.89 77.48
C LEU B 668 -3.81 8.89 78.04
N LEU B 669 -4.80 8.58 77.20
CA LEU B 669 -6.19 8.55 77.66
C LEU B 669 -6.39 7.46 78.71
N THR B 670 -5.80 6.28 78.48
CA THR B 670 -5.93 5.19 79.46
C THR B 670 -5.23 5.53 80.77
N LYS B 671 -4.08 6.20 80.70
CA LYS B 671 -3.37 6.57 81.92
C LYS B 671 -4.17 7.56 82.75
N THR B 672 -4.82 8.52 82.10
CA THR B 672 -5.62 9.50 82.83
C THR B 672 -6.80 8.84 83.55
N ASN B 673 -7.46 7.91 82.88
CA ASN B 673 -8.60 7.22 83.47
C ASN B 673 -8.13 6.17 84.49
N LYS B 690 -8.70 -3.83 88.61
CA LYS B 690 -7.93 -2.66 89.01
C LYS B 690 -7.06 -2.16 87.86
N PHE B 691 -5.79 -2.58 87.87
CA PHE B 691 -4.85 -2.18 86.83
C PHE B 691 -4.94 -3.04 85.58
N ILE B 692 -5.74 -4.11 85.60
CA ILE B 692 -5.86 -4.97 84.43
C ILE B 692 -6.64 -4.26 83.32
N SER B 693 -7.74 -3.60 83.67
CA SER B 693 -8.57 -2.96 82.66
C SER B 693 -7.87 -1.86 81.86
N PRO B 694 -7.10 -0.94 82.47
CA PRO B 694 -6.42 0.08 81.64
C PRO B 694 -5.48 -0.52 80.61
N SER B 695 -4.78 -1.60 80.96
CA SER B 695 -3.89 -2.26 80.00
C SER B 695 -4.69 -2.90 78.87
N SER B 696 -5.78 -3.59 79.20
CA SER B 696 -6.61 -4.20 78.16
C SER B 696 -7.32 -3.13 77.32
N GLN B 697 -7.79 -2.06 77.96
CA GLN B 697 -8.46 -0.99 77.22
C GLN B 697 -7.52 -0.31 76.24
N VAL B 698 -6.27 -0.07 76.65
CA VAL B 698 -5.31 0.57 75.76
C VAL B 698 -5.04 -0.29 74.54
N PHE B 699 -4.87 -1.59 74.74
CA PHE B 699 -4.65 -2.50 73.62
C PHE B 699 -5.90 -2.65 72.77
N ILE B 700 -7.08 -2.53 73.36
CA ILE B 700 -8.32 -2.71 72.62
C ILE B 700 -8.48 -1.61 71.56
N CYS B 701 -8.31 -0.35 71.96
CA CYS B 701 -8.44 0.74 71.00
C CYS B 701 -7.28 0.75 70.01
N LEU B 702 -6.07 0.45 70.49
CA LEU B 702 -4.92 0.38 69.58
C LEU B 702 -5.09 -0.74 68.56
N GLY B 703 -5.57 -1.90 69.01
CA GLY B 703 -5.81 -3.00 68.09
C GLY B 703 -6.95 -2.71 67.12
N LEU B 704 -8.03 -2.10 67.61
CA LEU B 704 -9.16 -1.78 66.75
C LEU B 704 -8.77 -0.79 65.66
N ILE B 705 -8.00 0.24 66.03
CA ILE B 705 -7.57 1.23 65.04
C ILE B 705 -6.67 0.59 63.99
N LEU B 706 -5.73 -0.25 64.42
CA LEU B 706 -4.83 -0.90 63.47
C LEU B 706 -5.59 -1.86 62.56
N VAL B 707 -6.55 -2.60 63.10
CA VAL B 707 -7.31 -3.56 62.30
C VAL B 707 -8.22 -2.83 61.31
N GLN B 708 -8.89 -1.76 61.77
CA GLN B 708 -9.87 -1.08 60.93
C GLN B 708 -9.21 -0.48 59.69
N ILE B 709 -8.05 0.16 59.85
CA ILE B 709 -7.37 0.77 58.71
C ILE B 709 -6.81 -0.28 57.75
N VAL B 710 -6.62 -1.51 58.22
CA VAL B 710 -6.08 -2.56 57.35
C VAL B 710 -7.08 -2.93 56.28
N MET B 711 -8.35 -3.13 56.66
CA MET B 711 -9.39 -3.56 55.76
C MET B 711 -10.10 -2.40 55.07
N VAL B 712 -9.65 -1.17 55.27
CA VAL B 712 -10.33 0.00 54.74
C VAL B 712 -9.69 0.43 53.42
N SER B 713 -8.41 0.80 53.46
CA SER B 713 -7.75 1.40 52.32
C SER B 713 -6.58 0.58 51.79
N VAL B 714 -5.65 0.19 52.64
CA VAL B 714 -4.42 -0.46 52.17
C VAL B 714 -4.72 -1.79 51.49
N TRP B 715 -5.76 -2.49 51.93
CA TRP B 715 -6.14 -3.75 51.30
C TRP B 715 -7.01 -3.56 50.07
N LEU B 716 -7.38 -2.32 49.73
CA LEU B 716 -8.25 -2.05 48.60
C LEU B 716 -7.59 -1.20 47.52
N ILE B 717 -6.88 -0.13 47.90
CA ILE B 717 -6.32 0.77 46.90
C ILE B 717 -5.18 0.11 46.13
N LEU B 718 -4.44 -0.79 46.77
CA LEU B 718 -3.28 -1.46 46.17
C LEU B 718 -2.28 -0.42 45.66
N GLU B 719 -1.72 0.34 46.61
CA GLU B 719 -0.84 1.45 46.28
C GLU B 719 0.38 0.96 45.49
N ALA B 720 0.69 1.68 44.41
CA ALA B 720 1.84 1.36 43.57
C ALA B 720 2.35 2.67 42.96
N PRO B 721 3.47 3.19 43.46
CA PRO B 721 3.96 4.47 42.97
C PRO B 721 4.38 4.40 41.50
N GLY B 722 4.21 5.52 40.81
CA GLY B 722 4.57 5.62 39.40
C GLY B 722 4.71 7.06 39.00
N THR B 723 4.98 7.26 37.72
CA THR B 723 5.16 8.61 37.18
C THR B 723 3.83 9.36 37.17
N ARG B 724 3.83 10.57 37.69
CA ARG B 724 2.64 11.41 37.77
C ARG B 724 3.09 12.83 38.08
N ARG B 725 2.11 13.72 38.33
CA ARG B 725 2.37 15.12 38.66
C ARG B 725 3.22 15.81 37.61
N TYR B 726 2.94 15.52 36.33
CA TYR B 726 3.65 16.14 35.22
C TYR B 726 2.77 17.11 34.45
N THR B 727 1.58 17.41 34.95
CA THR B 727 0.68 18.33 34.23
C THR B 727 1.24 19.75 34.19
N LEU B 728 1.86 20.19 35.29
CA LEU B 728 2.38 21.56 35.32
C LEU B 728 3.50 21.76 34.30
N ALA B 729 4.40 20.79 34.18
CA ALA B 729 5.50 20.89 33.22
C ALA B 729 5.98 19.49 32.88
N GLU B 730 6.43 19.32 31.64
CA GLU B 730 6.95 18.03 31.19
C GLU B 730 8.30 17.71 31.83
N LYS B 731 9.03 18.71 32.31
CA LYS B 731 10.32 18.50 32.96
C LYS B 731 10.15 18.27 34.46
N ARG B 732 9.27 17.33 34.82
CA ARG B 732 9.02 17.00 36.22
C ARG B 732 8.31 15.66 36.26
N GLU B 733 8.84 14.74 37.07
CA GLU B 733 8.27 13.40 37.18
C GLU B 733 8.25 13.01 38.66
N THR B 734 7.05 12.87 39.22
CA THR B 734 6.90 12.40 40.58
C THR B 734 6.94 10.89 40.62
N VAL B 735 7.75 10.33 41.54
CA VAL B 735 7.91 8.89 41.61
C VAL B 735 6.65 8.20 42.10
N ILE B 736 5.75 8.92 42.76
CA ILE B 736 4.55 8.36 43.34
C ILE B 736 3.34 8.78 42.51
N LEU B 737 2.57 7.81 42.05
CA LEU B 737 1.32 8.07 41.34
C LEU B 737 0.11 7.57 42.12
N LYS B 738 0.06 6.28 42.46
CA LYS B 738 -1.00 5.78 43.32
C LYS B 738 -0.75 6.13 44.78
N CYS B 739 0.51 6.18 45.20
CA CYS B 739 0.83 6.58 46.57
C CYS B 739 0.49 8.05 46.80
N ASN B 740 0.64 8.90 45.78
CA ASN B 740 0.23 10.29 45.90
C ASN B 740 -1.27 10.41 46.10
N VAL B 741 -2.05 9.55 45.44
CA VAL B 741 -3.49 9.52 45.66
C VAL B 741 -3.80 9.15 47.10
N LYS B 742 -3.08 8.15 47.64
CA LYS B 742 -3.25 7.80 49.04
C LYS B 742 -2.84 8.95 49.96
N ASP B 743 -1.87 9.76 49.55
CA ASP B 743 -1.50 10.94 50.32
C ASP B 743 -2.66 11.92 50.40
N SER B 744 -3.37 12.12 49.28
CA SER B 744 -4.58 12.95 49.32
C SER B 744 -5.64 12.33 50.21
N SER B 745 -5.81 11.01 50.15
CA SER B 745 -6.73 10.34 51.06
C SER B 745 -6.22 10.36 52.50
N MET B 746 -4.90 10.48 52.69
CA MET B 746 -4.34 10.57 54.03
C MET B 746 -4.76 11.84 54.74
N LEU B 747 -5.13 12.89 53.99
CA LEU B 747 -5.63 14.11 54.62
C LEU B 747 -6.92 13.84 55.40
N ILE B 748 -7.82 13.04 54.83
CA ILE B 748 -9.01 12.62 55.55
C ILE B 748 -8.63 11.76 56.75
N SER B 749 -7.66 10.87 56.57
CA SER B 749 -7.17 10.06 57.68
C SER B 749 -6.51 10.93 58.75
N LEU B 750 -5.78 11.97 58.33
CA LEU B 750 -5.17 12.88 59.29
C LEU B 750 -6.23 13.60 60.12
N THR B 751 -7.32 14.03 59.49
CA THR B 751 -8.42 14.62 60.23
C THR B 751 -9.06 13.60 61.17
N TYR B 752 -9.21 12.36 60.70
CA TYR B 752 -9.73 11.30 61.56
C TYR B 752 -8.75 10.99 62.69
N ASP B 753 -7.45 11.00 62.40
CA ASP B 753 -6.45 10.75 63.44
C ASP B 753 -6.47 11.84 64.50
N VAL B 754 -6.62 13.10 64.08
CA VAL B 754 -6.69 14.20 65.05
C VAL B 754 -8.06 14.32 65.69
N ILE B 755 -9.08 13.67 65.14
CA ILE B 755 -10.41 13.73 65.73
C ILE B 755 -10.41 13.07 67.11
N LEU B 756 -9.78 11.90 67.22
CA LEU B 756 -9.70 11.23 68.51
C LEU B 756 -8.72 11.94 69.43
N VAL B 757 -7.67 12.54 68.89
CA VAL B 757 -6.72 13.28 69.71
C VAL B 757 -7.40 14.50 70.34
N ILE B 758 -8.19 15.23 69.54
CA ILE B 758 -8.89 16.39 70.07
C ILE B 758 -9.95 15.97 71.08
N LEU B 759 -10.62 14.85 70.83
CA LEU B 759 -11.63 14.36 71.78
C LEU B 759 -10.99 13.95 73.09
N CYS B 760 -9.77 13.40 73.05
CA CYS B 760 -9.08 13.01 74.27
C CYS B 760 -8.75 14.21 75.14
N THR B 761 -8.42 15.35 74.52
CA THR B 761 -8.07 16.54 75.29
C THR B 761 -9.26 17.02 76.13
N VAL B 762 -10.44 17.08 75.53
CA VAL B 762 -11.62 17.56 76.25
C VAL B 762 -12.07 16.58 77.31
N TYR B 763 -11.90 15.27 77.05
CA TYR B 763 -12.45 14.25 77.95
C TYR B 763 -11.77 14.30 79.31
N ALA B 764 -10.46 14.50 79.35
CA ALA B 764 -9.68 14.40 80.58
C ALA B 764 -8.86 15.67 80.81
N PHE B 765 -9.51 16.83 80.69
CA PHE B 765 -8.87 18.12 80.96
C PHE B 765 -9.33 18.59 82.33
N LYS B 766 -8.49 18.35 83.34
CA LYS B 766 -8.77 18.77 84.72
C LYS B 766 -10.12 18.26 85.21
N THR B 767 -10.41 17.00 84.89
CA THR B 767 -11.67 16.37 85.27
C THR B 767 -11.53 15.39 86.41
N ARG B 768 -10.59 14.44 86.31
CA ARG B 768 -10.39 13.45 87.36
C ARG B 768 -9.56 14.03 88.51
N LYS B 769 -8.33 14.44 88.21
CA LYS B 769 -7.42 15.03 89.19
C LYS B 769 -7.21 14.09 90.38
N CYS B 770 -6.64 12.93 90.10
CA CYS B 770 -6.36 11.96 91.15
C CYS B 770 -5.30 12.50 92.09
N PRO B 771 -5.54 12.47 93.40
CA PRO B 771 -4.54 13.01 94.34
C PRO B 771 -3.22 12.27 94.33
N GLU B 772 -3.19 11.01 93.90
CA GLU B 772 -1.95 10.26 93.86
C GLU B 772 -0.96 10.87 92.87
N ASN B 773 -1.45 11.30 91.71
CA ASN B 773 -0.63 11.88 90.66
C ASN B 773 -1.26 13.18 90.15
N PHE B 774 -1.64 14.05 91.08
CA PHE B 774 -2.27 15.32 90.69
C PHE B 774 -1.31 16.17 89.87
N ASN B 775 -0.04 16.24 90.26
CA ASN B 775 0.93 16.96 89.46
C ASN B 775 1.12 16.32 88.08
N GLU B 776 1.18 14.98 88.05
CA GLU B 776 1.28 14.28 86.77
C GLU B 776 0.03 14.47 85.93
N ALA B 777 -1.15 14.41 86.56
CA ALA B 777 -2.39 14.60 85.81
C ALA B 777 -2.48 16.00 85.23
N LYS B 778 -2.09 17.02 86.01
CA LYS B 778 -2.05 18.38 85.49
C LYS B 778 -1.02 18.51 84.37
N PHE B 779 0.14 17.87 84.53
CA PHE B 779 1.14 17.87 83.46
C PHE B 779 0.63 17.12 82.23
N ILE B 780 -0.07 16.01 82.44
CA ILE B 780 -0.60 15.23 81.32
C ILE B 780 -1.60 16.05 80.53
N GLY B 781 -2.39 16.87 81.21
CA GLY B 781 -3.30 17.77 80.50
C GLY B 781 -2.57 18.78 79.65
N PHE B 782 -1.40 19.24 80.11
CA PHE B 782 -0.61 20.17 79.31
C PHE B 782 -0.10 19.50 78.04
N THR B 783 0.27 18.21 78.12
CA THR B 783 0.72 17.49 76.94
C THR B 783 -0.38 17.41 75.89
N MET B 784 -1.62 17.16 76.31
CA MET B 784 -2.74 17.15 75.37
C MET B 784 -3.00 18.53 74.79
N TYR B 785 -2.82 19.58 75.60
CA TYR B 785 -3.10 20.94 75.13
C TYR B 785 -2.15 21.35 74.00
N THR B 786 -0.86 21.04 74.14
CA THR B 786 0.11 21.46 73.13
C THR B 786 0.07 20.61 71.88
N THR B 787 -0.47 19.39 71.96
CA THR B 787 -0.50 18.53 70.78
C THR B 787 -1.53 18.99 69.76
N CYS B 788 -2.71 19.41 70.22
CA CYS B 788 -3.76 19.84 69.30
C CYS B 788 -3.34 21.08 68.53
N ILE B 789 -2.67 22.02 69.20
CA ILE B 789 -2.20 23.23 68.52
C ILE B 789 -1.16 22.88 67.46
N ILE B 790 -0.23 21.98 67.79
CA ILE B 790 0.77 21.56 66.83
C ILE B 790 0.12 20.80 65.68
N TRP B 791 -0.82 19.91 65.98
CA TRP B 791 -1.51 19.16 64.94
C TRP B 791 -2.32 20.08 64.04
N LEU B 792 -3.00 21.07 64.63
CA LEU B 792 -3.79 22.01 63.84
C LEU B 792 -2.90 22.83 62.90
N ALA B 793 -1.73 23.25 63.39
CA ALA B 793 -0.82 24.04 62.56
C ALA B 793 -0.26 23.25 61.39
N PHE B 794 -0.30 21.92 61.45
CA PHE B 794 0.19 21.09 60.35
C PHE B 794 -0.78 21.06 59.17
N LEU B 795 -2.06 21.30 59.39
CA LEU B 795 -3.03 21.26 58.31
C LEU B 795 -2.75 22.28 57.21
N PRO B 796 -2.48 23.56 57.49
CA PRO B 796 -2.22 24.51 56.39
C PRO B 796 -1.02 24.14 55.53
N ILE B 797 0.02 23.54 56.12
CA ILE B 797 1.21 23.22 55.33
C ILE B 797 1.04 21.94 54.52
N PHE B 798 0.03 21.12 54.83
CA PHE B 798 -0.20 19.92 54.05
C PHE B 798 -0.85 20.22 52.69
N TYR B 799 -1.51 21.37 52.56
CA TYR B 799 -2.14 21.71 51.29
C TYR B 799 -1.11 22.10 50.24
N VAL B 800 -0.01 22.74 50.64
CA VAL B 800 1.02 23.18 49.70
C VAL B 800 2.08 22.10 49.55
N THR B 801 1.82 20.93 50.13
CA THR B 801 2.78 19.82 50.02
C THR B 801 2.90 19.35 48.57
N SER B 802 1.78 19.28 47.84
CA SER B 802 1.80 18.83 46.46
C SER B 802 2.62 19.74 45.56
N SER B 803 2.79 21.01 45.93
CA SER B 803 3.58 21.93 45.12
C SER B 803 5.05 21.49 45.07
N ASP B 804 5.59 21.05 46.20
CA ASP B 804 6.98 20.59 46.30
C ASP B 804 6.96 19.15 46.80
N TYR B 805 6.96 18.20 45.86
CA TYR B 805 6.90 16.79 46.23
C TYR B 805 8.13 16.35 47.01
N ARG B 806 9.31 16.81 46.59
CA ARG B 806 10.56 16.40 47.22
C ARG B 806 11.07 17.40 48.24
N VAL B 807 10.33 18.46 48.51
CA VAL B 807 10.77 19.50 49.45
C VAL B 807 9.75 19.66 50.57
N GLN B 808 8.51 20.00 50.19
CA GLN B 808 7.48 20.25 51.20
C GLN B 808 7.11 18.98 51.96
N THR B 809 7.09 17.84 51.27
CA THR B 809 6.69 16.60 51.91
C THR B 809 7.67 16.21 53.02
N THR B 810 8.97 16.40 52.79
CA THR B 810 9.96 16.07 53.81
C THR B 810 9.78 16.94 55.04
N THR B 811 9.52 18.23 54.85
CA THR B 811 9.30 19.12 55.99
C THR B 811 7.93 18.92 56.63
N MET B 812 6.96 18.40 55.87
CA MET B 812 5.62 18.19 56.43
C MET B 812 5.63 17.16 57.55
N CYS B 813 6.36 16.06 57.37
CA CYS B 813 6.43 15.02 58.39
C CYS B 813 7.26 15.42 59.60
N ILE B 814 8.00 16.53 59.52
CA ILE B 814 8.79 16.97 60.66
C ILE B 814 7.91 17.40 61.82
N SER B 815 6.68 17.82 61.53
CA SER B 815 5.77 18.25 62.59
C SER B 815 5.44 17.09 63.54
N VAL B 816 5.22 15.90 62.98
CA VAL B 816 4.94 14.73 63.81
C VAL B 816 6.15 14.38 64.65
N SER B 817 7.35 14.43 64.06
CA SER B 817 8.56 14.14 64.80
C SER B 817 8.80 15.17 65.90
N LEU B 818 8.55 16.45 65.59
CA LEU B 818 8.71 17.49 66.60
C LEU B 818 7.74 17.30 67.75
N SER B 819 6.49 16.93 67.45
CA SER B 819 5.51 16.68 68.49
C SER B 819 5.93 15.49 69.37
N GLY B 820 6.45 14.43 68.75
CA GLY B 820 6.88 13.28 69.52
C GLY B 820 8.04 13.60 70.45
N PHE B 821 9.01 14.37 69.97
CA PHE B 821 10.13 14.77 70.81
C PHE B 821 9.66 15.66 71.96
N VAL B 822 8.73 16.56 71.69
CA VAL B 822 8.19 17.42 72.74
C VAL B 822 7.42 16.60 73.76
N VAL B 823 6.63 15.63 73.29
CA VAL B 823 5.82 14.81 74.19
C VAL B 823 6.70 14.00 75.12
N LEU B 824 7.79 13.43 74.59
CA LEU B 824 8.68 12.61 75.42
C LEU B 824 9.31 13.43 76.54
N GLY B 825 9.71 14.67 76.25
CA GLY B 825 10.37 15.49 77.27
C GLY B 825 9.45 15.82 78.43
N CYS B 826 8.22 16.25 78.13
CA CYS B 826 7.30 16.65 79.20
C CYS B 826 6.73 15.45 79.93
N LEU B 827 6.45 14.36 79.22
CA LEU B 827 5.90 13.17 79.88
C LEU B 827 6.89 12.59 80.87
N PHE B 828 8.17 12.56 80.51
CA PHE B 828 9.21 12.02 81.39
C PHE B 828 9.83 13.08 82.28
N ALA B 829 9.34 14.33 82.23
CA ALA B 829 9.89 15.37 83.08
C ALA B 829 9.73 15.08 84.57
N PRO B 830 8.56 14.65 85.07
CA PRO B 830 8.51 14.25 86.49
C PRO B 830 9.42 13.09 86.83
N LYS B 831 9.62 12.15 85.90
CA LYS B 831 10.48 11.00 86.17
C LYS B 831 11.94 11.41 86.29
N VAL B 832 12.42 12.27 85.39
CA VAL B 832 13.81 12.70 85.45
C VAL B 832 14.03 13.72 86.55
N HIS B 833 12.98 14.39 87.02
CA HIS B 833 13.13 15.34 88.13
C HIS B 833 13.55 14.62 89.41
N ILE B 834 12.97 13.45 89.67
CA ILE B 834 13.34 12.69 90.86
C ILE B 834 14.76 12.18 90.76
N ILE B 835 15.19 11.78 89.56
CA ILE B 835 16.55 11.30 89.37
C ILE B 835 17.55 12.42 89.62
N LEU B 836 17.28 13.61 89.09
CA LEU B 836 18.17 14.75 89.32
C LEU B 836 18.21 15.14 90.79
N PHE B 837 17.05 15.13 91.45
CA PHE B 837 16.98 15.50 92.86
C PHE B 837 17.50 14.37 93.74
C1 NAG C . -22.27 -24.58 -6.71
C2 NAG C . -23.63 -25.22 -6.96
C3 NAG C . -24.73 -24.38 -6.33
C4 NAG C . -24.44 -24.15 -4.85
C5 NAG C . -23.04 -23.56 -4.68
C6 NAG C . -22.64 -23.40 -3.23
C7 NAG C . -24.18 -26.57 -8.95
C8 NAG C . -24.28 -27.74 -8.02
N2 NAG C . -23.87 -25.39 -8.39
O3 NAG C . -25.98 -25.06 -6.47
O4 NAG C . -25.40 -23.24 -4.31
O5 NAG C . -22.08 -24.41 -5.30
O6 NAG C . -21.40 -22.72 -3.11
O7 NAG C . -24.37 -26.68 -10.15
N1 J9R D . 8.49 -21.29 58.97
N3 J9R D . 7.28 -26.79 52.96
C4 J9R D . 6.88 -24.59 59.72
C5 J9R D . 7.13 -23.48 58.91
C6 J9R D . 7.47 -22.14 59.55
C7 J9R D . 6.75 -24.79 56.98
C8 J9R D . 6.69 -24.86 55.57
C10 J9R D . 6.32 -26.13 53.42
C13 J9R D . 9.41 -26.52 51.80
C15 J9R D . 8.35 -25.93 52.73
C17 J9R D . 6.18 -27.13 57.11
N J9R D . 6.54 -28.47 61.61
C J9R D . 7.07 -29.23 62.72
O J9R D . 6.90 -21.80 60.54
C1 J9R D . 7.12 -27.43 61.07
C11 J9R D . 6.86 -27.43 51.81
C12 J9R D . 7.51 -26.83 50.56
C14 J9R D . 10.09 -27.72 52.50
C16 J9R D . 6.13 -27.20 55.72
C18 J9R D . 6.50 -25.89 57.74
C19 J9R D . 5.20 -27.81 60.02
C2 J9R D . 6.30 -26.98 60.05
C3 J9R D . 6.58 -25.78 59.14
C9 J9R D . 6.38 -26.07 54.95
F J9R D . 9.14 -28.63 52.84
F1 J9R D . 10.99 -28.29 51.64
F2 J9R D . 10.73 -27.28 53.62
N2 J9R D . 7.07 -23.57 57.58
N4 J9R D . 5.35 -28.72 60.98
O1 J9R D . 8.88 -26.94 50.59
C1 CLR E . 2.73 -4.08 48.22
C2 CLR E . 2.58 -4.21 46.72
C3 CLR E . 3.91 -4.40 46.05
C4 CLR E . 4.60 -5.63 46.61
C5 CLR E . 4.73 -5.54 48.12
C6 CLR E . 5.91 -5.70 48.71
C7 CLR E . 6.14 -5.75 50.19
C8 CLR E . 4.84 -5.85 50.97
C9 CLR E . 3.79 -4.90 50.37
C10 CLR E . 3.45 -5.27 48.89
C11 CLR E . 2.54 -4.79 51.25
C12 CLR E . 2.86 -4.44 52.70
C13 CLR E . 3.81 -5.45 53.33
C14 CLR E . 5.07 -5.46 52.44
C15 CLR E . 6.12 -6.24 53.25
C16 CLR E . 5.74 -5.95 54.72
C17 CLR E . 4.46 -5.08 54.69
C18 CLR E . 3.15 -6.84 53.41
C19 CLR E . 2.57 -6.53 48.81
C20 CLR E . 3.65 -5.18 55.99
C21 CLR E . 2.66 -4.03 56.17
C22 CLR E . 4.58 -5.30 57.21
C23 CLR E . 3.89 -5.55 58.52
C24 CLR E . 4.84 -5.78 59.67
C25 CLR E . 4.18 -6.01 61.02
C26 CLR E . 3.37 -4.80 61.46
C27 CLR E . 5.19 -6.39 62.09
O1 CLR E . 3.73 -4.55 44.63
C1 CLR F . -0.58 -6.61 52.47
C2 CLR F . -0.84 -6.18 51.03
C3 CLR F . -2.19 -6.65 50.54
C4 CLR F . -3.27 -6.12 51.45
C5 CLR F . -3.04 -6.50 52.90
C6 CLR F . -3.98 -7.12 53.60
C7 CLR F . -3.89 -7.47 55.05
C8 CLR F . -2.68 -6.84 55.74
C9 CLR F . -1.45 -6.90 54.82
C10 CLR F . -1.67 -6.16 53.47
C11 CLR F . -0.19 -6.44 55.55
C12 CLR F . 0.06 -7.21 56.86
C13 CLR F . -1.14 -7.10 57.81
C14 CLR F . -2.37 -7.61 57.03
C15 CLR F . -3.45 -7.75 58.08
C16 CLR F . -2.69 -8.27 59.32
C17 CLR F . -1.17 -8.10 59.01
C18 CLR F . -1.33 -5.65 58.31
C19 CLR F . -1.61 -4.63 53.64
C20 CLR F . -0.35 -7.86 60.30
C21 CLR F . 1.12 -7.55 60.03
C22 CLR F . -0.47 -9.08 61.21
C23 CLR F . 0.44 -9.08 62.42
C24 CLR F . 0.52 -10.43 63.09
C25 CLR F . 1.54 -10.54 64.21
C26 CLR F . 1.64 -11.97 64.72
C27 CLR F . 1.23 -9.60 65.36
O1 CLR F . -2.41 -6.20 49.19
C1 CLR G . -2.43 -10.19 79.66
C2 CLR G . -2.76 -9.98 81.14
C3 CLR G . -1.53 -10.06 81.99
C4 CLR G . -0.52 -9.03 81.53
C5 CLR G . -0.19 -9.18 80.06
C6 CLR G . 1.06 -9.30 79.65
C7 CLR G . 1.50 -9.36 78.23
C8 CLR G . 0.38 -9.03 77.24
C9 CLR G . -0.93 -9.69 77.70
C10 CLR G . -1.38 -9.21 79.11
C11 CLR G . -2.03 -9.55 76.64
C12 CLR G . -1.60 -10.05 75.25
C13 CLR G . -0.34 -9.33 74.76
C14 CLR G . 0.74 -9.54 75.84
C15 CLR G . 2.03 -9.05 75.19
C16 CLR G . 1.87 -9.47 73.72
C17 CLR G . 0.40 -9.95 73.55
C18 CLR G . -0.63 -7.85 74.51
C19 CLR G . -1.97 -7.78 79.06
C20 CLR G . -0.11 -9.76 72.10
C21 CLR G . -1.51 -10.31 71.87
C22 CLR G . 0.88 -10.36 71.11
C23 CLR G . 1.00 -11.86 71.15
C24 CLR G . 2.08 -12.41 70.25
C25 CLR G . 1.92 -12.10 68.76
C26 CLR G . 0.63 -12.69 68.21
C27 CLR G . 3.11 -12.61 67.96
O1 CLR G . -1.86 -9.83 83.37
C1 CLR H . 11.19 -5.80 72.43
C2 CLR H . 12.00 -5.92 73.72
C3 CLR H . 13.29 -6.67 73.49
C4 CLR H . 14.10 -5.99 72.41
C5 CLR H . 13.31 -5.80 71.13
C6 CLR H . 13.78 -6.23 69.97
C7 CLR H . 13.16 -5.93 68.64
C8 CLR H . 12.03 -4.90 68.75
C9 CLR H . 11.15 -5.24 69.96
C10 CLR H . 11.96 -5.11 71.29
C11 CLR H . 9.86 -4.40 69.99
C12 CLR H . 9.10 -4.39 68.66
C13 CLR H . 10.00 -3.89 67.52
C14 CLR H . 11.20 -4.86 67.47
C15 CLR H . 11.89 -4.55 66.14
C16 CLR H . 10.76 -4.07 65.22
C17 CLR H . 9.47 -4.04 66.07
C18 CLR H . 10.45 -2.44 67.78
C19 CLR H . 12.24 -3.64 71.64
C20 CLR H . 8.42 -3.03 65.54
C21 CLR H . 7.02 -3.26 66.06
C22 CLR H . 8.44 -2.97 64.00
C23 CLR H . 7.75 -4.13 63.31
C24 CLR H . 7.88 -4.08 61.80
C25 CLR H . 9.00 -4.92 61.18
C26 CLR H . 8.85 -6.40 61.56
C27 CLR H . 10.38 -4.41 61.56
O1 CLR H . 14.04 -6.73 74.71
N GLU I . 12.72 18.61 -32.80
CA GLU I . 11.53 19.44 -32.75
C GLU I . 10.32 18.60 -33.14
O GLU I . 10.42 17.36 -33.25
CB GLU I . 11.66 20.61 -33.73
CG GLU I . 12.93 20.50 -34.58
CD GLU I . 13.08 21.68 -35.55
OE1 GLU I . 13.91 22.60 -35.29
OE2 GLU I . 12.39 21.73 -36.59
OXT GLU I . 9.20 19.16 -33.34
C1 NAG J . 24.75 24.85 -5.23
C2 NAG J . 25.92 25.73 -5.68
C3 NAG J . 27.24 25.12 -5.20
C4 NAG J . 27.19 24.87 -3.70
C5 NAG J . 25.97 24.04 -3.34
C6 NAG J . 25.80 23.86 -1.84
C7 NAG J . 25.84 27.08 -7.72
C8 NAG J . 25.72 28.27 -6.83
N2 NAG J . 25.93 25.89 -7.13
O3 NAG J . 28.31 26.00 -5.52
O4 NAG J . 28.37 24.18 -3.29
O5 NAG J . 24.79 24.69 -3.81
O6 NAG J . 24.71 23.00 -1.55
O7 NAG J . 25.85 27.19 -8.95
C1 CLR K . 17.01 1.12 54.20
C2 CLR K . 17.03 1.29 52.68
C3 CLR K . 15.64 1.45 52.13
C4 CLR K . 14.96 2.64 52.80
C5 CLR K . 14.96 2.53 54.30
C6 CLR K . 13.83 2.64 54.99
C7 CLR K . 13.74 2.65 56.48
C8 CLR K . 15.10 2.76 57.16
C9 CLR K . 16.12 1.87 56.44
C10 CLR K . 16.32 2.28 54.95
C11 CLR K . 17.44 1.79 57.21
C12 CLR K . 17.25 1.37 58.69
C13 CLR K . 16.32 2.33 59.41
C14 CLR K . 14.99 2.34 58.62
C15 CLR K . 14.01 3.06 59.54
C16 CLR K . 14.46 2.67 60.96
C17 CLR K . 15.79 1.88 60.81
C18 CLR K . 16.94 3.74 59.51
C19 CLR K . 17.15 3.56 54.82
C20 CLR K . 16.67 1.97 62.07
C21 CLR K . 17.84 0.99 62.06
C22 CLR K . 15.81 1.82 63.33
C23 CLR K . 16.39 2.41 64.60
C24 CLR K . 17.27 1.46 65.37
C25 CLR K . 17.86 2.02 66.67
C26 CLR K . 18.72 3.24 66.40
C27 CLR K . 18.66 0.95 67.42
O1 CLR K . 15.68 1.63 50.71
C1 CLR L . 12.57 -1.44 53.25
C2 CLR L . 12.69 -1.88 51.80
C3 CLR L . 14.13 -2.03 51.39
C4 CLR L . 14.82 -3.03 52.30
C5 CLR L . 14.69 -2.65 53.76
C6 CLR L . 15.76 -2.54 54.54
C7 CLR L . 15.73 -2.27 56.01
C8 CLR L . 14.32 -2.37 56.60
C9 CLR L . 13.32 -1.70 55.66
C10 CLR L . 13.27 -2.39 54.26
C11 CLR L . 11.92 -1.59 56.30
C12 CLR L . 11.95 -0.92 57.68
C13 CLR L . 12.88 -1.68 58.64
C14 CLR L . 14.28 -1.70 57.97
C15 CLR L . 15.21 -2.18 59.07
C16 CLR L . 14.62 -1.59 60.35
C17 CLR L . 13.25 -0.97 59.98
C18 CLR L . 12.35 -3.09 58.91
C19 CLR L . 12.52 -3.74 54.31
C20 CLR L . 12.27 -0.94 61.15
C21 CLR L . 11.00 -0.15 60.88
C22 CLR L . 12.97 -0.41 62.42
C23 CLR L . 12.14 -0.45 63.69
C24 CLR L . 12.85 0.13 64.89
C25 CLR L . 13.51 -0.87 65.84
C26 CLR L . 14.05 -0.17 67.08
C27 CLR L . 14.61 -1.66 65.16
O1 CLR L . 14.22 -2.48 50.02
C1 CLR M . -0.92 -4.89 70.12
C2 CLR M . -1.71 -5.73 71.12
C3 CLR M . -3.13 -5.95 70.65
C4 CLR M . -3.11 -6.62 69.28
C5 CLR M . -2.30 -5.84 68.27
C6 CLR M . -2.83 -5.48 67.11
C7 CLR M . -2.08 -4.80 66.00
C8 CLR M . -0.58 -4.75 66.23
C9 CLR M . -0.30 -4.42 67.71
C10 CLR M . -0.87 -5.48 68.69
C11 CLR M . 1.20 -4.15 67.97
C12 CLR M . 1.78 -3.10 67.02
C13 CLR M . 1.59 -3.50 65.56
C14 CLR M . 0.08 -3.70 65.35
C15 CLR M . -0.09 -3.81 63.83
C16 CLR M . 1.00 -2.86 63.27
C17 CLR M . 1.86 -2.40 64.48
C18 CLR M . 2.39 -4.77 65.23
C19 CLR M . -0.04 -6.78 68.68
C20 CLR M . 3.30 -2.02 64.09
C21 CLR M . 4.07 -1.35 65.23
C22 CLR M . 3.31 -1.12 62.85
C23 CLR M . 4.67 -0.55 62.50
C24 CLR M . 4.65 0.33 61.27
C25 CLR M . 5.98 1.02 60.95
C26 CLR M . 6.38 2.02 62.03
C27 CLR M . 7.10 0.00 60.75
O1 CLR M . -3.83 -6.78 71.58
C1 CLR N . 2.80 -5.59 78.77
C2 CLR N . 2.61 -5.48 80.28
C3 CLR N . 3.90 -5.76 81.02
C4 CLR N . 4.97 -4.80 80.54
C5 CLR N . 5.16 -4.85 79.03
C6 CLR N . 6.35 -5.06 78.51
C7 CLR N . 6.67 -5.05 77.04
C8 CLR N . 5.51 -4.53 76.19
C9 CLR N . 4.17 -5.08 76.73
C10 CLR N . 3.89 -4.67 78.20
C11 CLR N . 3.01 -4.74 75.79
C12 CLR N . 3.27 -5.18 74.34
C13 CLR N . 4.55 -4.56 73.78
C14 CLR N . 5.69 -4.96 74.74
C15 CLR N . 6.97 -4.55 74.01
C16 CLR N . 6.63 -4.85 72.53
C17 CLR N . 5.12 -5.18 72.47
C18 CLR N . 4.41 -3.04 73.63
C19 CLR N . 3.47 -3.20 78.32
C20 CLR N . 4.51 -4.86 71.08
C21 CLR N . 3.04 -5.23 70.96
C22 CLR N . 5.33 -5.57 70.00
C23 CLR N . 4.84 -5.36 68.58
C24 CLR N . 5.55 -6.23 67.58
C25 CLR N . 5.41 -7.74 67.80
C26 CLR N . 6.23 -8.52 66.79
C27 CLR N . 3.96 -8.17 67.76
O1 CLR N . 3.70 -5.63 82.43
C1 CLR O . 14.24 -3.21 79.92
C2 CLR O . 14.84 -4.30 80.81
C3 CLR O . 13.77 -5.22 81.33
C4 CLR O . 13.02 -5.84 80.17
C5 CLR O . 12.45 -4.80 79.25
C6 CLR O . 11.16 -4.80 78.93
C7 CLR O . 10.52 -3.88 77.93
C8 CLR O . 11.53 -3.08 77.13
C9 CLR O . 12.65 -2.58 78.06
C10 CLR O . 13.42 -3.75 78.72
C11 CLR O . 13.58 -1.58 77.36
C12 CLR O . 12.82 -0.43 76.69
C13 CLR O . 11.81 -0.95 75.68
C14 CLR O . 10.86 -1.89 76.45
C15 CLR O . 9.71 -2.15 75.48
C16 CLR O . 9.52 -0.78 74.78
C17 CLR O . 10.78 0.08 75.11
C18 CLR O . 12.52 -1.68 74.53
C19 CLR O . 14.37 -4.45 77.72
C20 CLR O . 11.16 1.01 73.94
C21 CLR O . 12.22 2.04 74.32
C22 CLR O . 9.92 1.70 73.37
C23 CLR O . 10.13 2.40 72.05
C24 CLR O . 10.46 1.45 70.91
C25 CLR O . 10.78 2.11 69.57
C26 CLR O . 12.06 2.92 69.64
C27 CLR O . 10.85 1.08 68.46
O1 CLR O . 14.37 -6.25 82.14
#